data_8OE4
#
_entry.id   8OE4
#
_cell.length_a   1.00
_cell.length_b   1.00
_cell.length_c   1.00
_cell.angle_alpha   90.00
_cell.angle_beta   90.00
_cell.angle_gamma   90.00
#
_symmetry.space_group_name_H-M   'P 1'
#
loop_
_entity.id
_entity.type
_entity.pdbx_description
1 polymer 'Interleukin-12 subunit beta'
2 polymer 'Interleukin-23 subunit alpha'
3 polymer 'Interleukin-23 receptor,Calmodulin-1'
4 polymer 'Interleukin-12 receptor subunit beta-1,Death-associated protein kinase 1'
5 branched alpha-D-mannopyranose-(1-3)-beta-D-mannopyranose-(1-4)-2-acetamido-2-deoxy-beta-D-glucopyranose-(1-4)-2-acetamido-2-deoxy-beta-D-glucopyranose
6 branched 2-acetamido-2-deoxy-beta-D-glucopyranose-(1-4)-2-acetamido-2-deoxy-beta-D-glucopyranose
7 non-polymer 2-acetamido-2-deoxy-beta-D-glucopyranose
#
loop_
_entity_poly.entity_id
_entity_poly.type
_entity_poly.pdbx_seq_one_letter_code
_entity_poly.pdbx_strand_id
1 'polypeptide(L)'
;IWELKKDVYVVELDWYPDAPGEMVVLTCDTPEEDGITWTLDQSSEVLGSGKTLTIQVKEFGDAGQYTCHKGGEVLSHSLL
LLHKKEDGIWSTDILKDQKEPKNKTFLRCEAKNYSGRFTCWWLTTISTDLTFSVKSSRGSSDPQGVTCGAATLSAERVRG
DNKEYEYSVECQEDSACPAAEESLPIEVMVDAVHKLKYENYTSSFFIRDIIKPDPPKNLQLKPLKNSRQVEVSWEYPDTW
STPHSYFSLTFCVQVQGKSKREKKDRVFTDKTSATVICRKDASISVRAQDRYYSSSWSEWASVPCS
;
A
2 'polypeptide(L)'
;RAVPGGSSPAWTQCQQLSQKLCTLAWSAHPLVGHMDLREEGDEETTNDVPHIQCGDGCDPQGLRDNSQFCLQRIHQGLIF
YEKLLGSDIFTGEPSLLPDSPVGQLHASLLGLSQLLQPEGHHWETQQIPSLSPSQPWQRLLLRFKILRSLQAFVAVAARV
FAHGAATLSPGDEVDGHHHHHHHHHH
;
B
3 'polypeptide(L)'
;GITNINCSGHIWVEPATIFKMGMNISIYCQAAIKNCQPRKLHFYKNGIKERFQITRINKTTARLWYKNFLEPHASMYCTA
ECPKHFQETLICGKDISSGYPPDIPDEVTCVIYEYSGNMTCTWNAGKLTYIDTKYVVHVKSLETEEEQQYLTSSYINIST
DSLQGGKKYLVWVQAANALGMEESKQLQIHLDDIVIPSAAVISRAETINATVPKTIIYWDSQTTIEKVSCEMRYKATTNQ
TWNVKEFDTNFTYVQQSEFYLEPNIKYVFQVRCQETGKRYWQPWSSLFFHKTPETVPQVTSKAFQHDTWNSGLTVASIST
GHLTSDNRGDGTGGSGGSGGLTEEQIAEFKEAFSLFDKDGDGTITTKELGTVMRSLGQNPTEAELQDMINEVDADGNGTI
DFPEFLTMMARKMKDTDSEEEIREAFRVFDKDGNGYISAAELRHVMTNLGEKLTDEEVDEMIREADIDGDGQVNYEEFVQ
MMTAK
;
C
4 'polypeptide(L)'
;CRTSECCFQDPPYPDADSGSASGPRDLRCYRISSDRYECSWQYEGPTAGVSHFLRCCLSSGRCCYFAAGSATRLQFSDQA
GVSVLYTVTLWVESWARNQTEKSPEVTLQLYNSVKYEPPLGDIKVSKLAGQLRMEWETPDNQVGAEVQFRHRTPSSPWKL
GDCGPQDDDTESCLCPLEMNVAQEFQLRRRQLGSQGSSWSKWSSPVCVPPENPPQPQVRFSVEQLGQDGRRRLTLKEQPT
QLELPEGCQGLAPGTEVTYRLQLHMLSCPCKAKATRTLHLGKMPYLSGAAYNVAVISSNQFGPGLNQTWHIPADTHTEPV
ALNISVGTNGTTMYWPARAQSMTYCIEWQPVGQDGGLATCSLTAPQDPDPAGMATYSWSRESGAMGQEKCYYITIFASAH
PEKLTLWSTVLSTYHFGGNASAAGTPHHVSVKNHSLDSVSVDWAPSLLSTCPGVLKEYVVRCRDEDSKQVSEHPVQPTET
QVTLSGLRAGVAYTVQVRADTAWLRGVWSQPQRFSIEGTGGSGGSGGAARKKWKQSVRLISLCQRLS
;
D
#
loop_
_chem_comp.id
_chem_comp.type
_chem_comp.name
_chem_comp.formula
BMA D-saccharide, beta linking beta-D-mannopyranose 'C6 H12 O6'
MAN D-saccharide, alpha linking alpha-D-mannopyranose 'C6 H12 O6'
NAG D-saccharide, beta linking 2-acetamido-2-deoxy-beta-D-glucopyranose 'C8 H15 N O6'
#
# COMPACT_ATOMS: atom_id res chain seq x y z
N ILE A 1 0.22 -36.79 35.44
CA ILE A 1 -0.84 -36.40 36.36
C ILE A 1 -0.32 -35.36 37.35
N TRP A 2 -1.11 -34.29 37.53
CA TRP A 2 -0.73 -33.24 38.46
C TRP A 2 -1.99 -32.73 39.14
N GLU A 3 -1.81 -31.87 40.14
CA GLU A 3 -2.91 -31.34 40.92
C GLU A 3 -3.26 -29.93 40.44
N LEU A 4 -4.53 -29.72 40.13
CA LEU A 4 -5.04 -28.41 39.73
C LEU A 4 -5.64 -27.67 40.90
N LYS A 5 -6.44 -28.36 41.70
CA LYS A 5 -7.16 -27.79 42.82
C LYS A 5 -7.27 -28.89 43.87
N LYS A 6 -7.84 -28.57 45.02
CA LYS A 6 -8.01 -29.58 46.06
C LYS A 6 -8.99 -30.65 45.60
N ASP A 7 -8.54 -31.91 45.62
CA ASP A 7 -9.35 -33.07 45.21
C ASP A 7 -9.75 -33.01 43.75
N VAL A 8 -8.97 -32.33 42.91
CA VAL A 8 -9.18 -32.33 41.47
C VAL A 8 -7.82 -32.53 40.80
N TYR A 9 -7.72 -33.54 39.95
CA TYR A 9 -6.48 -33.87 39.27
C TYR A 9 -6.68 -33.79 37.76
N VAL A 10 -5.64 -33.35 37.06
CA VAL A 10 -5.66 -33.22 35.61
C VAL A 10 -4.74 -34.30 35.03
N VAL A 11 -5.29 -35.13 34.15
CA VAL A 11 -4.54 -36.17 33.47
C VAL A 11 -4.32 -35.75 32.03
N GLU A 12 -3.07 -35.80 31.59
CA GLU A 12 -2.76 -35.48 30.20
C GLU A 12 -2.88 -36.73 29.35
N LEU A 13 -3.19 -36.54 28.07
CA LEU A 13 -3.38 -37.64 27.14
C LEU A 13 -2.84 -37.28 25.78
N ASP A 14 -2.19 -38.23 25.12
CA ASP A 14 -1.89 -38.11 23.71
C ASP A 14 -3.10 -38.59 22.92
N TRP A 15 -3.68 -37.70 22.13
CA TRP A 15 -4.97 -37.95 21.49
C TRP A 15 -4.73 -38.37 20.04
N TYR A 16 -4.43 -39.65 19.87
CA TYR A 16 -4.40 -40.29 18.56
C TYR A 16 -5.14 -41.62 18.65
N PRO A 17 -5.67 -42.12 17.53
CA PRO A 17 -6.48 -43.34 17.59
C PRO A 17 -5.72 -44.53 18.16
N ASP A 18 -6.44 -45.34 18.93
CA ASP A 18 -5.89 -46.51 19.62
C ASP A 18 -4.70 -46.13 20.48
N ALA A 19 -4.85 -45.05 21.23
CA ALA A 19 -3.78 -44.58 22.10
C ALA A 19 -3.61 -45.52 23.29
N PRO A 20 -2.39 -45.59 23.84
CA PRO A 20 -2.20 -46.34 25.10
C PRO A 20 -2.54 -45.53 26.34
N GLY A 21 -2.79 -44.23 26.20
CA GLY A 21 -3.25 -43.45 27.33
C GLY A 21 -2.14 -43.15 28.32
N GLU A 22 -2.48 -43.21 29.61
CA GLU A 22 -1.53 -42.98 30.68
C GLU A 22 -1.87 -43.89 31.86
N MET A 23 -0.88 -44.13 32.69
CA MET A 23 -1.04 -44.94 33.90
C MET A 23 -1.25 -44.01 35.08
N VAL A 24 -2.30 -44.28 35.87
CA VAL A 24 -2.74 -43.38 36.92
C VAL A 24 -2.94 -44.19 38.20
N VAL A 25 -2.41 -43.67 39.32
CA VAL A 25 -2.56 -44.29 40.63
C VAL A 25 -3.36 -43.34 41.52
N LEU A 26 -4.37 -43.88 42.19
CA LEU A 26 -5.21 -43.13 43.10
C LEU A 26 -5.03 -43.63 44.53
N THR A 27 -4.91 -42.71 45.47
CA THR A 27 -4.73 -43.03 46.87
C THR A 27 -5.75 -42.28 47.71
N CYS A 28 -6.49 -43.02 48.53
CA CYS A 28 -7.48 -42.40 49.40
C CYS A 28 -6.80 -41.62 50.51
N ASP A 29 -7.39 -40.48 50.88
CA ASP A 29 -6.82 -39.61 51.92
C ASP A 29 -7.46 -39.98 53.24
N THR A 30 -6.90 -40.99 53.90
CA THR A 30 -7.41 -41.46 55.19
C THR A 30 -6.30 -42.19 55.91
N PRO A 31 -6.25 -42.13 57.23
CA PRO A 31 -5.27 -42.94 57.98
C PRO A 31 -5.58 -44.43 57.98
N GLU A 32 -6.78 -44.83 57.55
CA GLU A 32 -7.13 -46.24 57.54
C GLU A 32 -6.35 -46.99 56.49
N GLU A 33 -6.33 -48.32 56.63
CA GLU A 33 -5.55 -49.18 55.74
C GLU A 33 -6.32 -50.36 55.16
N ASP A 34 -7.43 -50.78 55.77
CA ASP A 34 -8.16 -51.97 55.33
C ASP A 34 -9.64 -51.65 55.16
N GLY A 35 -10.31 -52.52 54.42
CA GLY A 35 -11.74 -52.37 54.20
C GLY A 35 -12.13 -51.15 53.39
N ILE A 36 -11.43 -50.89 52.29
CA ILE A 36 -11.65 -49.71 51.47
C ILE A 36 -12.19 -50.15 50.11
N THR A 37 -13.31 -49.55 49.71
CA THR A 37 -13.96 -49.83 48.44
C THR A 37 -14.11 -48.56 47.63
N TRP A 38 -14.14 -48.70 46.31
CA TRP A 38 -14.14 -47.54 45.41
C TRP A 38 -15.29 -47.62 44.42
N THR A 39 -15.84 -46.46 44.09
CA THR A 39 -16.86 -46.33 43.05
C THR A 39 -16.52 -45.14 42.17
N LEU A 40 -17.00 -45.18 40.93
CA LEU A 40 -16.81 -44.10 39.98
C LEU A 40 -18.14 -43.37 39.81
N ASP A 41 -18.11 -42.06 40.03
CA ASP A 41 -19.26 -41.15 39.85
C ASP A 41 -20.41 -41.65 40.73
N GLN A 42 -21.63 -41.70 40.21
CA GLN A 42 -22.80 -42.10 41.00
C GLN A 42 -23.05 -43.60 40.97
N SER A 43 -22.31 -44.35 40.15
CA SER A 43 -22.51 -45.80 40.09
C SER A 43 -22.08 -46.45 41.39
N SER A 44 -22.82 -47.48 41.79
CA SER A 44 -22.56 -48.19 43.04
C SER A 44 -21.70 -49.44 42.85
N GLU A 45 -21.37 -49.80 41.61
CA GLU A 45 -20.53 -50.95 41.37
C GLU A 45 -19.11 -50.68 41.86
N VAL A 46 -18.51 -51.68 42.50
CA VAL A 46 -17.17 -51.55 43.06
C VAL A 46 -16.14 -51.85 41.96
N LEU A 47 -15.21 -50.92 41.75
CA LEU A 47 -14.17 -51.09 40.75
C LEU A 47 -12.95 -51.83 41.31
N GLY A 48 -12.60 -51.56 42.57
CA GLY A 48 -11.44 -52.19 43.17
C GLY A 48 -11.51 -52.07 44.68
N SER A 49 -10.47 -52.56 45.33
CA SER A 49 -10.39 -52.54 46.79
C SER A 49 -8.98 -52.21 47.23
N GLY A 50 -8.86 -51.70 48.44
CA GLY A 50 -7.59 -51.35 49.03
C GLY A 50 -7.41 -49.84 49.11
N LYS A 51 -6.31 -49.46 49.76
CA LYS A 51 -5.96 -48.05 49.90
C LYS A 51 -5.60 -47.43 48.55
N THR A 52 -4.89 -48.18 47.72
CA THR A 52 -4.45 -47.67 46.43
C THR A 52 -5.35 -48.21 45.33
N LEU A 53 -5.48 -47.42 44.26
CA LEU A 53 -6.22 -47.82 43.07
C LEU A 53 -5.35 -47.52 41.86
N THR A 54 -5.29 -48.48 40.94
CA THR A 54 -4.62 -48.30 39.66
C THR A 54 -5.62 -48.42 38.53
N ILE A 55 -5.65 -47.43 37.66
CA ILE A 55 -6.47 -47.45 36.45
C ILE A 55 -5.61 -47.03 35.28
N GLN A 56 -6.10 -47.30 34.08
CA GLN A 56 -5.49 -46.85 32.85
C GLN A 56 -6.46 -45.91 32.15
N VAL A 57 -6.11 -44.63 32.12
CA VAL A 57 -7.01 -43.60 31.62
C VAL A 57 -6.87 -43.53 30.10
N LYS A 58 -7.89 -44.02 29.39
CA LYS A 58 -7.86 -44.06 27.93
C LYS A 58 -8.83 -43.10 27.27
N GLU A 59 -9.94 -42.77 27.92
CA GLU A 59 -10.96 -41.94 27.30
C GLU A 59 -11.83 -41.34 28.39
N PHE A 60 -12.78 -40.49 27.97
CA PHE A 60 -13.63 -39.79 28.93
C PHE A 60 -14.53 -40.73 29.71
N GLY A 61 -14.71 -41.96 29.24
CA GLY A 61 -15.50 -42.93 29.98
C GLY A 61 -14.80 -43.46 31.22
N ASP A 62 -13.47 -43.38 31.26
CA ASP A 62 -12.72 -43.82 32.42
C ASP A 62 -12.43 -42.69 33.41
N ALA A 63 -12.74 -41.45 33.06
CA ALA A 63 -12.57 -40.32 33.95
C ALA A 63 -13.89 -39.97 34.63
N GLY A 64 -13.78 -39.33 35.78
CA GLY A 64 -14.93 -38.98 36.58
C GLY A 64 -14.55 -38.92 38.04
N GLN A 65 -15.57 -38.72 38.88
CA GLN A 65 -15.35 -38.55 40.31
C GLN A 65 -15.17 -39.92 40.96
N TYR A 66 -13.97 -40.17 41.47
CA TYR A 66 -13.68 -41.41 42.19
C TYR A 66 -13.84 -41.17 43.69
N THR A 67 -14.44 -42.14 44.37
CA THR A 67 -14.73 -42.03 45.79
C THR A 67 -14.31 -43.30 46.49
N CYS A 68 -13.62 -43.16 47.62
CA CYS A 68 -13.26 -44.29 48.46
C CYS A 68 -14.19 -44.36 49.67
N HIS A 69 -14.58 -45.58 50.03
CA HIS A 69 -15.50 -45.80 51.14
C HIS A 69 -14.94 -46.84 52.09
N LYS A 70 -15.33 -46.70 53.37
CA LYS A 70 -15.03 -47.70 54.38
C LYS A 70 -16.16 -47.70 55.39
N GLY A 71 -16.73 -48.87 55.65
CA GLY A 71 -17.85 -48.96 56.56
C GLY A 71 -19.12 -48.34 56.04
N GLY A 72 -19.26 -48.22 54.73
CA GLY A 72 -20.46 -47.63 54.16
C GLY A 72 -20.50 -46.12 54.21
N GLU A 73 -19.37 -45.46 54.42
CA GLU A 73 -19.31 -44.01 54.51
C GLU A 73 -18.29 -43.47 53.52
N VAL A 74 -18.56 -42.27 53.01
CA VAL A 74 -17.69 -41.64 52.02
C VAL A 74 -16.46 -41.11 52.74
N LEU A 75 -15.27 -41.52 52.28
CA LEU A 75 -14.02 -41.08 52.89
C LEU A 75 -13.48 -39.83 52.23
N SER A 76 -13.28 -39.87 50.91
CA SER A 76 -12.69 -38.75 50.19
C SER A 76 -13.16 -38.80 48.74
N HIS A 77 -12.65 -37.87 47.94
CA HIS A 77 -12.98 -37.77 46.54
C HIS A 77 -11.71 -37.57 45.72
N SER A 78 -11.80 -37.92 44.44
CA SER A 78 -10.70 -37.70 43.52
C SER A 78 -11.29 -37.59 42.12
N LEU A 79 -11.33 -36.37 41.60
CA LEU A 79 -11.86 -36.11 40.27
C LEU A 79 -10.72 -36.14 39.26
N LEU A 80 -11.01 -36.63 38.06
CA LEU A 80 -10.01 -36.72 37.00
C LEU A 80 -10.52 -35.96 35.77
N LEU A 81 -9.94 -34.80 35.51
CA LEU A 81 -10.22 -34.03 34.31
C LEU A 81 -9.16 -34.34 33.27
N LEU A 82 -9.59 -34.75 32.09
CA LEU A 82 -8.63 -35.01 31.03
C LEU A 82 -8.15 -33.70 30.42
N HIS A 83 -7.05 -33.80 29.68
CA HIS A 83 -6.49 -32.65 28.96
C HIS A 83 -5.94 -33.18 27.64
N LYS A 84 -6.72 -33.06 26.58
CA LYS A 84 -6.33 -33.59 25.28
C LYS A 84 -5.08 -32.89 24.77
N LYS A 85 -4.13 -33.68 24.27
CA LYS A 85 -2.97 -33.16 23.55
C LYS A 85 -2.99 -33.76 22.16
N GLU A 86 -3.32 -32.96 21.16
CA GLU A 86 -3.43 -33.41 19.79
C GLU A 86 -2.12 -33.12 19.06
N ASP A 87 -1.37 -34.18 18.77
CA ASP A 87 -0.03 -34.13 18.17
C ASP A 87 0.81 -32.97 18.68
N GLY A 88 0.91 -32.86 20.00
CA GLY A 88 1.68 -31.79 20.60
C GLY A 88 0.96 -30.48 20.75
N ILE A 89 -0.23 -30.33 20.15
CA ILE A 89 -1.02 -29.12 20.27
C ILE A 89 -2.20 -29.41 21.19
N TRP A 90 -2.36 -28.59 22.22
CA TRP A 90 -3.46 -28.79 23.13
C TRP A 90 -4.76 -28.33 22.50
N SER A 91 -5.86 -28.80 23.07
CA SER A 91 -7.18 -28.54 22.51
C SER A 91 -7.68 -27.17 22.94
N THR A 92 -8.47 -26.55 22.06
CA THR A 92 -9.12 -25.27 22.31
C THR A 92 -10.61 -25.37 21.98
N ASP A 93 -11.26 -26.42 22.49
CA ASP A 93 -12.65 -26.69 22.12
C ASP A 93 -13.61 -25.72 22.80
N ILE A 94 -13.37 -25.40 24.07
CA ILE A 94 -14.37 -24.69 24.86
C ILE A 94 -14.50 -23.25 24.40
N LEU A 95 -13.41 -22.48 24.45
CA LEU A 95 -13.51 -21.05 24.16
C LEU A 95 -13.48 -20.82 22.66
N LYS A 96 -14.51 -20.12 22.18
CA LYS A 96 -14.64 -19.85 20.74
C LYS A 96 -13.59 -18.86 20.28
N ASP A 97 -13.02 -19.11 19.11
CA ASP A 97 -11.94 -18.30 18.58
C ASP A 97 -12.54 -17.05 17.94
N GLN A 98 -12.12 -15.87 18.43
CA GLN A 98 -12.61 -14.61 17.86
C GLN A 98 -11.94 -14.27 16.54
N LYS A 99 -10.70 -14.75 16.33
CA LYS A 99 -9.89 -14.52 15.13
C LYS A 99 -9.58 -13.04 14.88
N GLU A 100 -9.74 -12.19 15.88
CA GLU A 100 -9.40 -10.77 15.70
C GLU A 100 -8.52 -10.33 16.85
N PRO A 101 -7.44 -9.57 16.57
CA PRO A 101 -6.97 -9.11 15.26
C PRO A 101 -6.16 -10.18 14.56
N LYS A 102 -5.82 -11.25 15.26
CA LYS A 102 -5.11 -12.39 14.69
C LYS A 102 -5.84 -13.67 15.09
N ASN A 103 -5.41 -14.78 14.48
CA ASN A 103 -5.99 -16.06 14.83
C ASN A 103 -5.54 -16.50 16.22
N LYS A 104 -6.29 -17.44 16.79
CA LYS A 104 -6.04 -17.99 18.13
C LYS A 104 -6.12 -16.92 19.22
N THR A 105 -6.89 -15.87 19.00
CA THR A 105 -7.11 -14.85 20.04
C THR A 105 -8.35 -15.24 20.83
N PHE A 106 -8.15 -15.87 21.99
CA PHE A 106 -9.26 -16.42 22.75
C PHE A 106 -9.77 -15.46 23.84
N LEU A 107 -8.86 -14.86 24.59
CA LEU A 107 -9.23 -13.86 25.59
C LEU A 107 -9.00 -12.47 25.00
N ARG A 108 -10.02 -11.62 25.11
CA ARG A 108 -9.93 -10.24 24.67
C ARG A 108 -10.16 -9.34 25.87
N CYS A 109 -9.18 -8.50 26.19
CA CYS A 109 -9.19 -7.67 27.38
C CYS A 109 -9.07 -6.21 27.00
N GLU A 110 -9.76 -5.35 27.74
CA GLU A 110 -9.76 -3.92 27.48
C GLU A 110 -9.74 -3.15 28.80
N ALA A 111 -9.21 -1.93 28.73
CA ALA A 111 -9.17 -1.03 29.88
C ALA A 111 -9.69 0.33 29.48
N LYS A 112 -10.52 0.92 30.33
CA LYS A 112 -11.13 2.21 30.00
C LYS A 112 -10.19 3.39 30.30
N ASN A 113 -9.38 3.28 31.34
CA ASN A 113 -8.54 4.38 31.78
C ASN A 113 -7.15 3.82 32.11
N TYR A 114 -6.33 4.63 32.75
CA TYR A 114 -4.97 4.25 33.09
C TYR A 114 -4.80 3.80 34.52
N SER A 115 -5.88 3.71 35.30
CA SER A 115 -5.74 3.46 36.72
C SER A 115 -5.33 2.02 37.03
N GLY A 116 -5.42 1.12 36.08
CA GLY A 116 -5.05 -0.26 36.30
C GLY A 116 -6.20 -1.24 36.38
N ARG A 117 -7.36 -0.93 35.82
CA ARG A 117 -8.50 -1.84 35.78
C ARG A 117 -8.69 -2.31 34.36
N PHE A 118 -8.70 -3.62 34.17
CA PHE A 118 -9.00 -4.21 32.86
C PHE A 118 -10.13 -5.21 33.03
N THR A 119 -10.56 -5.79 31.92
CA THR A 119 -11.72 -6.66 31.89
C THR A 119 -11.65 -7.52 30.64
N CYS A 120 -11.72 -8.83 30.81
CA CYS A 120 -11.51 -9.78 29.73
C CYS A 120 -12.80 -10.46 29.35
N TRP A 121 -13.13 -10.46 28.06
CA TRP A 121 -14.30 -11.13 27.52
C TRP A 121 -13.87 -12.37 26.74
N TRP A 122 -14.64 -13.45 26.87
CA TRP A 122 -14.36 -14.65 26.10
C TRP A 122 -15.67 -15.34 25.74
N LEU A 123 -15.72 -15.90 24.55
CA LEU A 123 -16.95 -16.39 23.93
C LEU A 123 -16.97 -17.91 23.89
N THR A 124 -18.14 -18.49 24.16
CA THR A 124 -18.31 -19.93 24.07
C THR A 124 -19.74 -20.24 23.63
N THR A 125 -19.91 -21.43 23.06
CA THR A 125 -21.21 -21.92 22.63
C THR A 125 -21.72 -23.05 23.53
N ILE A 126 -21.18 -23.17 24.74
CA ILE A 126 -21.49 -24.25 25.65
C ILE A 126 -22.26 -23.67 26.82
N SER A 127 -23.47 -24.19 27.07
CA SER A 127 -24.39 -23.55 28.00
C SER A 127 -24.31 -24.11 29.42
N THR A 128 -24.22 -25.42 29.59
CA THR A 128 -24.32 -26.04 30.90
C THR A 128 -22.99 -26.66 31.32
N ASP A 129 -22.85 -26.83 32.64
CA ASP A 129 -21.73 -27.52 33.27
C ASP A 129 -20.40 -26.83 33.02
N LEU A 130 -20.43 -25.56 32.63
CA LEU A 130 -19.22 -24.82 32.28
C LEU A 130 -18.75 -24.00 33.47
N THR A 131 -17.46 -24.07 33.78
CA THR A 131 -16.92 -23.46 34.99
C THR A 131 -15.54 -22.88 34.70
N PHE A 132 -15.41 -21.56 34.76
CA PHE A 132 -14.16 -20.87 34.54
C PHE A 132 -13.51 -20.50 35.87
N SER A 133 -12.21 -20.21 35.81
CA SER A 133 -11.47 -19.80 37.01
C SER A 133 -10.26 -18.99 36.57
N VAL A 134 -10.24 -17.70 36.90
CA VAL A 134 -9.23 -16.77 36.40
C VAL A 134 -8.29 -16.39 37.52
N LYS A 135 -6.99 -16.42 37.24
CA LYS A 135 -5.98 -15.83 38.11
C LYS A 135 -5.00 -15.06 37.24
N SER A 136 -4.35 -14.05 37.83
CA SER A 136 -3.48 -13.20 37.04
C SER A 136 -2.36 -12.66 37.91
N SER A 137 -1.29 -12.23 37.25
CA SER A 137 -0.13 -11.66 37.93
C SER A 137 0.65 -10.83 36.93
N ARG A 138 1.55 -10.00 37.45
CA ARG A 138 2.41 -9.14 36.66
C ARG A 138 3.83 -9.71 36.65
N GLY A 139 4.27 -10.18 35.49
CA GLY A 139 5.56 -10.82 35.37
C GLY A 139 5.55 -12.26 35.86
N SER A 140 6.64 -12.96 35.57
CA SER A 140 6.73 -14.36 35.98
C SER A 140 8.01 -14.68 36.75
N SER A 141 9.09 -13.94 36.49
CA SER A 141 10.32 -14.17 37.24
C SER A 141 10.14 -13.84 38.72
N ASP A 142 9.52 -12.71 39.03
CA ASP A 142 9.18 -12.34 40.40
C ASP A 142 7.84 -11.66 40.36
N PRO A 143 6.75 -12.43 40.50
CA PRO A 143 5.42 -11.87 40.25
C PRO A 143 5.00 -10.88 41.31
N GLN A 144 4.14 -9.95 40.92
CA GLN A 144 3.51 -8.99 41.80
C GLN A 144 2.03 -9.34 41.96
N GLY A 145 1.29 -8.46 42.64
CA GLY A 145 -0.07 -8.73 43.00
C GLY A 145 -1.08 -8.10 42.06
N VAL A 146 -1.86 -8.96 41.39
CA VAL A 146 -3.03 -8.55 40.63
C VAL A 146 -4.15 -9.50 40.99
N THR A 147 -5.28 -8.95 41.41
CA THR A 147 -6.41 -9.74 41.90
C THR A 147 -7.56 -9.71 40.90
N CYS A 148 -8.13 -10.88 40.63
CA CYS A 148 -9.25 -11.04 39.71
C CYS A 148 -10.43 -11.66 40.44
N GLY A 149 -11.62 -11.14 40.17
CA GLY A 149 -12.84 -11.65 40.76
C GLY A 149 -13.33 -12.89 40.03
N ALA A 150 -14.54 -13.31 40.38
CA ALA A 150 -15.17 -14.45 39.73
C ALA A 150 -15.64 -14.09 38.35
N ALA A 151 -15.65 -15.08 37.46
CA ALA A 151 -16.06 -14.89 36.07
C ALA A 151 -17.55 -15.15 35.94
N THR A 152 -18.30 -14.13 35.54
CA THR A 152 -19.75 -14.19 35.40
C THR A 152 -20.14 -14.14 33.93
N LEU A 153 -21.44 -14.08 33.68
CA LEU A 153 -22.00 -14.00 32.33
C LEU A 153 -22.46 -12.58 32.06
N SER A 154 -22.08 -12.04 30.91
CA SER A 154 -22.42 -10.67 30.55
C SER A 154 -23.61 -10.59 29.59
N ALA A 155 -23.51 -11.24 28.44
CA ALA A 155 -24.57 -11.14 27.45
C ALA A 155 -24.64 -12.44 26.64
N GLU A 156 -25.81 -12.68 26.06
CA GLU A 156 -26.08 -13.90 25.30
C GLU A 156 -26.66 -13.51 23.95
N ARG A 157 -26.11 -14.10 22.89
CA ARG A 157 -26.53 -13.78 21.54
C ARG A 157 -26.56 -15.04 20.70
N VAL A 158 -27.25 -14.97 19.56
CA VAL A 158 -27.40 -16.09 18.66
C VAL A 158 -26.72 -15.76 17.34
N ARG A 159 -25.82 -16.65 16.90
CA ARG A 159 -25.13 -16.51 15.63
C ARG A 159 -25.15 -17.86 14.93
N GLY A 160 -25.77 -17.90 13.75
CA GLY A 160 -25.84 -19.14 13.00
C GLY A 160 -26.74 -20.17 13.67
N ASP A 161 -26.46 -21.44 13.40
CA ASP A 161 -27.24 -22.53 13.96
C ASP A 161 -26.97 -22.73 15.45
N ASN A 162 -25.88 -22.20 15.97
CA ASN A 162 -25.56 -22.32 17.38
C ASN A 162 -25.88 -21.02 18.11
N LYS A 163 -25.74 -21.07 19.43
CA LYS A 163 -25.87 -19.88 20.25
C LYS A 163 -24.48 -19.26 20.44
N GLU A 164 -24.38 -18.30 21.35
CA GLU A 164 -23.08 -17.73 21.72
C GLU A 164 -23.23 -17.04 23.05
N TYR A 165 -22.35 -17.36 23.99
CA TYR A 165 -22.38 -16.82 25.34
C TYR A 165 -21.12 -16.01 25.57
N GLU A 166 -21.27 -14.82 26.15
CA GLU A 166 -20.14 -13.94 26.41
C GLU A 166 -19.96 -13.80 27.91
N TYR A 167 -18.76 -14.10 28.39
CA TYR A 167 -18.40 -13.97 29.79
C TYR A 167 -17.51 -12.76 29.99
N SER A 168 -17.28 -12.40 31.25
CA SER A 168 -16.41 -11.27 31.56
C SER A 168 -15.94 -11.40 33.00
N VAL A 169 -14.87 -10.68 33.31
CA VAL A 169 -14.32 -10.65 34.67
C VAL A 169 -13.61 -9.32 34.87
N GLU A 170 -13.72 -8.78 36.08
CA GLU A 170 -13.09 -7.51 36.43
C GLU A 170 -11.86 -7.76 37.29
N CYS A 171 -10.73 -7.20 36.88
CA CYS A 171 -9.47 -7.37 37.60
C CYS A 171 -8.87 -6.01 37.91
N GLN A 172 -8.15 -5.94 39.03
CA GLN A 172 -7.53 -4.71 39.48
C GLN A 172 -6.08 -4.99 39.88
N GLU A 173 -5.17 -4.10 39.47
CA GLU A 173 -3.78 -4.21 39.88
C GLU A 173 -3.62 -3.63 41.28
N ASP A 174 -2.96 -4.38 42.17
CA ASP A 174 -2.94 -4.02 43.58
C ASP A 174 -2.05 -2.80 43.84
N SER A 175 -0.88 -2.75 43.22
CA SER A 175 0.09 -1.68 43.42
C SER A 175 0.11 -0.71 42.25
N ALA A 176 -1.06 -0.39 41.71
CA ALA A 176 -1.17 0.35 40.46
C ALA A 176 -0.48 1.71 40.55
N CYS A 177 0.31 2.01 39.54
CA CYS A 177 0.98 3.31 39.39
C CYS A 177 0.62 3.84 38.01
N PRO A 178 -0.36 4.75 37.91
CA PRO A 178 -0.90 5.11 36.60
C PRO A 178 0.06 5.89 35.71
N ALA A 179 1.14 6.41 36.26
CA ALA A 179 2.00 7.33 35.52
C ALA A 179 3.30 6.72 35.05
N ALA A 180 3.64 5.52 35.50
CA ALA A 180 4.94 4.95 35.19
C ALA A 180 5.01 4.49 33.74
N GLU A 181 6.20 4.09 33.32
CA GLU A 181 6.43 3.47 32.03
C GLU A 181 6.57 1.97 32.25
N GLU A 182 5.64 1.19 31.69
CA GLU A 182 5.63 -0.24 31.91
C GLU A 182 6.83 -0.89 31.24
N SER A 183 7.43 -1.85 31.92
CA SER A 183 8.57 -2.59 31.41
C SER A 183 8.29 -4.06 31.18
N LEU A 184 7.55 -4.71 32.08
CA LEU A 184 7.24 -6.12 31.99
C LEU A 184 5.73 -6.33 32.04
N PRO A 185 5.20 -7.27 31.25
CA PRO A 185 3.76 -7.30 31.01
C PRO A 185 2.95 -8.10 32.01
N ILE A 186 1.63 -8.06 31.85
CA ILE A 186 0.68 -8.76 32.71
C ILE A 186 0.31 -10.09 32.07
N GLU A 187 0.11 -11.11 32.90
CA GLU A 187 -0.33 -12.42 32.45
C GLU A 187 -1.75 -12.69 32.94
N VAL A 188 -2.56 -13.31 32.09
CA VAL A 188 -3.90 -13.78 32.46
C VAL A 188 -3.96 -15.27 32.14
N MET A 189 -4.44 -16.05 33.10
CA MET A 189 -4.44 -17.52 32.99
C MET A 189 -5.80 -18.06 33.36
N VAL A 190 -6.57 -18.48 32.36
CA VAL A 190 -7.93 -18.99 32.52
C VAL A 190 -7.89 -20.51 32.53
N ASP A 191 -8.62 -21.12 33.46
CA ASP A 191 -8.74 -22.58 33.54
C ASP A 191 -10.17 -22.97 33.20
N ALA A 192 -10.45 -23.16 31.93
CA ALA A 192 -11.78 -23.56 31.50
C ALA A 192 -11.99 -25.04 31.75
N VAL A 193 -13.09 -25.38 32.43
CA VAL A 193 -13.42 -26.76 32.74
C VAL A 193 -14.86 -27.01 32.30
N HIS A 194 -15.09 -28.08 31.55
CA HIS A 194 -16.42 -28.41 31.05
C HIS A 194 -16.67 -29.90 31.26
N LYS A 195 -17.57 -30.23 32.18
CA LYS A 195 -17.78 -31.59 32.64
C LYS A 195 -16.47 -32.23 33.07
N LEU A 196 -15.86 -33.02 32.20
CA LEU A 196 -14.63 -33.74 32.51
C LEU A 196 -13.46 -33.33 31.62
N LYS A 197 -13.63 -32.31 30.78
CA LYS A 197 -12.58 -31.89 29.86
C LYS A 197 -11.98 -30.58 30.35
N TYR A 198 -10.67 -30.59 30.61
CA TYR A 198 -9.97 -29.43 31.14
C TYR A 198 -9.18 -28.75 30.03
N GLU A 199 -9.29 -27.43 29.96
CA GLU A 199 -8.49 -26.62 29.06
C GLU A 199 -7.96 -25.43 29.81
N ASN A 200 -7.02 -24.70 29.20
CA ASN A 200 -6.30 -23.65 29.91
C ASN A 200 -5.54 -22.74 28.95
N TYR A 201 -5.73 -21.43 29.14
CA TYR A 201 -5.39 -20.41 28.16
C TYR A 201 -4.51 -19.34 28.79
N THR A 202 -3.99 -18.44 27.94
CA THR A 202 -3.04 -17.44 28.41
C THR A 202 -3.09 -16.24 27.48
N SER A 203 -2.97 -15.05 28.05
CA SER A 203 -2.84 -13.82 27.28
C SER A 203 -1.93 -12.85 28.03
N SER A 204 -1.11 -12.12 27.29
CA SER A 204 -0.17 -11.18 27.86
C SER A 204 -0.25 -9.84 27.14
N PHE A 205 -0.10 -8.75 27.88
CA PHE A 205 -0.27 -7.43 27.31
C PHE A 205 0.37 -6.38 28.21
N PHE A 206 0.56 -5.20 27.65
CA PHE A 206 0.84 -3.99 28.41
C PHE A 206 -0.46 -3.21 28.56
N ILE A 207 -0.65 -2.59 29.73
CA ILE A 207 -1.89 -1.86 29.98
C ILE A 207 -2.06 -0.73 28.97
N ARG A 208 -0.95 -0.10 28.56
CA ARG A 208 -1.02 0.95 27.56
C ARG A 208 -1.40 0.42 26.17
N ASP A 209 -1.40 -0.89 25.98
CA ASP A 209 -1.73 -1.47 24.68
C ASP A 209 -3.21 -1.74 24.51
N ILE A 210 -3.94 -1.95 25.59
CA ILE A 210 -5.33 -2.40 25.53
C ILE A 210 -6.31 -1.32 25.96
N ILE A 211 -5.94 -0.06 25.80
CA ILE A 211 -6.76 1.05 26.27
C ILE A 211 -7.72 1.47 25.17
N LYS A 212 -9.01 1.53 25.51
CA LYS A 212 -10.05 1.99 24.61
C LYS A 212 -10.95 2.94 25.39
N PRO A 213 -10.73 4.24 25.29
CA PRO A 213 -11.48 5.19 26.11
C PRO A 213 -12.96 5.21 25.76
N ASP A 214 -13.75 5.71 26.70
CA ASP A 214 -15.19 5.74 26.55
C ASP A 214 -15.59 6.70 25.44
N PRO A 215 -16.78 6.53 24.86
CA PRO A 215 -17.27 7.51 23.88
C PRO A 215 -17.43 8.87 24.53
N PRO A 216 -17.12 9.94 23.80
CA PRO A 216 -17.13 11.28 24.39
C PRO A 216 -18.51 11.68 24.91
N LYS A 217 -18.50 12.36 26.03
CA LYS A 217 -19.71 12.64 26.81
C LYS A 217 -20.34 13.96 26.41
N ASN A 218 -21.66 14.03 26.57
CA ASN A 218 -22.41 15.29 26.62
C ASN A 218 -22.27 16.07 25.30
N LEU A 219 -22.67 15.44 24.22
CA LEU A 219 -22.57 16.06 22.90
C LEU A 219 -23.71 17.04 22.70
N GLN A 220 -23.38 18.31 22.46
CA GLN A 220 -24.35 19.36 22.21
C GLN A 220 -23.95 20.13 20.97
N LEU A 221 -24.94 20.47 20.14
CA LEU A 221 -24.72 21.17 18.88
C LEU A 221 -25.47 22.49 18.89
N LYS A 222 -24.84 23.54 18.36
CA LYS A 222 -25.48 24.83 18.18
C LYS A 222 -24.96 25.46 16.89
N PRO A 223 -25.75 25.41 15.83
CA PRO A 223 -25.32 26.00 14.55
C PRO A 223 -25.46 27.51 14.54
N LEU A 224 -24.73 28.13 13.63
CA LEU A 224 -24.91 29.55 13.37
C LEU A 224 -26.28 29.80 12.75
N LYS A 225 -26.87 30.94 13.09
CA LYS A 225 -28.21 31.26 12.61
C LYS A 225 -28.25 31.35 11.09
N ASN A 226 -29.20 30.63 10.49
CA ASN A 226 -29.39 30.52 9.04
C ASN A 226 -28.13 30.02 8.33
N SER A 227 -27.30 29.25 9.02
CA SER A 227 -26.07 28.74 8.44
C SER A 227 -25.95 27.25 8.72
N ARG A 228 -25.46 26.50 7.72
CA ARG A 228 -25.30 25.07 7.92
C ARG A 228 -24.08 24.74 8.77
N GLN A 229 -23.21 25.71 9.03
CA GLN A 229 -22.05 25.49 9.88
C GLN A 229 -22.46 25.28 11.33
N VAL A 230 -22.02 24.18 11.91
CA VAL A 230 -22.36 23.81 13.28
C VAL A 230 -21.07 23.64 14.07
N GLU A 231 -20.98 24.29 15.22
CA GLU A 231 -19.86 24.04 16.11
C GLU A 231 -20.23 22.91 17.07
N VAL A 232 -19.28 22.02 17.31
CA VAL A 232 -19.51 20.82 18.11
C VAL A 232 -18.92 21.05 19.49
N SER A 233 -19.68 20.71 20.52
CA SER A 233 -19.23 20.87 21.89
C SER A 233 -19.45 19.58 22.67
N TRP A 234 -18.44 19.17 23.42
CA TRP A 234 -18.55 17.99 24.27
C TRP A 234 -17.59 18.16 25.43
N GLU A 235 -17.46 17.11 26.24
CA GLU A 235 -16.56 17.08 27.37
C GLU A 235 -15.81 15.76 27.37
N TYR A 236 -14.75 15.70 28.17
CA TYR A 236 -13.97 14.48 28.27
C TYR A 236 -14.83 13.38 28.89
N PRO A 237 -14.63 12.13 28.48
CA PRO A 237 -15.39 11.03 29.08
C PRO A 237 -15.12 10.91 30.58
N ASP A 238 -16.16 10.50 31.30
CA ASP A 238 -16.11 10.50 32.76
C ASP A 238 -15.10 9.50 33.30
N THR A 239 -15.03 8.31 32.69
CA THR A 239 -14.19 7.25 33.20
C THR A 239 -12.70 7.44 32.92
N TRP A 240 -12.34 8.40 32.08
CA TRP A 240 -10.93 8.64 31.78
C TRP A 240 -10.22 9.19 33.01
N SER A 241 -8.91 8.94 33.08
CA SER A 241 -8.13 9.34 34.25
C SER A 241 -8.04 10.85 34.36
N THR A 242 -7.55 11.30 35.51
CA THR A 242 -7.39 12.70 35.85
C THR A 242 -6.00 12.94 36.41
N PRO A 243 -5.45 14.15 36.27
CA PRO A 243 -5.97 15.36 35.62
C PRO A 243 -5.89 15.33 34.11
N HIS A 244 -6.81 15.99 33.42
CA HIS A 244 -6.90 15.87 31.97
C HIS A 244 -5.77 16.58 31.25
N SER A 245 -5.00 17.42 31.94
CA SER A 245 -3.86 18.07 31.31
C SER A 245 -2.65 17.15 31.24
N TYR A 246 -2.66 16.06 32.00
CA TYR A 246 -1.63 15.02 31.92
C TYR A 246 -2.04 13.92 30.95
N PHE A 247 -3.14 13.24 31.24
CA PHE A 247 -3.67 12.18 30.38
C PHE A 247 -4.56 12.84 29.34
N SER A 248 -3.96 13.19 28.20
CA SER A 248 -4.61 13.97 27.18
C SER A 248 -5.20 13.06 26.11
N LEU A 249 -6.32 13.49 25.54
CA LEU A 249 -7.04 12.73 24.53
C LEU A 249 -7.19 13.55 23.27
N THR A 250 -6.79 13.00 22.13
CA THR A 250 -7.02 13.61 20.83
C THR A 250 -8.29 13.02 20.22
N PHE A 251 -9.18 13.88 19.75
CA PHE A 251 -10.50 13.46 19.33
C PHE A 251 -10.57 13.30 17.82
N CYS A 252 -11.74 12.86 17.35
CA CYS A 252 -12.04 12.79 15.94
C CYS A 252 -13.51 13.10 15.76
N VAL A 253 -13.85 13.75 14.64
CA VAL A 253 -15.21 14.16 14.35
C VAL A 253 -15.51 13.86 12.89
N GLN A 254 -16.63 13.20 12.64
CA GLN A 254 -17.12 12.96 11.29
C GLN A 254 -18.56 13.43 11.18
N VAL A 255 -19.01 13.62 9.94
CA VAL A 255 -20.40 13.95 9.65
C VAL A 255 -20.92 12.92 8.66
N GLN A 256 -21.89 12.11 9.09
CA GLN A 256 -22.44 11.04 8.29
C GLN A 256 -23.95 11.22 8.18
N GLY A 257 -24.47 11.04 6.96
CA GLY A 257 -25.90 11.17 6.74
C GLY A 257 -26.31 10.49 5.45
N LYS A 258 -27.60 10.20 5.36
CA LYS A 258 -28.16 9.55 4.18
C LYS A 258 -29.64 9.84 4.05
N LYS A 263 -18.02 13.11 -0.29
CA LYS A 263 -18.47 13.92 0.84
C LYS A 263 -18.13 13.26 2.16
N LYS A 264 -16.89 13.42 2.61
CA LYS A 264 -16.42 12.84 3.86
C LYS A 264 -15.71 13.91 4.68
N ASP A 265 -16.14 14.07 5.93
CA ASP A 265 -15.56 15.04 6.85
C ASP A 265 -14.71 14.30 7.87
N ARG A 266 -13.43 14.68 7.97
CA ARG A 266 -12.52 14.10 8.93
C ARG A 266 -11.65 15.19 9.54
N VAL A 267 -11.77 15.37 10.85
CA VAL A 267 -10.98 16.35 11.58
C VAL A 267 -10.56 15.73 12.91
N PHE A 268 -9.34 16.03 13.34
CA PHE A 268 -8.82 15.57 14.62
C PHE A 268 -8.48 16.80 15.46
N THR A 269 -9.28 17.05 16.49
CA THR A 269 -9.08 18.21 17.36
C THR A 269 -8.56 17.77 18.72
N ASP A 270 -7.51 18.42 19.18
CA ASP A 270 -7.03 18.23 20.54
C ASP A 270 -7.80 19.09 21.54
N LYS A 271 -8.64 19.98 21.05
CA LYS A 271 -9.50 20.81 21.90
C LYS A 271 -10.89 20.19 21.96
N THR A 272 -11.59 20.47 23.05
CA THR A 272 -12.90 19.87 23.25
C THR A 272 -13.98 20.45 22.35
N SER A 273 -13.69 21.32 21.38
CA SER A 273 -14.72 21.85 20.51
C SER A 273 -14.18 21.94 19.08
N ALA A 274 -15.10 21.88 18.13
CA ALA A 274 -14.77 22.01 16.71
C ALA A 274 -16.03 22.42 15.97
N THR A 275 -15.85 22.88 14.74
CA THR A 275 -16.96 23.33 13.91
C THR A 275 -16.94 22.61 12.57
N VAL A 276 -18.10 22.11 12.15
CA VAL A 276 -18.28 21.44 10.87
C VAL A 276 -19.60 21.91 10.26
N ILE A 277 -19.95 21.32 9.12
CA ILE A 277 -21.18 21.62 8.40
C ILE A 277 -21.99 20.34 8.27
N CYS A 278 -23.25 20.39 8.68
CA CYS A 278 -24.16 19.26 8.60
C CYS A 278 -25.00 19.38 7.33
N ARG A 279 -25.03 18.30 6.54
CA ARG A 279 -25.99 18.19 5.46
C ARG A 279 -27.36 17.80 6.02
N LYS A 280 -28.34 17.69 5.13
CA LYS A 280 -29.69 17.31 5.54
C LYS A 280 -29.71 15.87 6.04
N ASP A 281 -30.36 15.64 7.18
CA ASP A 281 -30.47 14.32 7.81
C ASP A 281 -29.10 13.70 8.06
N ALA A 282 -28.18 14.49 8.60
CA ALA A 282 -26.84 14.00 8.91
C ALA A 282 -26.68 13.83 10.42
N SER A 283 -25.63 13.12 10.79
CA SER A 283 -25.33 12.84 12.19
C SER A 283 -23.88 13.20 12.46
N ILE A 284 -23.66 13.96 13.54
CA ILE A 284 -22.32 14.26 14.01
C ILE A 284 -21.86 13.13 14.91
N SER A 285 -20.73 12.52 14.59
CA SER A 285 -20.22 11.37 15.30
C SER A 285 -18.81 11.66 15.79
N VAL A 286 -18.51 11.28 17.02
CA VAL A 286 -17.30 11.70 17.70
C VAL A 286 -16.56 10.48 18.22
N ARG A 287 -15.23 10.55 18.22
CA ARG A 287 -14.39 9.47 18.72
C ARG A 287 -13.42 10.01 19.77
N ALA A 288 -12.47 9.18 20.20
CA ALA A 288 -11.45 9.61 21.14
C ALA A 288 -10.29 8.63 21.08
N GLN A 289 -9.09 9.16 21.37
CA GLN A 289 -7.89 8.33 21.43
C GLN A 289 -6.88 9.03 22.33
N ASP A 290 -6.11 8.24 23.07
CA ASP A 290 -5.02 8.79 23.86
C ASP A 290 -4.02 9.48 22.94
N ARG A 291 -3.57 10.67 23.33
CA ARG A 291 -2.86 11.53 22.37
C ARG A 291 -1.46 11.04 22.09
N TYR A 292 -0.77 10.50 23.08
CA TYR A 292 0.66 10.25 22.94
C TYR A 292 1.00 8.80 22.62
N TYR A 293 0.22 7.83 23.09
CA TYR A 293 0.43 6.43 22.76
C TYR A 293 -0.82 5.94 22.03
N SER A 294 -0.68 5.66 20.73
CA SER A 294 -1.82 5.31 19.89
C SER A 294 -2.25 3.88 20.22
N SER A 295 -3.07 3.77 21.27
CA SER A 295 -3.53 2.46 21.71
C SER A 295 -4.72 1.98 20.88
N SER A 296 -5.84 2.69 20.93
CA SER A 296 -7.03 2.30 20.19
C SER A 296 -8.00 3.48 20.17
N TRP A 297 -8.92 3.43 19.23
CA TRP A 297 -9.96 4.45 19.09
C TRP A 297 -11.19 4.05 19.91
N SER A 298 -12.09 5.01 20.07
CA SER A 298 -13.30 4.79 20.87
C SER A 298 -14.51 4.59 19.97
N GLU A 299 -15.56 4.04 20.56
CA GLU A 299 -16.82 3.89 19.83
C GLU A 299 -17.51 5.24 19.66
N TRP A 300 -18.24 5.38 18.56
CA TRP A 300 -18.88 6.64 18.25
C TRP A 300 -20.05 6.90 19.19
N ALA A 301 -20.13 8.11 19.73
CA ALA A 301 -21.34 8.61 20.38
C ALA A 301 -21.85 9.80 19.58
N SER A 302 -23.12 9.74 19.20
CA SER A 302 -23.61 10.65 18.18
C SER A 302 -24.96 11.23 18.56
N VAL A 303 -25.24 12.41 18.03
CA VAL A 303 -26.57 13.00 17.99
C VAL A 303 -26.78 13.51 16.57
N PRO A 304 -28.00 13.60 16.06
CA PRO A 304 -28.21 14.01 14.69
C PRO A 304 -28.44 15.49 14.37
N CYS A 305 -27.97 15.85 13.18
CA CYS A 305 -28.18 17.21 12.70
C CYS A 305 -29.62 17.38 12.25
N SER A 306 -30.25 18.45 12.71
CA SER A 306 -31.66 18.71 12.41
C SER A 306 -31.84 20.12 11.85
N PRO B 9 13.32 25.24 33.35
CA PRO B 9 13.29 24.75 31.96
C PRO B 9 12.27 25.49 31.11
N ALA B 10 12.38 25.36 29.79
CA ALA B 10 11.47 26.03 28.86
C ALA B 10 10.32 25.08 28.56
N TRP B 11 9.26 25.19 29.35
CA TRP B 11 8.21 24.19 29.33
C TRP B 11 7.43 24.18 28.02
N THR B 12 7.16 25.35 27.43
CA THR B 12 6.32 25.38 26.24
C THR B 12 7.04 24.80 25.03
N GLN B 13 8.29 25.22 24.81
CA GLN B 13 9.07 24.68 23.70
C GLN B 13 9.32 23.19 23.90
N CYS B 14 9.64 22.77 25.13
CA CYS B 14 9.83 21.37 25.41
C CYS B 14 8.56 20.57 25.13
N GLN B 15 7.41 21.12 25.52
CA GLN B 15 6.14 20.42 25.31
C GLN B 15 5.85 20.24 23.84
N GLN B 16 6.00 21.30 23.04
CA GLN B 16 5.68 21.18 21.62
C GLN B 16 6.69 20.29 20.90
N LEU B 17 7.96 20.34 21.30
CA LEU B 17 8.92 19.45 20.64
C LEU B 17 8.75 18.01 21.09
N SER B 18 8.28 17.78 22.31
CA SER B 18 7.98 16.40 22.72
C SER B 18 6.74 15.87 22.02
N GLN B 19 5.78 16.75 21.71
CA GLN B 19 4.67 16.33 20.84
C GLN B 19 5.19 15.93 19.47
N LYS B 20 6.12 16.73 18.93
CA LYS B 20 6.78 16.35 17.68
C LYS B 20 7.48 15.00 17.82
N LEU B 21 8.13 14.76 18.96
CA LEU B 21 8.82 13.50 19.19
C LEU B 21 7.86 12.32 19.20
N CYS B 22 6.73 12.47 19.88
CA CYS B 22 5.74 11.40 19.92
C CYS B 22 5.22 11.06 18.54
N THR B 23 4.82 12.09 17.78
CA THR B 23 4.27 11.80 16.45
C THR B 23 5.34 11.27 15.49
N LEU B 24 6.59 11.71 15.63
CA LEU B 24 7.65 11.14 14.81
C LEU B 24 7.93 9.68 15.17
N ALA B 25 7.98 9.37 16.48
CA ALA B 25 8.26 7.99 16.88
C ALA B 25 7.11 7.07 16.52
N TRP B 26 5.89 7.60 16.40
CA TRP B 26 4.81 6.76 15.92
C TRP B 26 4.65 6.80 14.42
N SER B 27 5.37 7.68 13.73
CA SER B 27 5.45 7.58 12.27
C SER B 27 6.54 6.63 11.84
N ALA B 28 7.57 6.45 12.66
CA ALA B 28 8.71 5.61 12.28
C ALA B 28 8.34 4.13 12.29
N HIS B 29 7.66 3.68 13.34
CA HIS B 29 7.27 2.27 13.49
C HIS B 29 5.77 2.19 13.74
N PRO B 30 4.95 2.13 12.67
CA PRO B 30 3.50 2.03 12.77
C PRO B 30 3.05 0.74 13.45
N MET B 35 5.12 -7.64 12.57
CA MET B 35 5.13 -6.52 13.51
C MET B 35 5.72 -6.93 14.85
N ASP B 36 5.73 -8.24 15.11
CA ASP B 36 6.17 -8.75 16.40
C ASP B 36 6.96 -10.03 16.21
N LEU B 37 8.03 -10.15 16.99
CA LEU B 37 8.84 -11.35 17.00
C LEU B 37 9.43 -11.48 18.39
N ARG B 38 9.49 -12.68 18.93
CA ARG B 38 9.94 -12.84 20.30
C ARG B 38 11.33 -13.48 20.30
N GLU B 39 12.27 -12.86 20.98
CA GLU B 39 13.61 -13.41 21.14
C GLU B 39 13.64 -14.19 22.44
N GLU B 40 14.01 -15.47 22.38
CA GLU B 40 14.07 -16.26 23.60
C GLU B 40 15.28 -15.87 24.43
N GLY B 41 15.19 -16.16 25.74
CA GLY B 41 16.29 -15.87 26.63
C GLY B 41 16.22 -14.51 27.29
N ASP B 42 15.22 -13.69 26.98
CA ASP B 42 15.11 -12.34 27.51
C ASP B 42 14.27 -12.33 28.78
N GLU B 43 14.94 -12.37 29.93
CA GLU B 43 14.24 -12.30 31.20
C GLU B 43 14.79 -11.20 32.11
N GLU B 44 15.93 -10.61 31.78
CA GLU B 44 16.60 -9.63 32.65
C GLU B 44 17.03 -8.39 31.88
N THR B 45 16.08 -7.50 31.58
CA THR B 45 16.51 -6.25 30.95
C THR B 45 17.41 -5.48 31.91
N THR B 46 17.01 -5.41 33.19
CA THR B 46 17.81 -4.82 34.25
C THR B 46 18.24 -3.41 33.84
N ASN B 47 19.54 -3.16 33.83
CA ASN B 47 20.08 -1.85 33.57
C ASN B 47 20.43 -1.66 32.10
N ASP B 48 19.99 -2.56 31.21
CA ASP B 48 20.22 -2.36 29.80
C ASP B 48 19.55 -1.09 29.29
N VAL B 49 18.29 -0.88 29.64
CA VAL B 49 17.53 0.26 29.14
C VAL B 49 16.98 1.05 30.32
N PRO B 50 17.35 2.30 30.50
CA PRO B 50 16.74 3.11 31.56
C PRO B 50 15.25 3.30 31.30
N HIS B 51 14.44 3.10 32.32
CA HIS B 51 13.00 3.28 32.18
C HIS B 51 12.50 4.19 33.29
N ILE B 52 11.38 4.85 33.05
CA ILE B 52 10.78 5.71 34.06
C ILE B 52 9.86 4.86 34.91
N GLN B 53 10.33 4.44 36.07
CA GLN B 53 9.57 3.56 36.94
C GLN B 53 8.66 4.38 37.86
N CYS B 54 7.86 3.68 38.65
CA CYS B 54 7.14 4.33 39.74
C CYS B 54 8.12 4.71 40.83
N GLY B 55 8.03 5.94 41.30
CA GLY B 55 8.97 6.45 42.29
C GLY B 55 10.00 7.40 41.75
N ASP B 56 9.92 7.78 40.48
CA ASP B 56 10.79 8.79 39.91
C ASP B 56 10.15 10.17 39.90
N GLY B 57 9.00 10.32 40.53
CA GLY B 57 8.36 11.64 40.63
C GLY B 57 7.95 12.22 39.31
N CYS B 58 7.38 11.41 38.42
CA CYS B 58 6.87 11.90 37.15
C CYS B 58 5.35 11.91 37.09
N ASP B 59 4.68 11.48 38.16
CA ASP B 59 3.26 11.69 38.32
C ASP B 59 3.00 13.16 38.67
N PRO B 60 1.76 13.64 38.51
CA PRO B 60 1.48 15.07 38.80
C PRO B 60 1.90 15.53 40.18
N GLN B 61 1.73 14.69 41.19
CA GLN B 61 2.21 15.03 42.53
C GLN B 61 3.72 15.18 42.55
N GLY B 62 4.43 14.29 41.83
CA GLY B 62 5.87 14.43 41.74
C GLY B 62 6.29 15.70 41.00
N LEU B 63 5.53 16.07 39.97
CA LEU B 63 5.81 17.33 39.27
C LEU B 63 5.61 18.53 40.18
N ARG B 64 4.52 18.55 40.94
CA ARG B 64 4.27 19.69 41.81
C ARG B 64 5.18 19.71 43.03
N ASP B 65 5.78 18.56 43.39
CA ASP B 65 6.71 18.55 44.50
C ASP B 65 8.11 18.98 44.07
N ASN B 66 8.72 18.22 43.15
CA ASN B 66 10.08 18.50 42.72
C ASN B 66 10.27 17.93 41.32
N SER B 67 10.50 18.81 40.35
CA SER B 67 10.67 18.37 38.96
C SER B 67 12.07 17.85 38.68
N GLN B 68 13.05 18.18 39.51
CA GLN B 68 14.43 17.82 39.22
C GLN B 68 14.61 16.31 39.14
N PHE B 69 13.95 15.58 40.04
CA PHE B 69 14.07 14.13 40.08
C PHE B 69 13.60 13.51 38.76
N CYS B 70 12.46 13.97 38.25
CA CYS B 70 11.93 13.42 37.01
C CYS B 70 12.78 13.83 35.82
N LEU B 71 13.18 15.11 35.76
CA LEU B 71 13.95 15.58 34.61
C LEU B 71 15.33 14.93 34.53
N GLN B 72 15.93 14.57 35.66
CA GLN B 72 17.19 13.84 35.64
C GLN B 72 17.03 12.51 34.89
N ARG B 73 16.02 11.74 35.26
CA ARG B 73 15.78 10.45 34.62
C ARG B 73 15.44 10.63 33.15
N ILE B 74 14.65 11.66 32.82
CA ILE B 74 14.28 11.91 31.43
C ILE B 74 15.54 12.22 30.61
N HIS B 75 16.45 13.01 31.17
CA HIS B 75 17.66 13.35 30.42
C HIS B 75 18.56 12.13 30.22
N GLN B 76 18.69 11.29 31.26
CA GLN B 76 19.49 10.08 31.09
C GLN B 76 18.89 9.18 30.01
N GLY B 77 17.57 8.99 30.05
CA GLY B 77 16.93 8.20 29.01
C GLY B 77 17.10 8.79 27.62
N LEU B 78 16.99 10.12 27.51
CA LEU B 78 17.14 10.76 26.22
C LEU B 78 18.53 10.58 25.65
N ILE B 79 19.57 10.76 26.48
CA ILE B 79 20.92 10.59 25.95
C ILE B 79 21.18 9.12 25.61
N PHE B 80 20.61 8.20 26.37
CA PHE B 80 20.73 6.78 26.01
C PHE B 80 20.10 6.50 24.66
N TYR B 81 18.92 7.07 24.39
CA TYR B 81 18.26 6.79 23.13
C TYR B 81 18.93 7.50 21.96
N GLU B 82 19.58 8.64 22.18
CA GLU B 82 20.40 9.21 21.11
C GLU B 82 21.60 8.33 20.82
N LYS B 83 22.25 7.80 21.86
CA LYS B 83 23.38 6.92 21.65
C LYS B 83 22.97 5.68 20.87
N LEU B 84 21.79 5.13 21.15
CA LEU B 84 21.30 4.01 20.37
C LEU B 84 20.95 4.41 18.94
N LEU B 85 20.30 5.56 18.77
CA LEU B 85 19.88 5.99 17.44
C LEU B 85 21.05 6.49 16.59
N GLY B 86 22.20 6.76 17.19
CA GLY B 86 23.37 7.20 16.47
C GLY B 86 24.40 6.15 16.19
N SER B 87 24.22 4.93 16.68
CA SER B 87 25.20 3.87 16.50
C SER B 87 25.06 3.25 15.11
N ASP B 88 25.75 2.14 14.88
CA ASP B 88 25.72 1.46 13.59
C ASP B 88 24.40 0.76 13.32
N ILE B 89 23.53 0.64 14.32
CA ILE B 89 22.23 0.02 14.11
C ILE B 89 21.37 0.86 13.17
N PHE B 90 21.45 2.18 13.30
CA PHE B 90 20.65 3.08 12.48
C PHE B 90 21.47 3.85 11.46
N THR B 91 22.79 3.69 11.46
CA THR B 91 23.64 4.29 10.45
C THR B 91 24.23 3.27 9.50
N GLY B 92 24.45 2.04 9.95
CA GLY B 92 25.02 1.01 9.12
C GLY B 92 24.01 0.44 8.13
N GLU B 93 24.51 -0.41 7.25
CA GLU B 93 23.65 -1.00 6.22
C GLU B 93 22.75 -2.06 6.83
N PRO B 94 21.49 -2.19 6.36
CA PRO B 94 20.84 -1.45 5.27
C PRO B 94 20.61 0.03 5.60
N SER B 95 21.28 0.90 4.86
CA SER B 95 21.32 2.32 5.20
C SER B 95 19.96 2.96 5.01
N LEU B 96 19.48 3.62 6.06
CA LEU B 96 18.20 4.31 6.01
C LEU B 96 18.32 5.59 5.22
N LEU B 97 17.18 6.04 4.69
CA LEU B 97 17.15 7.32 3.98
C LEU B 97 17.38 8.46 4.97
N PRO B 98 18.20 9.45 4.61
CA PRO B 98 18.26 10.66 5.43
C PRO B 98 16.94 11.40 5.49
N ASP B 99 16.12 11.30 4.44
CA ASP B 99 14.79 11.89 4.45
C ASP B 99 13.78 11.05 5.21
N SER B 100 14.12 9.82 5.57
CA SER B 100 13.24 8.98 6.36
C SER B 100 13.10 9.56 7.76
N PRO B 101 11.98 9.28 8.44
CA PRO B 101 11.75 9.89 9.76
C PRO B 101 12.80 9.53 10.81
N VAL B 102 13.52 8.41 10.61
CA VAL B 102 14.50 7.96 11.58
C VAL B 102 15.58 9.01 11.78
N GLY B 103 16.04 9.62 10.68
CA GLY B 103 17.03 10.69 10.80
C GLY B 103 16.50 11.89 11.54
N GLN B 104 15.21 12.18 11.40
CA GLN B 104 14.60 13.27 12.14
C GLN B 104 14.55 12.97 13.62
N LEU B 105 14.41 11.69 13.98
CA LEU B 105 14.31 11.30 15.38
C LEU B 105 15.56 11.69 16.16
N HIS B 106 16.75 11.45 15.58
CA HIS B 106 17.99 11.78 16.27
C HIS B 106 18.15 13.28 16.45
N ALA B 107 17.76 14.06 15.43
CA ALA B 107 17.84 15.51 15.54
C ALA B 107 16.91 16.04 16.64
N SER B 108 15.67 15.52 16.69
CA SER B 108 14.73 15.95 17.71
C SER B 108 15.19 15.53 19.10
N LEU B 109 15.77 14.33 19.22
CA LEU B 109 16.29 13.87 20.51
C LEU B 109 17.43 14.76 20.98
N LEU B 110 18.35 15.12 20.06
CA LEU B 110 19.43 16.02 20.40
C LEU B 110 18.89 17.38 20.83
N GLY B 111 17.86 17.86 20.13
CA GLY B 111 17.24 19.10 20.53
C GLY B 111 16.67 19.06 21.94
N LEU B 112 15.94 17.98 22.27
CA LEU B 112 15.35 17.88 23.60
C LEU B 112 16.43 17.79 24.67
N SER B 113 17.48 17.00 24.43
CA SER B 113 18.54 16.90 25.42
C SER B 113 19.28 18.22 25.59
N GLN B 114 19.40 19.01 24.51
CA GLN B 114 20.05 20.32 24.64
C GLN B 114 19.18 21.30 25.40
N LEU B 115 17.88 21.36 25.08
CA LEU B 115 16.98 22.23 25.82
C LEU B 115 16.79 21.81 27.27
N LEU B 116 17.07 20.56 27.63
CA LEU B 116 16.90 20.17 29.02
C LEU B 116 18.02 20.70 29.90
N GLN B 117 19.25 20.25 29.67
CA GLN B 117 20.38 20.59 30.53
C GLN B 117 21.60 20.85 29.66
N PRO B 118 21.88 22.13 29.35
CA PRO B 118 23.04 22.53 28.55
C PRO B 118 24.36 22.21 29.25
N SER B 132 27.52 -3.13 20.48
CA SER B 132 28.26 -4.19 19.79
C SER B 132 27.96 -4.19 18.30
N PRO B 133 28.98 -4.46 17.48
CA PRO B 133 28.75 -4.58 16.03
C PRO B 133 27.76 -5.69 15.73
N SER B 134 26.93 -5.46 14.71
CA SER B 134 25.83 -6.36 14.38
C SER B 134 25.77 -6.62 12.89
N GLN B 135 25.27 -7.81 12.55
CA GLN B 135 25.17 -8.25 11.17
C GLN B 135 24.02 -7.52 10.45
N PRO B 136 24.08 -7.45 9.12
CA PRO B 136 23.03 -6.72 8.38
C PRO B 136 21.64 -7.27 8.54
N TRP B 137 21.48 -8.53 8.95
CA TRP B 137 20.15 -9.08 9.19
C TRP B 137 19.63 -8.78 10.59
N GLN B 138 20.53 -8.61 11.56
CA GLN B 138 20.13 -8.28 12.92
C GLN B 138 19.54 -6.89 13.04
N ARG B 139 19.87 -6.00 12.12
CA ARG B 139 19.58 -4.57 12.30
C ARG B 139 18.11 -4.25 12.11
N LEU B 140 17.39 -4.98 11.25
CA LEU B 140 15.95 -4.77 11.14
C LEU B 140 15.25 -5.05 12.47
N LEU B 141 15.54 -6.21 13.06
CA LEU B 141 14.93 -6.57 14.34
C LEU B 141 15.36 -5.61 15.44
N LEU B 142 16.64 -5.22 15.45
CA LEU B 142 17.10 -4.30 16.49
C LEU B 142 16.42 -2.93 16.34
N ARG B 143 16.24 -2.46 15.11
CA ARG B 143 15.55 -1.20 14.89
C ARG B 143 14.10 -1.27 15.35
N PHE B 144 13.41 -2.37 15.06
CA PHE B 144 12.03 -2.52 15.51
C PHE B 144 11.93 -2.52 17.03
N LYS B 145 12.76 -3.30 17.72
CA LYS B 145 12.75 -3.34 19.18
C LYS B 145 13.17 -2.02 19.84
N ILE B 146 14.05 -1.26 19.18
CA ILE B 146 14.43 0.05 19.72
C ILE B 146 13.31 1.06 19.51
N LEU B 147 12.65 1.05 18.35
CA LEU B 147 11.53 1.96 18.16
C LEU B 147 10.38 1.62 19.11
N ARG B 148 10.16 0.32 19.34
CA ARG B 148 9.12 -0.10 20.26
C ARG B 148 9.39 0.41 21.68
N SER B 149 10.65 0.39 22.12
CA SER B 149 10.96 0.94 23.44
C SER B 149 10.88 2.47 23.44
N LEU B 150 11.29 3.09 22.33
CA LEU B 150 11.33 4.55 22.25
C LEU B 150 9.94 5.15 22.31
N GLN B 151 8.96 4.53 21.66
CA GLN B 151 7.59 5.06 21.74
C GLN B 151 7.07 5.04 23.18
N ALA B 152 7.32 3.94 23.88
CA ALA B 152 6.86 3.81 25.26
C ALA B 152 7.52 4.81 26.18
N PHE B 153 8.78 5.20 25.91
CA PHE B 153 9.40 6.20 26.77
C PHE B 153 8.99 7.62 26.37
N VAL B 154 8.92 7.91 25.08
CA VAL B 154 8.58 9.24 24.62
C VAL B 154 7.15 9.59 24.98
N ALA B 155 6.28 8.59 25.16
CA ALA B 155 4.92 8.88 25.63
C ALA B 155 4.92 9.55 27.00
N VAL B 156 5.62 8.96 27.97
CA VAL B 156 5.62 9.57 29.30
C VAL B 156 6.42 10.87 29.30
N ALA B 157 7.45 10.98 28.46
CA ALA B 157 8.19 12.24 28.38
C ALA B 157 7.29 13.37 27.88
N ALA B 158 6.54 13.12 26.80
CA ALA B 158 5.64 14.14 26.29
C ALA B 158 4.53 14.45 27.27
N ARG B 159 4.10 13.46 28.06
CA ARG B 159 3.07 13.74 29.06
C ARG B 159 3.60 14.65 30.16
N VAL B 160 4.78 14.36 30.70
CA VAL B 160 5.28 15.20 31.78
C VAL B 160 5.56 16.60 31.27
N PHE B 161 5.98 16.73 30.01
CA PHE B 161 6.15 18.09 29.48
C PHE B 161 4.81 18.76 29.19
N ALA B 162 3.76 17.98 28.91
CA ALA B 162 2.45 18.57 28.67
C ALA B 162 1.85 19.11 29.96
N HIS B 163 2.04 18.40 31.07
CA HIS B 163 1.46 18.86 32.33
C HIS B 163 2.15 20.10 32.85
N GLY B 164 3.46 20.24 32.59
CA GLY B 164 4.18 21.39 33.10
C GLY B 164 3.75 22.70 32.46
N ALA B 165 3.54 22.69 31.14
CA ALA B 165 3.22 23.91 30.42
C ALA B 165 1.81 24.40 30.64
N ALA B 166 1.05 23.80 31.56
CA ALA B 166 -0.27 24.27 31.90
C ALA B 166 -0.49 24.44 33.39
N THR B 167 0.42 23.96 34.24
CA THR B 167 0.32 24.14 35.68
C THR B 167 1.50 24.89 36.25
N LEU B 168 2.73 24.52 35.88
CA LEU B 168 3.93 25.11 36.45
C LEU B 168 4.49 26.24 35.60
N SER B 169 3.62 26.99 34.93
CA SER B 169 4.05 28.11 34.11
C SER B 169 4.64 29.21 34.98
N GLY C 1 16.59 -8.38 24.40
CA GLY C 1 17.69 -7.45 24.52
C GLY C 1 17.61 -6.34 23.49
N ILE C 2 17.73 -5.09 23.93
CA ILE C 2 17.57 -3.97 23.02
C ILE C 2 18.81 -3.72 22.17
N THR C 3 19.94 -4.34 22.49
CA THR C 3 21.16 -4.17 21.72
C THR C 3 21.59 -5.43 20.99
N ASN C 4 21.03 -6.58 21.32
CA ASN C 4 21.45 -7.86 20.77
C ASN C 4 20.26 -8.68 20.31
N ILE C 5 20.49 -9.57 19.34
CA ILE C 5 19.45 -10.49 18.91
C ILE C 5 19.97 -11.90 19.22
N ASN C 6 19.19 -12.67 19.95
CA ASN C 6 19.59 -14.03 20.31
C ASN C 6 19.05 -15.04 19.28
N CYS C 7 19.91 -15.81 18.65
CA CYS C 7 19.37 -16.81 17.76
C CYS C 7 18.86 -18.01 18.56
N SER C 8 17.85 -18.69 18.05
CA SER C 8 17.25 -19.83 18.72
C SER C 8 17.28 -21.05 17.80
N GLY C 9 18.36 -21.20 17.05
CA GLY C 9 18.46 -22.30 16.10
C GLY C 9 19.59 -22.04 15.13
N HIS C 10 19.38 -22.42 13.88
CA HIS C 10 20.36 -22.18 12.83
C HIS C 10 19.65 -22.25 11.50
N ILE C 11 20.31 -21.73 10.47
CA ILE C 11 19.75 -21.71 9.12
C ILE C 11 20.88 -21.77 8.10
N TRP C 12 20.70 -22.58 7.07
CA TRP C 12 21.67 -22.69 6.01
C TRP C 12 20.95 -22.82 4.69
N VAL C 13 21.59 -22.36 3.62
CA VAL C 13 21.01 -22.34 2.28
C VAL C 13 21.89 -23.16 1.35
N GLU C 14 21.24 -23.91 0.47
CA GLU C 14 21.89 -24.73 -0.55
C GLU C 14 21.82 -24.05 -1.91
N PRO C 15 22.91 -24.02 -2.66
CA PRO C 15 24.22 -24.65 -2.39
C PRO C 15 25.07 -23.92 -1.35
N ALA C 16 25.04 -22.60 -1.31
CA ALA C 16 25.86 -21.83 -0.38
C ALA C 16 25.25 -20.45 -0.19
N THR C 17 25.71 -19.75 0.85
CA THR C 17 25.27 -18.38 1.09
C THR C 17 25.62 -17.46 -0.07
N ILE C 18 26.70 -17.77 -0.78
CA ILE C 18 27.08 -17.06 -2.00
C ILE C 18 26.93 -18.02 -3.17
N PHE C 19 26.25 -17.56 -4.22
CA PHE C 19 25.92 -18.44 -5.33
C PHE C 19 25.75 -17.62 -6.60
N LYS C 20 25.74 -18.33 -7.73
CA LYS C 20 25.58 -17.69 -9.02
C LYS C 20 24.19 -17.10 -9.16
N MET C 21 24.13 -15.91 -9.74
CA MET C 21 22.88 -15.18 -9.89
C MET C 21 21.87 -15.97 -10.72
N GLY C 22 20.62 -15.99 -10.25
CA GLY C 22 19.52 -16.55 -11.02
C GLY C 22 19.29 -18.03 -10.86
N MET C 23 20.05 -18.73 -10.02
CA MET C 23 19.89 -20.17 -9.86
C MET C 23 18.70 -20.47 -8.96
N ASN C 24 18.49 -21.76 -8.70
CA ASN C 24 17.42 -22.24 -7.84
C ASN C 24 18.01 -22.61 -6.49
N ILE C 25 17.51 -21.98 -5.43
CA ILE C 25 18.06 -22.14 -4.09
C ILE C 25 17.01 -22.76 -3.18
N SER C 26 17.49 -23.35 -2.08
CA SER C 26 16.64 -23.97 -1.08
C SER C 26 17.10 -23.55 0.30
N ILE C 27 16.17 -23.04 1.10
CA ILE C 27 16.47 -22.50 2.43
C ILE C 27 15.88 -23.44 3.47
N TYR C 28 16.72 -24.00 4.32
CA TYR C 28 16.32 -24.95 5.34
C TYR C 28 16.47 -24.32 6.72
N CYS C 29 15.35 -24.01 7.36
CA CYS C 29 15.36 -23.49 8.71
C CYS C 29 15.03 -24.60 9.70
N GLN C 30 15.90 -24.79 10.69
CA GLN C 30 15.74 -25.85 11.68
C GLN C 30 15.53 -25.22 13.05
N ALA C 31 14.28 -25.15 13.48
CA ALA C 31 13.96 -24.51 14.75
C ALA C 31 14.45 -25.37 15.92
N ALA C 32 15.15 -24.73 16.85
CA ALA C 32 15.70 -25.40 18.02
C ALA C 32 15.20 -24.78 19.32
N ILE C 33 13.91 -24.44 19.35
CA ILE C 33 13.33 -23.82 20.54
C ILE C 33 13.19 -24.86 21.64
N LYS C 34 13.63 -24.50 22.85
CA LYS C 34 13.48 -25.39 24.00
C LYS C 34 12.03 -25.41 24.47
N ASN C 35 11.57 -26.61 24.85
CA ASN C 35 10.25 -26.81 25.45
C ASN C 35 9.13 -26.28 24.56
N CYS C 36 9.25 -26.49 23.26
CA CYS C 36 8.21 -26.11 22.31
C CYS C 36 8.41 -26.85 21.00
N GLN C 37 7.31 -27.34 20.42
CA GLN C 37 7.35 -27.83 19.06
C GLN C 37 6.79 -26.76 18.14
N PRO C 38 7.44 -26.47 17.01
CA PRO C 38 7.03 -25.33 16.20
C PRO C 38 5.71 -25.60 15.48
N ARG C 39 4.69 -24.82 15.81
CA ARG C 39 3.40 -24.96 15.14
C ARG C 39 3.51 -24.66 13.66
N LYS C 40 4.01 -23.47 13.33
CA LYS C 40 4.16 -23.03 11.96
C LYS C 40 5.44 -22.23 11.79
N LEU C 41 6.23 -22.59 10.78
CA LEU C 41 7.41 -21.81 10.48
C LEU C 41 6.97 -20.66 9.57
N HIS C 42 7.69 -19.55 9.62
CA HIS C 42 7.24 -18.37 8.91
C HIS C 42 8.42 -17.56 8.38
N PHE C 43 8.87 -17.89 7.18
CA PHE C 43 10.06 -17.22 6.66
C PHE C 43 9.75 -15.75 6.39
N TYR C 44 10.79 -14.91 6.45
CA TYR C 44 10.67 -13.51 6.10
C TYR C 44 11.80 -13.07 5.19
N LYS C 45 11.52 -12.10 4.32
CA LYS C 45 12.51 -11.55 3.40
C LYS C 45 12.49 -10.04 3.56
N ASN C 46 13.53 -9.48 4.16
CA ASN C 46 13.64 -8.03 4.41
C ASN C 46 12.45 -7.50 5.19
N GLY C 47 11.95 -8.32 6.12
CA GLY C 47 10.77 -7.96 6.89
C GLY C 47 9.45 -8.26 6.21
N ILE C 48 9.46 -8.86 5.03
CA ILE C 48 8.24 -9.18 4.29
C ILE C 48 8.09 -10.69 4.24
N LYS C 49 6.97 -11.19 4.74
CA LYS C 49 6.74 -12.63 4.74
C LYS C 49 6.44 -13.11 3.32
N GLU C 50 7.30 -13.94 2.75
CA GLU C 50 7.00 -14.53 1.45
C GLU C 50 6.20 -15.79 1.76
N ARG C 51 4.86 -15.70 1.69
CA ARG C 51 4.04 -16.83 2.11
C ARG C 51 4.03 -18.00 1.13
N PHE C 52 4.10 -17.73 -0.16
CA PHE C 52 3.96 -18.78 -1.16
C PHE C 52 5.18 -19.72 -1.23
N GLN C 53 4.94 -20.93 -1.77
CA GLN C 53 5.97 -21.94 -2.01
C GLN C 53 6.76 -22.41 -0.79
N ILE C 54 6.06 -22.82 0.27
CA ILE C 54 6.77 -23.44 1.39
C ILE C 54 6.34 -24.90 1.47
N THR C 55 7.27 -25.76 1.90
CA THR C 55 6.98 -27.16 2.13
C THR C 55 7.42 -27.58 3.53
N ARG C 56 6.49 -28.12 4.31
CA ARG C 56 6.82 -28.64 5.65
C ARG C 56 7.28 -30.08 5.50
N ILE C 57 8.59 -30.26 5.34
CA ILE C 57 9.15 -31.60 5.19
C ILE C 57 8.89 -32.43 6.44
N ASN C 58 9.12 -31.82 7.60
CA ASN C 58 9.18 -32.49 8.88
C ASN C 58 9.16 -31.42 9.97
N LYS C 59 8.83 -31.85 11.20
CA LYS C 59 8.29 -30.91 12.19
C LYS C 59 9.28 -29.82 12.54
N THR C 60 10.55 -30.15 12.70
CA THR C 60 11.53 -29.14 13.08
C THR C 60 11.94 -28.25 11.92
N THR C 61 12.03 -28.81 10.70
CA THR C 61 12.61 -28.11 9.57
C THR C 61 11.62 -28.00 8.43
N ALA C 62 11.38 -26.78 7.96
CA ALA C 62 10.61 -26.53 6.76
C ALA C 62 11.52 -25.94 5.69
N ARG C 63 11.16 -26.15 4.43
CA ARG C 63 11.97 -25.73 3.30
C ARG C 63 11.22 -24.70 2.47
N LEU C 64 11.92 -23.61 2.14
CA LEU C 64 11.40 -22.60 1.23
C LEU C 64 12.30 -22.65 0.01
N TRP C 65 11.71 -22.65 -1.17
CA TRP C 65 12.43 -22.86 -2.41
C TRP C 65 12.18 -21.70 -3.36
N TYR C 66 13.25 -21.07 -3.82
CA TYR C 66 13.18 -19.91 -4.69
C TYR C 66 13.49 -20.30 -6.13
N LYS C 67 12.79 -19.65 -7.07
CA LYS C 67 13.07 -19.79 -8.49
C LYS C 67 13.55 -18.46 -9.04
N ASN C 68 14.71 -18.48 -9.70
CA ASN C 68 15.31 -17.30 -10.31
C ASN C 68 15.55 -16.19 -9.29
N PHE C 69 16.41 -16.50 -8.32
CA PHE C 69 16.79 -15.54 -7.29
C PHE C 69 17.64 -14.44 -7.91
N LEU C 70 17.07 -13.24 -8.04
CA LEU C 70 17.71 -12.15 -8.76
C LEU C 70 18.08 -10.97 -7.87
N GLU C 71 18.17 -11.18 -6.54
CA GLU C 71 18.55 -10.01 -5.74
C GLU C 71 20.04 -10.04 -5.43
N PRO C 72 20.73 -8.92 -5.59
CA PRO C 72 22.14 -8.86 -5.15
C PRO C 72 22.31 -9.07 -3.65
N HIS C 73 21.36 -8.59 -2.85
CA HIS C 73 21.43 -8.74 -1.40
C HIS C 73 20.02 -8.92 -0.85
N ALA C 74 19.90 -9.74 0.18
CA ALA C 74 18.61 -9.97 0.83
C ALA C 74 18.86 -10.56 2.21
N SER C 75 18.11 -10.08 3.19
CA SER C 75 18.19 -10.59 4.56
C SER C 75 17.08 -11.61 4.76
N MET C 76 17.46 -12.83 5.13
CA MET C 76 16.51 -13.92 5.31
C MET C 76 16.62 -14.47 6.72
N TYR C 77 15.51 -14.41 7.46
CA TYR C 77 15.45 -15.05 8.77
C TYR C 77 14.11 -15.77 8.90
N CYS C 78 14.12 -16.87 9.62
CA CYS C 78 12.97 -17.74 9.78
C CYS C 78 12.41 -17.65 11.20
N THR C 79 11.08 -17.63 11.32
CA THR C 79 10.43 -17.45 12.60
C THR C 79 9.48 -18.63 12.85
N ALA C 80 8.93 -18.70 14.07
CA ALA C 80 8.10 -19.83 14.47
C ALA C 80 6.92 -19.37 15.30
N GLU C 81 5.90 -20.21 15.37
CA GLU C 81 4.71 -19.95 16.20
C GLU C 81 4.63 -21.03 17.28
N CYS C 82 4.85 -20.64 18.54
CA CYS C 82 4.71 -21.65 19.59
C CYS C 82 3.26 -21.74 20.06
N PRO C 83 2.78 -22.95 20.39
CA PRO C 83 1.35 -23.10 20.74
C PRO C 83 0.90 -22.25 21.92
N LYS C 84 1.78 -22.03 22.90
CA LYS C 84 1.39 -21.28 24.09
C LYS C 84 1.71 -19.80 24.01
N HIS C 85 2.74 -19.43 23.25
CA HIS C 85 3.18 -18.05 23.17
C HIS C 85 2.40 -17.31 22.09
N PHE C 86 2.21 -16.01 22.28
CA PHE C 86 1.39 -15.29 21.31
C PHE C 86 2.21 -14.79 20.13
N GLN C 87 3.39 -14.23 20.38
CA GLN C 87 4.17 -13.65 19.29
C GLN C 87 4.96 -14.74 18.58
N GLU C 88 5.37 -14.47 17.34
CA GLU C 88 6.22 -15.43 16.68
C GLU C 88 7.59 -15.46 17.38
N THR C 89 8.24 -16.62 17.38
CA THR C 89 9.54 -16.76 18.01
C THR C 89 10.65 -16.82 16.96
N LEU C 90 11.66 -15.96 17.09
CA LEU C 90 12.72 -15.93 16.09
C LEU C 90 13.64 -17.13 16.24
N ILE C 91 13.98 -17.79 15.13
CA ILE C 91 14.89 -18.92 15.19
C ILE C 91 16.32 -18.49 14.94
N CYS C 92 16.61 -18.02 13.73
CA CYS C 92 17.92 -17.46 13.36
C CYS C 92 17.78 -16.89 11.96
N GLY C 93 18.88 -16.33 11.44
CA GLY C 93 18.84 -15.72 10.14
C GLY C 93 20.19 -15.73 9.47
N LYS C 94 20.19 -15.41 8.18
CA LYS C 94 21.41 -15.33 7.40
C LYS C 94 21.24 -14.31 6.29
N ASP C 95 22.37 -13.80 5.82
CA ASP C 95 22.42 -12.83 4.73
C ASP C 95 23.10 -13.46 3.52
N ILE C 96 22.45 -13.36 2.36
CA ILE C 96 22.89 -14.03 1.15
C ILE C 96 23.13 -13.00 0.05
N SER C 97 24.22 -13.19 -0.69
CA SER C 97 24.60 -12.33 -1.81
C SER C 97 24.77 -13.16 -3.06
N SER C 98 24.26 -12.65 -4.19
CA SER C 98 24.32 -13.35 -5.47
C SER C 98 25.04 -12.48 -6.49
N GLY C 99 25.82 -13.13 -7.34
CA GLY C 99 26.60 -12.42 -8.35
C GLY C 99 27.05 -13.33 -9.47
N TYR C 100 28.19 -12.98 -10.06
CA TYR C 100 28.78 -13.71 -11.18
C TYR C 100 30.26 -13.96 -10.93
N PRO C 101 30.79 -15.05 -11.47
CA PRO C 101 32.24 -15.21 -11.52
C PRO C 101 32.85 -14.20 -12.47
N PRO C 102 34.10 -13.80 -12.26
CA PRO C 102 34.67 -12.71 -13.05
C PRO C 102 34.99 -13.16 -14.47
N ASP C 103 34.98 -12.19 -15.38
CA ASP C 103 35.35 -12.45 -16.76
C ASP C 103 36.87 -12.40 -16.92
N ILE C 104 37.33 -12.88 -18.07
CA ILE C 104 38.76 -12.79 -18.38
C ILE C 104 39.11 -11.36 -18.74
N PRO C 105 40.10 -10.75 -18.09
CA PRO C 105 40.47 -9.37 -18.45
C PRO C 105 41.30 -9.35 -19.72
N ASP C 106 41.02 -8.36 -20.56
CA ASP C 106 41.74 -8.16 -21.81
C ASP C 106 42.19 -6.71 -21.94
N GLU C 107 42.69 -6.33 -23.12
CA GLU C 107 43.05 -4.96 -23.43
C GLU C 107 44.07 -4.38 -22.45
N VAL C 108 44.99 -5.22 -21.99
CA VAL C 108 46.02 -4.76 -21.07
C VAL C 108 46.95 -3.82 -21.81
N THR C 109 47.10 -2.60 -21.30
CA THR C 109 48.06 -1.62 -21.77
C THR C 109 48.72 -0.94 -20.59
N CYS C 110 50.00 -0.59 -20.74
CA CYS C 110 50.67 0.21 -19.73
C CYS C 110 51.48 1.30 -20.41
N VAL C 111 51.47 2.51 -19.83
CA VAL C 111 52.22 3.65 -20.35
C VAL C 111 52.95 4.36 -19.22
N ILE C 112 54.20 4.73 -19.48
CA ILE C 112 54.87 5.78 -18.70
C ILE C 112 54.40 7.13 -19.20
N TYR C 113 54.06 8.05 -18.29
CA TYR C 113 53.76 9.43 -18.67
C TYR C 113 54.95 10.33 -18.35
N GLU C 114 55.32 11.17 -19.32
CA GLU C 114 56.47 12.06 -19.18
C GLU C 114 56.40 12.95 -17.94
N TYR C 115 57.53 13.07 -17.25
CA TYR C 115 57.69 13.72 -15.94
C TYR C 115 56.94 13.08 -14.77
N SER C 116 56.07 12.10 -15.01
CA SER C 116 55.21 11.62 -13.94
C SER C 116 55.96 10.74 -12.94
N GLY C 117 57.07 10.13 -13.33
CA GLY C 117 57.67 9.09 -12.53
C GLY C 117 56.81 7.88 -12.31
N ASN C 118 55.77 7.70 -13.13
CA ASN C 118 54.84 6.59 -13.00
C ASN C 118 54.69 5.87 -14.33
N MET C 119 54.46 4.57 -14.25
CA MET C 119 53.74 3.81 -15.26
C MET C 119 52.29 3.62 -14.84
N THR C 120 51.36 3.96 -15.71
CA THR C 120 49.94 3.68 -15.52
C THR C 120 49.52 2.45 -16.33
N CYS C 121 48.76 1.55 -15.70
CA CYS C 121 48.24 0.36 -16.36
C CYS C 121 46.72 0.28 -16.22
N THR C 122 46.05 -0.20 -17.27
CA THR C 122 44.60 -0.38 -17.26
C THR C 122 44.21 -1.62 -18.06
N TRP C 123 43.05 -2.18 -17.72
CA TRP C 123 42.53 -3.42 -18.29
C TRP C 123 41.02 -3.42 -18.15
N ASN C 124 40.33 -4.08 -19.08
CA ASN C 124 38.87 -4.03 -19.02
C ASN C 124 38.33 -4.95 -17.93
N ALA C 125 37.13 -4.64 -17.44
CA ALA C 125 36.54 -5.38 -16.33
C ALA C 125 35.62 -6.52 -16.75
N GLY C 126 34.97 -6.40 -17.91
CA GLY C 126 34.01 -7.41 -18.33
C GLY C 126 32.63 -7.16 -17.74
N LYS C 127 31.88 -8.25 -17.55
CA LYS C 127 30.52 -8.15 -17.05
C LYS C 127 30.49 -7.79 -15.56
N LEU C 128 29.37 -7.24 -15.12
CA LEU C 128 29.21 -6.83 -13.73
C LEU C 128 29.14 -8.06 -12.84
N THR C 129 30.03 -8.15 -11.86
CA THR C 129 30.08 -9.31 -10.98
C THR C 129 29.16 -9.20 -9.78
N TYR C 130 28.69 -7.99 -9.45
CA TYR C 130 27.71 -7.71 -8.40
C TYR C 130 28.24 -8.02 -7.00
N ILE C 131 29.45 -8.53 -6.85
CA ILE C 131 30.03 -8.87 -5.57
C ILE C 131 31.43 -8.27 -5.48
N ASP C 132 32.05 -8.42 -4.31
CA ASP C 132 33.39 -7.91 -4.06
C ASP C 132 34.36 -8.69 -4.94
N THR C 133 34.96 -7.99 -5.90
CA THR C 133 36.00 -8.56 -6.76
C THR C 133 37.27 -7.74 -6.60
N LYS C 134 38.41 -8.43 -6.55
CA LYS C 134 39.71 -7.82 -6.36
C LYS C 134 40.64 -8.18 -7.51
N TYR C 135 41.47 -7.22 -7.92
CA TYR C 135 42.38 -7.37 -9.05
C TYR C 135 43.81 -7.38 -8.53
N VAL C 136 44.59 -8.36 -8.96
CA VAL C 136 46.00 -8.49 -8.59
C VAL C 136 46.85 -8.33 -9.85
N VAL C 137 47.77 -7.38 -9.81
CA VAL C 137 48.61 -7.03 -10.96
C VAL C 137 50.01 -7.61 -10.74
N HIS C 138 50.46 -8.43 -11.67
CA HIS C 138 51.75 -9.10 -11.60
C HIS C 138 52.69 -8.50 -12.63
N VAL C 139 53.88 -8.09 -12.18
CA VAL C 139 54.87 -7.42 -13.03
C VAL C 139 56.19 -8.18 -12.93
N LYS C 140 56.45 -9.06 -13.90
CA LYS C 140 57.60 -9.94 -13.87
C LYS C 140 58.62 -9.49 -14.93
N SER C 141 59.90 -9.56 -14.58
CA SER C 141 60.98 -9.17 -15.47
C SER C 141 61.43 -10.33 -16.34
N LEU C 142 61.76 -10.02 -17.59
CA LEU C 142 62.33 -11.02 -18.51
C LEU C 142 63.83 -11.20 -18.34
N GLU C 143 64.50 -10.30 -17.62
CA GLU C 143 65.95 -10.32 -17.52
C GLU C 143 66.46 -10.90 -16.21
N THR C 144 65.86 -10.52 -15.08
CA THR C 144 66.23 -11.06 -13.78
C THR C 144 65.20 -12.02 -13.22
N GLU C 145 64.11 -12.28 -13.95
CA GLU C 145 63.04 -13.20 -13.56
C GLU C 145 62.36 -12.80 -12.26
N GLU C 146 62.46 -11.53 -11.85
CA GLU C 146 61.84 -11.05 -10.61
C GLU C 146 60.43 -10.55 -10.90
N GLU C 147 59.48 -10.95 -10.05
CA GLU C 147 58.08 -10.61 -10.22
C GLU C 147 57.59 -9.72 -9.09
N GLN C 148 56.82 -8.70 -9.43
CA GLN C 148 56.25 -7.76 -8.47
C GLN C 148 54.73 -7.80 -8.54
N GLN C 149 54.08 -8.04 -7.40
CA GLN C 149 52.62 -8.17 -7.33
C GLN C 149 52.01 -6.93 -6.70
N TYR C 150 50.81 -6.57 -7.18
CA TYR C 150 50.14 -5.34 -6.76
C TYR C 150 48.64 -5.58 -6.71
N LEU C 151 47.94 -4.73 -5.96
CA LEU C 151 46.52 -4.92 -5.65
C LEU C 151 45.75 -3.63 -5.89
N THR C 152 44.58 -3.74 -6.50
CA THR C 152 43.69 -2.59 -6.66
C THR C 152 42.25 -3.07 -6.77
N SER C 153 41.32 -2.15 -6.48
CA SER C 153 39.92 -2.36 -6.83
C SER C 153 39.59 -1.95 -8.25
N SER C 154 40.49 -1.26 -8.95
CA SER C 154 40.18 -0.76 -10.29
C SER C 154 41.42 -0.69 -11.16
N TYR C 155 42.29 0.28 -10.89
CA TYR C 155 43.51 0.51 -11.66
C TYR C 155 44.61 0.89 -10.69
N ILE C 156 45.85 0.96 -11.19
CA ILE C 156 47.00 1.29 -10.35
C ILE C 156 48.09 1.95 -11.19
N ASN C 157 49.03 2.59 -10.50
CA ASN C 157 50.29 3.00 -11.12
C ASN C 157 51.48 2.31 -10.45
N ILE C 158 52.52 2.04 -11.26
CA ILE C 158 53.82 1.57 -10.77
C ILE C 158 54.84 2.69 -10.96
N SER C 159 55.57 3.03 -9.90
CA SER C 159 56.61 4.04 -10.02
C SER C 159 57.75 3.57 -10.92
N THR C 160 58.22 4.47 -11.79
CA THR C 160 59.24 4.12 -12.79
C THR C 160 60.50 3.55 -12.17
N ASP C 161 60.92 4.08 -11.02
CA ASP C 161 62.21 3.77 -10.39
C ASP C 161 62.16 2.52 -9.52
N SER C 162 61.04 1.81 -9.48
CA SER C 162 60.96 0.47 -8.91
C SER C 162 61.29 -0.62 -9.92
N LEU C 163 61.31 -0.29 -11.21
CA LEU C 163 61.61 -1.23 -12.29
C LEU C 163 63.09 -1.18 -12.65
N GLN C 164 63.91 -1.54 -11.66
CA GLN C 164 65.36 -1.59 -11.78
C GLN C 164 65.88 -2.97 -12.19
N GLY C 165 65.03 -3.98 -12.27
CA GLY C 165 65.48 -5.32 -12.64
C GLY C 165 65.57 -5.53 -14.14
N GLY C 166 66.12 -4.55 -14.84
CA GLY C 166 66.27 -4.57 -16.28
C GLY C 166 65.31 -3.61 -16.97
N LYS C 167 65.08 -3.86 -18.26
CA LYS C 167 64.18 -3.06 -19.05
C LYS C 167 63.10 -3.86 -19.78
N LYS C 168 63.20 -5.19 -19.81
CA LYS C 168 62.21 -6.03 -20.47
C LYS C 168 61.40 -6.74 -19.38
N TYR C 169 60.10 -6.43 -19.32
CA TYR C 169 59.21 -6.92 -18.27
C TYR C 169 57.96 -7.55 -18.86
N LEU C 170 57.21 -8.24 -18.00
CA LEU C 170 55.98 -8.93 -18.37
C LEU C 170 54.92 -8.63 -17.33
N VAL C 171 53.75 -8.20 -17.80
CA VAL C 171 52.68 -7.72 -16.94
C VAL C 171 51.39 -8.46 -17.27
N TRP C 172 50.68 -8.87 -16.22
CA TRP C 172 49.38 -9.51 -16.39
C TRP C 172 48.61 -9.32 -15.09
N VAL C 173 47.28 -9.37 -15.19
CA VAL C 173 46.43 -9.08 -14.04
C VAL C 173 45.64 -10.34 -13.70
N GLN C 174 45.25 -10.45 -12.42
CA GLN C 174 44.47 -11.58 -11.94
C GLN C 174 43.24 -11.04 -11.25
N ALA C 175 42.06 -11.52 -11.64
CA ALA C 175 40.79 -11.09 -11.07
C ALA C 175 40.30 -12.16 -10.11
N ALA C 176 39.88 -11.74 -8.91
CA ALA C 176 39.54 -12.68 -7.85
C ALA C 176 38.26 -12.26 -7.16
N ASN C 177 37.39 -13.24 -6.92
CA ASN C 177 36.23 -13.06 -6.05
C ASN C 177 35.86 -14.43 -5.48
N ALA C 178 34.71 -14.50 -4.83
CA ALA C 178 34.28 -15.72 -4.15
C ALA C 178 33.76 -16.78 -5.12
N LEU C 179 33.21 -16.39 -6.26
CA LEU C 179 32.56 -17.34 -7.15
C LEU C 179 33.45 -17.76 -8.31
N GLY C 180 34.65 -17.21 -8.43
CA GLY C 180 35.54 -17.63 -9.49
C GLY C 180 36.75 -16.74 -9.58
N MET C 181 37.73 -17.21 -10.36
CA MET C 181 38.92 -16.40 -10.59
C MET C 181 39.47 -16.74 -11.96
N GLU C 182 39.79 -15.71 -12.75
CA GLU C 182 40.33 -15.90 -14.08
C GLU C 182 41.54 -15.00 -14.28
N GLU C 183 42.42 -15.37 -15.19
CA GLU C 183 43.65 -14.62 -15.41
C GLU C 183 43.65 -13.99 -16.80
N SER C 184 44.34 -12.86 -16.94
CA SER C 184 44.44 -12.17 -18.22
C SER C 184 45.57 -12.75 -19.05
N LYS C 185 45.62 -12.34 -20.32
CA LYS C 185 46.77 -12.69 -21.16
C LYS C 185 47.99 -11.87 -20.75
N GLN C 186 49.18 -12.41 -20.99
CA GLN C 186 50.40 -11.73 -20.59
C GLN C 186 50.79 -10.68 -21.63
N LEU C 187 51.05 -9.45 -21.16
CA LEU C 187 51.34 -8.32 -22.03
C LEU C 187 52.82 -7.96 -21.95
N GLN C 188 53.46 -7.79 -23.11
CA GLN C 188 54.89 -7.52 -23.15
C GLN C 188 55.14 -6.02 -23.25
N ILE C 189 55.97 -5.50 -22.36
CA ILE C 189 56.22 -4.08 -22.24
C ILE C 189 57.72 -3.82 -22.22
N HIS C 190 58.15 -2.72 -22.82
CA HIS C 190 59.51 -2.22 -22.64
C HIS C 190 59.39 -0.75 -22.27
N LEU C 191 60.22 -0.31 -21.31
CA LEU C 191 59.99 1.01 -20.73
C LEU C 191 60.31 2.14 -21.69
N ASP C 192 61.24 1.93 -22.63
CA ASP C 192 61.52 2.98 -23.60
C ASP C 192 60.33 3.21 -24.54
N ASP C 193 59.71 2.13 -25.00
CA ASP C 193 58.63 2.25 -25.97
C ASP C 193 57.34 2.80 -25.34
N ILE C 194 57.09 2.52 -24.07
CA ILE C 194 55.81 2.91 -23.48
C ILE C 194 55.75 4.35 -22.95
N VAL C 195 56.70 5.20 -23.31
CA VAL C 195 56.67 6.59 -22.84
C VAL C 195 55.78 7.42 -23.75
N ILE C 196 54.84 8.13 -23.16
CA ILE C 196 53.97 9.09 -23.85
C ILE C 196 54.33 10.49 -23.39
N PRO C 197 54.49 11.47 -24.30
CA PRO C 197 54.90 12.82 -23.89
C PRO C 197 53.80 13.57 -23.13
N SER C 198 54.13 14.78 -22.66
CA SER C 198 53.15 15.61 -21.97
C SER C 198 52.04 16.05 -22.91
N ALA C 199 50.88 16.35 -22.33
CA ALA C 199 49.68 16.64 -23.11
C ALA C 199 49.86 17.91 -23.93
N ALA C 200 49.38 17.87 -25.17
CA ALA C 200 49.40 19.03 -26.06
C ALA C 200 48.07 19.76 -26.01
N VAL C 201 48.13 21.09 -25.91
CA VAL C 201 46.97 21.95 -25.77
C VAL C 201 46.97 22.98 -26.90
N ILE C 202 45.80 23.19 -27.49
CA ILE C 202 45.64 24.25 -28.48
C ILE C 202 45.51 25.58 -27.77
N SER C 203 46.22 26.59 -28.26
CA SER C 203 46.14 27.91 -27.65
C SER C 203 45.04 28.78 -28.26
N ARG C 204 45.06 28.97 -29.58
CA ARG C 204 44.14 29.89 -30.23
C ARG C 204 44.03 29.52 -31.70
N ALA C 205 43.26 30.33 -32.43
CA ALA C 205 43.07 30.12 -33.87
C ALA C 205 42.59 31.43 -34.49
N GLU C 206 43.24 31.85 -35.57
CA GLU C 206 42.85 33.03 -36.33
C GLU C 206 42.84 32.70 -37.82
N THR C 207 42.03 33.46 -38.56
CA THR C 207 41.90 33.31 -40.00
C THR C 207 42.39 34.58 -40.68
N ILE C 208 43.18 34.41 -41.74
CA ILE C 208 43.76 35.52 -42.48
C ILE C 208 42.98 35.72 -43.78
N ASN C 209 42.58 36.96 -44.03
CA ASN C 209 41.84 37.31 -45.24
C ASN C 209 42.83 37.54 -46.37
N ALA C 210 43.02 36.51 -47.21
CA ALA C 210 43.90 36.56 -48.35
C ALA C 210 43.10 36.27 -49.62
N THR C 211 43.81 36.06 -50.73
CA THR C 211 43.16 35.65 -51.98
C THR C 211 42.40 34.34 -51.78
N VAL C 212 42.97 33.42 -51.01
CA VAL C 212 42.27 32.23 -50.53
C VAL C 212 42.28 32.31 -49.00
N PRO C 213 41.14 32.17 -48.33
CA PRO C 213 41.13 32.32 -46.86
C PRO C 213 41.96 31.26 -46.17
N LYS C 214 42.91 31.72 -45.35
CA LYS C 214 43.84 30.85 -44.65
C LYS C 214 43.57 30.90 -43.16
N THR C 215 43.36 29.74 -42.56
CA THR C 215 43.13 29.61 -41.12
C THR C 215 44.34 28.93 -40.49
N ILE C 216 44.92 29.57 -39.48
CA ILE C 216 46.09 29.04 -38.80
C ILE C 216 45.68 28.61 -37.40
N ILE C 217 46.15 27.43 -36.97
CA ILE C 217 45.84 26.87 -35.67
C ILE C 217 47.12 26.85 -34.85
N TYR C 218 47.06 27.38 -33.63
CA TYR C 218 48.23 27.63 -32.80
C TYR C 218 48.20 26.69 -31.59
N TRP C 219 49.24 25.89 -31.42
CA TRP C 219 49.24 24.87 -30.36
C TRP C 219 50.66 24.53 -29.98
N ASP C 220 50.80 23.93 -28.80
CA ASP C 220 52.11 23.61 -28.25
C ASP C 220 51.99 22.42 -27.32
N SER C 221 53.12 21.75 -27.09
CA SER C 221 53.25 20.71 -26.08
C SER C 221 54.54 20.93 -25.32
N GLN C 222 54.51 20.66 -24.01
CA GLN C 222 55.64 20.92 -23.13
C GLN C 222 56.60 19.74 -23.03
N THR C 223 56.63 18.88 -24.05
CA THR C 223 57.50 17.71 -23.99
C THR C 223 58.95 18.08 -24.24
N THR C 224 59.85 17.20 -23.78
CA THR C 224 61.27 17.34 -24.03
C THR C 224 61.80 16.32 -25.05
N ILE C 225 60.94 15.50 -25.63
CA ILE C 225 61.36 14.48 -26.59
C ILE C 225 61.68 15.17 -27.91
N GLU C 226 62.85 14.85 -28.47
CA GLU C 226 63.28 15.53 -29.70
C GLU C 226 62.44 15.09 -30.89
N LYS C 227 62.23 13.78 -31.06
CA LYS C 227 61.54 13.25 -32.21
C LYS C 227 60.09 12.98 -31.81
N VAL C 228 59.15 13.74 -32.38
CA VAL C 228 57.74 13.60 -32.04
C VAL C 228 56.89 13.72 -33.30
N SER C 229 55.97 12.77 -33.49
CA SER C 229 55.02 12.82 -34.58
C SER C 229 53.63 13.01 -34.01
N CYS C 230 52.78 13.75 -34.73
CA CYS C 230 51.45 14.05 -34.19
C CYS C 230 50.40 13.88 -35.27
N GLU C 231 49.14 13.82 -34.83
CA GLU C 231 47.98 13.76 -35.71
C GLU C 231 46.91 14.71 -35.17
N MET C 232 46.12 15.30 -36.08
CA MET C 232 45.13 16.28 -35.66
C MET C 232 43.83 16.02 -36.42
N ARG C 233 42.70 16.17 -35.74
CA ARG C 233 41.39 16.00 -36.38
C ARG C 233 40.71 17.35 -36.51
N TYR C 234 40.25 17.69 -37.72
CA TYR C 234 39.46 18.90 -37.93
C TYR C 234 38.20 18.57 -38.73
N LYS C 235 37.07 19.17 -38.35
CA LYS C 235 35.84 18.91 -39.09
C LYS C 235 34.87 20.05 -38.83
N ALA C 236 33.91 20.18 -39.73
CA ALA C 236 32.83 21.15 -39.53
C ALA C 236 31.87 20.64 -38.46
N THR C 237 31.15 21.58 -37.84
CA THR C 237 30.22 21.18 -36.79
C THR C 237 29.04 20.39 -37.36
N THR C 238 28.71 20.59 -38.63
CA THR C 238 27.60 19.90 -39.27
C THR C 238 28.01 18.59 -39.93
N ASN C 239 29.30 18.27 -39.96
CA ASN C 239 29.80 17.06 -40.59
C ASN C 239 30.16 16.01 -39.54
N GLN C 240 30.01 14.75 -39.93
CA GLN C 240 30.31 13.64 -39.03
C GLN C 240 31.68 13.01 -39.30
N THR C 241 32.30 13.30 -40.44
CA THR C 241 33.58 12.71 -40.80
C THR C 241 34.73 13.53 -40.23
N TRP C 242 35.84 12.85 -39.96
CA TRP C 242 37.04 13.47 -39.41
C TRP C 242 38.10 13.57 -40.50
N ASN C 243 38.90 14.64 -40.43
CA ASN C 243 40.00 14.86 -41.37
C ASN C 243 41.31 15.01 -40.61
N VAL C 244 42.26 14.11 -40.86
CA VAL C 244 43.48 14.00 -40.09
C VAL C 244 44.70 14.11 -41.01
N LYS C 245 45.74 14.81 -40.53
CA LYS C 245 46.99 15.00 -41.26
C LYS C 245 48.15 14.71 -40.32
N GLU C 246 49.27 14.24 -40.89
CA GLU C 246 50.45 13.86 -40.11
C GLU C 246 51.49 14.98 -40.08
N PHE C 247 52.17 15.12 -38.93
CA PHE C 247 53.23 16.10 -38.73
C PHE C 247 54.45 15.46 -38.08
N ASP C 248 55.62 16.05 -38.35
CA ASP C 248 56.84 15.78 -37.60
C ASP C 248 57.23 17.08 -36.90
N THR C 249 57.09 17.12 -35.58
CA THR C 249 57.18 18.37 -34.85
C THR C 249 58.33 18.37 -33.85
N ASN C 250 59.03 19.49 -33.77
CA ASN C 250 60.01 19.76 -32.71
C ASN C 250 59.43 20.85 -31.83
N PHE C 251 59.29 20.57 -30.53
CA PHE C 251 58.55 21.45 -29.65
C PHE C 251 59.43 22.49 -28.95
N THR C 252 60.52 22.89 -29.59
CA THR C 252 61.31 24.02 -29.11
C THR C 252 60.56 25.34 -29.21
N TYR C 253 59.59 25.43 -30.11
CA TYR C 253 58.77 26.62 -30.29
C TYR C 253 57.34 26.20 -30.58
N VAL C 254 56.44 27.18 -30.60
CA VAL C 254 55.03 26.91 -30.88
C VAL C 254 54.86 26.66 -32.37
N GLN C 255 54.46 25.44 -32.71
CA GLN C 255 54.33 25.05 -34.12
C GLN C 255 53.12 25.70 -34.75
N GLN C 256 53.25 26.12 -36.01
CA GLN C 256 52.19 26.80 -36.72
C GLN C 256 51.78 25.98 -37.94
N SER C 257 50.51 26.08 -38.30
CA SER C 257 49.97 25.29 -39.41
C SER C 257 48.79 26.01 -40.03
N GLU C 258 48.77 26.10 -41.36
CA GLU C 258 47.75 26.84 -42.08
C GLU C 258 46.71 25.90 -42.66
N PHE C 259 45.50 26.42 -42.86
CA PHE C 259 44.39 25.64 -43.40
C PHE C 259 43.58 26.48 -44.36
N TYR C 260 43.05 25.83 -45.40
CA TYR C 260 42.14 26.46 -46.35
C TYR C 260 40.74 25.92 -46.08
N LEU C 261 39.93 26.70 -45.36
CA LEU C 261 38.62 26.28 -44.92
C LEU C 261 37.54 27.19 -45.51
N GLU C 262 36.34 26.65 -45.62
CA GLU C 262 35.23 27.41 -46.19
C GLU C 262 34.82 28.54 -45.24
N PRO C 263 34.44 29.70 -45.77
CA PRO C 263 34.06 30.82 -44.91
C PRO C 263 32.71 30.59 -44.24
N ASN C 264 32.53 31.28 -43.11
CA ASN C 264 31.27 31.28 -42.35
C ASN C 264 30.85 29.87 -41.92
N ILE C 265 31.82 29.03 -41.58
CA ILE C 265 31.57 27.68 -41.09
C ILE C 265 32.38 27.46 -39.83
N LYS C 266 31.71 26.96 -38.78
CA LYS C 266 32.38 26.68 -37.52
C LYS C 266 33.02 25.30 -37.56
N TYR C 267 34.28 25.22 -37.18
CA TYR C 267 35.03 23.96 -37.19
C TYR C 267 35.43 23.58 -35.77
N VAL C 268 35.84 22.32 -35.60
CA VAL C 268 36.30 21.81 -34.31
C VAL C 268 37.62 21.08 -34.53
N PHE C 269 38.54 21.20 -33.56
CA PHE C 269 39.91 20.72 -33.73
C PHE C 269 40.38 19.94 -32.50
N GLN C 270 41.18 18.89 -32.73
CA GLN C 270 41.73 18.10 -31.64
C GLN C 270 43.10 17.57 -32.06
N VAL C 271 43.95 17.21 -31.07
CA VAL C 271 45.31 16.78 -31.39
C VAL C 271 45.70 15.57 -30.55
N ARG C 272 46.62 14.78 -31.08
CA ARG C 272 47.23 13.67 -30.37
C ARG C 272 48.65 13.50 -30.89
N CYS C 273 49.56 13.02 -30.03
CA CYS C 273 50.94 12.91 -30.44
C CYS C 273 51.52 11.63 -29.86
N GLN C 274 52.73 11.30 -30.30
CA GLN C 274 53.42 10.13 -29.78
C GLN C 274 54.93 10.29 -29.99
N GLU C 275 55.70 9.55 -29.20
CA GLU C 275 57.12 9.47 -29.45
C GLU C 275 57.25 8.68 -30.75
N THR C 276 58.06 9.18 -31.70
CA THR C 276 58.08 8.58 -33.03
C THR C 276 58.43 7.09 -32.95
N GLY C 277 57.61 6.28 -33.62
CA GLY C 277 57.84 4.85 -33.69
C GLY C 277 57.22 4.07 -32.56
N LYS C 278 56.89 4.72 -31.45
CA LYS C 278 56.37 4.03 -30.28
C LYS C 278 54.95 3.51 -30.53
N ARG C 279 54.53 2.57 -29.69
CA ARG C 279 53.23 1.92 -29.89
C ARG C 279 52.04 2.82 -29.56
N TYR C 280 52.13 3.60 -28.48
CA TYR C 280 50.94 4.31 -27.99
C TYR C 280 50.90 5.76 -28.46
N TRP C 281 49.67 6.29 -28.56
CA TRP C 281 49.44 7.67 -28.94
C TRP C 281 48.82 8.43 -27.77
N GLN C 282 48.84 9.76 -27.86
CA GLN C 282 48.13 10.55 -26.87
C GLN C 282 46.63 10.44 -27.12
N PRO C 283 45.79 10.71 -26.12
CA PRO C 283 44.35 10.80 -26.41
C PRO C 283 44.10 12.10 -27.15
N TRP C 284 42.97 12.15 -27.88
CA TRP C 284 42.68 13.38 -28.62
C TRP C 284 42.45 14.54 -27.65
N SER C 285 43.02 15.70 -27.98
CA SER C 285 42.92 16.87 -27.09
C SER C 285 41.48 17.36 -26.99
N SER C 286 41.21 18.17 -25.98
CA SER C 286 39.87 18.71 -25.77
C SER C 286 39.38 19.44 -27.03
N LEU C 287 38.07 19.67 -27.11
CA LEU C 287 37.49 20.19 -28.34
C LEU C 287 37.67 21.70 -28.43
N PHE C 288 38.27 22.17 -29.52
CA PHE C 288 38.42 23.60 -29.79
C PHE C 288 37.49 23.98 -30.94
N PHE C 289 36.57 24.91 -30.69
CA PHE C 289 35.61 25.35 -31.68
C PHE C 289 36.03 26.69 -32.26
N HIS C 290 36.13 26.77 -33.60
CA HIS C 290 36.51 27.99 -34.28
C HIS C 290 35.62 28.19 -35.50
N LYS C 291 35.20 29.43 -35.73
CA LYS C 291 34.33 29.79 -36.84
C LYS C 291 35.06 30.72 -37.79
N THR C 292 35.11 30.34 -39.06
CA THR C 292 35.73 31.19 -40.07
C THR C 292 34.84 32.40 -40.36
N PRO C 293 35.44 33.55 -40.70
CA PRO C 293 34.67 34.77 -41.02
C PRO C 293 33.82 34.60 -42.27
N CYS D 1 -32.03 -40.17 28.90
CA CYS D 1 -31.46 -39.38 29.98
C CYS D 1 -31.31 -37.91 29.57
N ARG D 2 -30.65 -37.68 28.44
CA ARG D 2 -30.43 -36.33 27.96
C ARG D 2 -30.46 -36.32 26.45
N THR D 3 -30.47 -35.12 25.88
CA THR D 3 -30.57 -34.99 24.43
C THR D 3 -29.26 -35.33 23.74
N SER D 4 -28.13 -35.13 24.42
CA SER D 4 -26.81 -35.34 23.83
C SER D 4 -25.99 -36.37 24.58
N GLU D 5 -26.61 -37.17 25.44
CA GLU D 5 -25.88 -38.16 26.22
C GLU D 5 -26.47 -39.54 26.00
N CYS D 6 -25.62 -40.52 25.72
CA CYS D 6 -26.07 -41.88 25.55
C CYS D 6 -26.53 -42.46 26.89
N CYS D 7 -27.63 -43.21 26.84
CA CYS D 7 -28.16 -43.88 28.03
C CYS D 7 -27.73 -45.34 28.01
N PHE D 8 -26.99 -45.75 29.03
CA PHE D 8 -26.51 -47.13 29.11
C PHE D 8 -27.53 -48.02 29.81
N GLN D 9 -28.74 -48.01 29.27
CA GLN D 9 -29.83 -48.84 29.75
C GLN D 9 -30.53 -49.49 28.56
N ASP D 10 -31.46 -50.38 28.86
CA ASP D 10 -32.15 -51.09 27.79
C ASP D 10 -33.06 -50.13 27.03
N PRO D 11 -33.18 -50.29 25.71
CA PRO D 11 -34.20 -49.56 24.97
C PRO D 11 -35.58 -49.99 25.46
N PRO D 12 -36.54 -49.08 25.51
CA PRO D 12 -37.83 -49.45 26.10
C PRO D 12 -38.74 -50.14 25.11
N TYR D 13 -38.18 -51.00 24.26
CA TYR D 13 -38.95 -51.73 23.27
C TYR D 13 -38.22 -53.04 22.99
N PRO D 14 -38.93 -54.09 22.57
CA PRO D 14 -38.28 -55.37 22.31
C PRO D 14 -37.46 -55.34 21.03
N ASP D 15 -36.71 -56.42 20.81
CA ASP D 15 -35.82 -56.53 19.67
C ASP D 15 -36.59 -56.83 18.39
N ALA D 16 -35.87 -56.76 17.27
CA ALA D 16 -36.48 -56.86 15.93
C ALA D 16 -36.48 -58.30 15.46
N ASP D 17 -37.68 -58.90 15.35
CA ASP D 17 -37.84 -60.21 14.75
C ASP D 17 -38.59 -60.18 13.43
N SER D 18 -39.21 -59.05 13.06
CA SER D 18 -40.04 -59.01 11.86
C SER D 18 -39.20 -59.10 10.60
N GLY D 19 -38.13 -58.32 10.52
CA GLY D 19 -37.29 -58.33 9.33
C GLY D 19 -37.97 -57.79 8.09
N SER D 20 -38.76 -56.73 8.23
CA SER D 20 -39.42 -56.12 7.08
C SER D 20 -38.41 -55.38 6.21
N ALA D 21 -38.72 -55.32 4.91
CA ALA D 21 -37.83 -54.65 3.97
C ALA D 21 -37.74 -53.15 4.24
N SER D 22 -38.87 -52.52 4.55
CA SER D 22 -38.90 -51.09 4.80
C SER D 22 -38.31 -50.78 6.18
N GLY D 23 -37.39 -49.83 6.22
CA GLY D 23 -36.76 -49.44 7.47
C GLY D 23 -35.53 -48.58 7.29
N PRO D 24 -34.72 -48.47 8.34
CA PRO D 24 -33.52 -47.63 8.27
C PRO D 24 -32.39 -48.30 7.53
N ARG D 25 -31.62 -47.49 6.80
CA ARG D 25 -30.53 -47.98 5.98
C ARG D 25 -29.50 -46.86 5.80
N ASP D 26 -28.32 -47.24 5.34
CA ASP D 26 -27.23 -46.32 4.98
C ASP D 26 -26.82 -45.45 6.17
N LEU D 27 -26.27 -46.11 7.18
CA LEU D 27 -25.80 -45.43 8.37
C LEU D 27 -24.32 -45.07 8.22
N ARG D 28 -24.04 -43.77 8.18
CA ARG D 28 -22.67 -43.27 8.10
C ARG D 28 -22.48 -42.19 9.16
N CYS D 29 -21.30 -42.19 9.79
CA CYS D 29 -20.98 -41.23 10.84
C CYS D 29 -19.68 -40.53 10.50
N TYR D 30 -19.72 -39.20 10.46
CA TYR D 30 -18.54 -38.39 10.18
C TYR D 30 -18.22 -37.52 11.40
N ARG D 31 -17.02 -36.95 11.39
CA ARG D 31 -16.59 -36.02 12.43
C ARG D 31 -16.57 -34.63 11.84
N ILE D 32 -17.47 -33.76 12.31
CA ILE D 32 -17.65 -32.48 11.67
C ILE D 32 -16.79 -31.38 12.27
N SER D 33 -16.39 -31.51 13.53
CA SER D 33 -15.62 -30.49 14.21
C SER D 33 -14.56 -31.17 15.06
N SER D 34 -13.97 -30.41 15.98
CA SER D 34 -12.95 -30.98 16.85
C SER D 34 -13.55 -31.92 17.89
N ASP D 35 -14.79 -31.66 18.32
CA ASP D 35 -15.41 -32.55 19.30
C ASP D 35 -16.90 -32.78 19.03
N ARG D 36 -17.33 -32.69 17.78
CA ARG D 36 -18.73 -32.97 17.44
C ARG D 36 -18.80 -33.96 16.29
N TYR D 37 -19.67 -34.95 16.43
CA TYR D 37 -19.88 -35.97 15.41
C TYR D 37 -21.37 -36.04 15.08
N GLU D 38 -21.66 -36.51 13.86
CA GLU D 38 -23.04 -36.66 13.42
C GLU D 38 -23.19 -38.00 12.72
N CYS D 39 -24.39 -38.56 12.79
CA CYS D 39 -24.72 -39.82 12.13
C CYS D 39 -26.02 -39.64 11.37
N SER D 40 -26.02 -40.01 10.10
CA SER D 40 -27.17 -39.83 9.22
C SER D 40 -27.57 -41.15 8.59
N TRP D 41 -28.87 -41.36 8.44
CA TRP D 41 -29.41 -42.54 7.79
C TRP D 41 -30.64 -42.15 6.98
N GLN D 42 -31.14 -43.10 6.21
CA GLN D 42 -32.35 -42.92 5.42
C GLN D 42 -33.38 -43.97 5.80
N TYR D 43 -34.65 -43.58 5.80
CA TYR D 43 -35.75 -44.47 6.14
C TYR D 43 -36.52 -44.84 4.89
N GLU D 44 -36.89 -46.11 4.79
CA GLU D 44 -37.61 -46.64 3.65
C GLU D 44 -39.07 -46.87 4.06
N GLY D 45 -39.99 -46.36 3.24
CA GLY D 45 -41.40 -46.55 3.49
C GLY D 45 -42.07 -45.34 4.11
N PRO D 46 -43.34 -45.47 4.47
CA PRO D 46 -44.07 -44.35 5.08
C PRO D 46 -43.51 -43.99 6.44
N THR D 47 -43.67 -42.71 6.80
CA THR D 47 -43.17 -42.17 8.05
C THR D 47 -44.31 -41.86 9.02
N ALA D 48 -45.35 -42.69 9.02
CA ALA D 48 -46.52 -42.46 9.87
C ALA D 48 -46.24 -43.02 11.25
N GLY D 49 -45.82 -42.15 12.17
CA GLY D 49 -45.57 -42.54 13.55
C GLY D 49 -44.37 -43.46 13.70
N VAL D 50 -43.22 -43.03 13.19
CA VAL D 50 -42.00 -43.81 13.23
C VAL D 50 -40.99 -43.10 14.12
N SER D 51 -40.44 -43.83 15.09
CA SER D 51 -39.42 -43.31 15.97
C SER D 51 -38.13 -44.10 15.75
N HIS D 52 -37.05 -43.39 15.45
CA HIS D 52 -35.75 -44.00 15.22
C HIS D 52 -34.90 -43.96 16.48
N PHE D 53 -33.98 -44.91 16.59
CA PHE D 53 -33.04 -44.96 17.69
C PHE D 53 -31.68 -45.37 17.16
N LEU D 54 -30.64 -44.67 17.61
CA LEU D 54 -29.26 -45.00 17.29
C LEU D 54 -28.66 -45.82 18.42
N ARG D 55 -28.05 -46.94 18.10
CA ARG D 55 -27.50 -47.86 19.10
C ARG D 55 -26.00 -47.97 18.92
N CYS D 56 -25.30 -48.06 20.05
CA CYS D 56 -23.84 -48.16 20.07
C CYS D 56 -23.43 -49.21 21.10
N CYS D 57 -22.31 -49.88 20.82
CA CYS D 57 -21.77 -50.89 21.72
C CYS D 57 -20.26 -50.77 21.75
N LEU D 58 -19.70 -50.46 22.92
CA LEU D 58 -18.28 -50.18 23.05
C LEU D 58 -17.48 -51.47 23.06
N SER D 59 -16.16 -51.32 23.22
CA SER D 59 -15.27 -52.48 23.25
C SER D 59 -15.51 -53.34 24.49
N SER D 60 -15.80 -52.71 25.62
CA SER D 60 -16.06 -53.45 26.85
C SER D 60 -17.33 -54.28 26.79
N GLY D 61 -18.18 -54.05 25.80
CA GLY D 61 -19.40 -54.80 25.63
C GLY D 61 -20.65 -54.10 26.10
N ARG D 62 -20.51 -53.08 26.95
CA ARG D 62 -21.68 -52.33 27.40
C ARG D 62 -22.27 -51.55 26.24
N CYS D 63 -23.59 -51.60 26.11
CA CYS D 63 -24.28 -51.00 24.98
C CYS D 63 -25.18 -49.87 25.46
N CYS D 64 -25.30 -48.85 24.62
CA CYS D 64 -26.08 -47.65 24.95
C CYS D 64 -26.84 -47.22 23.70
N TYR D 65 -27.71 -46.23 23.87
CA TYR D 65 -28.56 -45.80 22.76
C TYR D 65 -28.90 -44.32 22.92
N PHE D 66 -29.25 -43.71 21.79
CA PHE D 66 -29.72 -42.34 21.75
C PHE D 66 -31.20 -42.31 21.38
N ALA D 67 -31.89 -41.28 21.85
CA ALA D 67 -33.30 -41.08 21.54
C ALA D 67 -33.40 -40.02 20.44
N ALA D 68 -33.34 -40.46 19.19
CA ALA D 68 -33.35 -39.55 18.05
C ALA D 68 -34.74 -39.05 17.69
N GLY D 69 -35.79 -39.60 18.32
CA GLY D 69 -37.13 -39.17 17.98
C GLY D 69 -37.50 -39.56 16.56
N SER D 70 -38.13 -38.64 15.85
CA SER D 70 -38.53 -38.85 14.46
C SER D 70 -37.54 -38.25 13.46
N ALA D 71 -36.46 -37.65 13.93
CA ALA D 71 -35.47 -37.08 13.02
C ALA D 71 -34.67 -38.18 12.33
N THR D 72 -34.10 -37.84 11.19
CA THR D 72 -33.33 -38.78 10.38
C THR D 72 -31.83 -38.74 10.69
N ARG D 73 -31.40 -37.88 11.61
CA ARG D 73 -29.99 -37.80 11.95
C ARG D 73 -29.86 -37.23 13.34
N LEU D 74 -28.66 -37.38 13.92
CA LEU D 74 -28.40 -37.02 15.29
C LEU D 74 -26.98 -36.49 15.41
N GLN D 75 -26.75 -35.66 16.43
CA GLN D 75 -25.44 -35.10 16.71
C GLN D 75 -25.11 -35.32 18.18
N PHE D 76 -23.82 -35.53 18.45
CA PHE D 76 -23.36 -35.70 19.82
C PHE D 76 -21.90 -35.32 19.91
N SER D 77 -21.44 -35.07 21.13
CA SER D 77 -20.07 -34.70 21.40
C SER D 77 -19.34 -35.86 22.08
N ASP D 78 -18.01 -35.73 22.17
CA ASP D 78 -17.17 -36.84 22.59
C ASP D 78 -17.38 -37.24 24.05
N GLN D 79 -18.04 -36.41 24.84
CA GLN D 79 -18.30 -36.74 26.24
C GLN D 79 -19.60 -37.50 26.43
N ALA D 80 -20.29 -37.82 25.34
CA ALA D 80 -21.54 -38.57 25.43
C ALA D 80 -21.34 -40.02 25.85
N GLY D 81 -20.10 -40.50 25.89
CA GLY D 81 -19.82 -41.88 26.21
C GLY D 81 -19.50 -42.75 25.01
N VAL D 82 -19.84 -42.30 23.82
CA VAL D 82 -19.49 -43.03 22.61
C VAL D 82 -17.99 -42.90 22.40
N SER D 83 -17.30 -44.04 22.33
CA SER D 83 -15.85 -44.02 22.23
C SER D 83 -15.41 -43.46 20.89
N VAL D 84 -14.42 -42.58 20.92
CA VAL D 84 -13.93 -41.93 19.72
C VAL D 84 -12.49 -42.31 19.38
N LEU D 85 -11.74 -42.88 20.30
CA LEU D 85 -10.38 -43.33 20.05
C LEU D 85 -10.28 -44.81 19.78
N TYR D 86 -11.41 -45.52 19.71
CA TYR D 86 -11.37 -46.98 19.66
C TYR D 86 -12.44 -47.46 18.68
N THR D 87 -12.75 -48.74 18.76
CA THR D 87 -13.64 -49.40 17.81
C THR D 87 -15.03 -49.54 18.42
N VAL D 88 -16.03 -48.96 17.74
CA VAL D 88 -17.42 -49.04 18.17
C VAL D 88 -18.27 -49.60 17.04
N THR D 89 -19.43 -50.13 17.41
CA THR D 89 -20.37 -50.72 16.47
C THR D 89 -21.70 -49.98 16.57
N LEU D 90 -22.11 -49.38 15.46
CA LEU D 90 -23.30 -48.53 15.42
C LEU D 90 -24.33 -49.13 14.49
N TRP D 91 -25.57 -49.22 14.95
CA TRP D 91 -26.68 -49.64 14.09
C TRP D 91 -27.95 -48.92 14.51
N VAL D 92 -28.84 -48.71 13.56
CA VAL D 92 -30.04 -47.91 13.76
C VAL D 92 -31.23 -48.84 13.97
N GLU D 93 -31.99 -48.58 15.04
CA GLU D 93 -33.23 -49.29 15.31
C GLU D 93 -34.40 -48.31 15.21
N SER D 94 -35.37 -48.66 14.38
CA SER D 94 -36.54 -47.82 14.16
C SER D 94 -37.79 -48.55 14.66
N TRP D 95 -38.66 -47.80 15.35
CA TRP D 95 -39.94 -48.35 15.80
C TRP D 95 -41.07 -47.69 15.02
N ALA D 96 -41.92 -48.52 14.43
CA ALA D 96 -43.07 -48.04 13.66
C ALA D 96 -44.20 -49.05 13.79
N ARG D 97 -45.44 -48.53 13.86
CA ARG D 97 -46.68 -49.31 13.89
C ARG D 97 -46.59 -50.56 14.75
N ASN D 98 -45.93 -50.43 15.91
CA ASN D 98 -45.64 -51.54 16.81
C ASN D 98 -44.81 -52.63 16.12
N GLN D 99 -43.63 -52.23 15.65
CA GLN D 99 -42.67 -53.18 15.11
C GLN D 99 -41.28 -52.55 15.21
N THR D 100 -40.26 -53.40 15.07
CA THR D 100 -38.87 -52.97 15.09
C THR D 100 -38.19 -53.35 13.78
N GLU D 101 -37.32 -52.46 13.30
CA GLU D 101 -36.58 -52.70 12.07
C GLU D 101 -35.14 -52.22 12.27
N LYS D 102 -34.19 -53.15 12.22
CA LYS D 102 -32.80 -52.81 12.42
C LYS D 102 -32.13 -52.50 11.09
N SER D 103 -30.86 -52.12 11.16
CA SER D 103 -30.05 -51.69 10.03
C SER D 103 -28.73 -52.46 10.03
N PRO D 104 -28.10 -52.61 8.87
CA PRO D 104 -26.77 -53.25 8.82
C PRO D 104 -25.77 -52.51 9.70
N GLU D 105 -24.96 -53.28 10.42
CA GLU D 105 -24.00 -52.71 11.34
C GLU D 105 -22.82 -52.10 10.60
N VAL D 106 -22.29 -51.01 11.14
CA VAL D 106 -21.10 -50.35 10.61
C VAL D 106 -20.09 -50.24 11.74
N THR D 107 -18.86 -50.68 11.49
CA THR D 107 -17.79 -50.69 12.47
C THR D 107 -16.70 -49.73 12.01
N LEU D 108 -16.36 -48.76 12.84
CA LEU D 108 -15.39 -47.74 12.46
C LEU D 108 -14.80 -47.10 13.71
N GLN D 109 -13.74 -46.32 13.49
CA GLN D 109 -13.15 -45.47 14.50
C GLN D 109 -13.62 -44.05 14.23
N LEU D 110 -14.37 -43.47 15.15
CA LEU D 110 -15.04 -42.20 14.87
C LEU D 110 -14.08 -41.03 14.73
N TYR D 111 -12.88 -41.11 15.29
CA TYR D 111 -11.94 -40.02 15.11
C TYR D 111 -11.34 -40.00 13.72
N ASN D 112 -11.43 -41.10 12.97
CA ASN D 112 -10.82 -41.18 11.66
C ASN D 112 -11.79 -40.94 10.52
N SER D 113 -13.07 -41.24 10.70
CA SER D 113 -14.07 -41.03 9.65
C SER D 113 -14.37 -39.55 9.56
N VAL D 114 -13.54 -38.85 8.80
CA VAL D 114 -13.68 -37.43 8.56
C VAL D 114 -14.05 -37.21 7.10
N LYS D 115 -15.11 -36.45 6.87
CA LYS D 115 -15.49 -36.05 5.52
C LYS D 115 -15.11 -34.59 5.33
N TYR D 116 -14.40 -34.31 4.23
CA TYR D 116 -13.97 -32.96 3.93
C TYR D 116 -14.96 -32.26 3.03
N GLU D 117 -15.20 -30.99 3.29
CA GLU D 117 -16.11 -30.05 2.66
C GLU D 117 -15.39 -29.17 1.65
N PRO D 118 -16.00 -28.90 0.51
CA PRO D 118 -15.43 -27.96 -0.46
C PRO D 118 -15.36 -26.56 0.13
N PRO D 119 -14.62 -25.63 -0.51
CA PRO D 119 -14.53 -24.27 0.02
C PRO D 119 -15.88 -23.59 0.15
N LEU D 120 -15.99 -22.75 1.17
CA LEU D 120 -17.29 -22.16 1.56
C LEU D 120 -17.57 -20.87 0.80
N GLY D 121 -17.46 -20.91 -0.52
CA GLY D 121 -17.90 -19.82 -1.37
C GLY D 121 -16.99 -18.60 -1.43
N ASP D 122 -16.19 -18.37 -0.39
CA ASP D 122 -15.32 -17.20 -0.34
C ASP D 122 -13.94 -17.57 -0.90
N ILE D 123 -13.82 -17.49 -2.21
CA ILE D 123 -12.57 -17.79 -2.90
C ILE D 123 -12.02 -16.52 -3.52
N LYS D 124 -10.80 -16.15 -3.16
CA LYS D 124 -10.15 -15.00 -3.74
C LYS D 124 -9.65 -15.37 -5.15
N VAL D 125 -9.54 -14.37 -6.02
CA VAL D 125 -9.07 -14.61 -7.39
C VAL D 125 -8.05 -13.55 -7.77
N SER D 126 -7.06 -13.93 -8.59
CA SER D 126 -5.98 -13.03 -8.95
C SER D 126 -5.24 -13.57 -10.18
N LYS D 127 -4.44 -12.71 -10.80
CA LYS D 127 -3.59 -13.03 -11.93
C LYS D 127 -2.14 -12.94 -11.48
N LEU D 128 -1.41 -14.05 -11.56
CA LEU D 128 -0.01 -14.11 -11.15
C LEU D 128 0.82 -14.93 -12.13
N ALA D 129 1.88 -14.32 -12.67
CA ALA D 129 2.88 -15.01 -13.50
C ALA D 129 2.25 -15.70 -14.70
N GLY D 130 1.28 -15.03 -15.31
CA GLY D 130 0.62 -15.51 -16.51
C GLY D 130 -0.43 -16.57 -16.29
N GLN D 131 -0.72 -16.96 -15.06
CA GLN D 131 -1.70 -17.97 -14.78
C GLN D 131 -2.67 -17.47 -13.72
N LEU D 132 -3.90 -17.94 -13.79
CA LEU D 132 -4.90 -17.52 -12.81
C LEU D 132 -4.63 -18.18 -11.46
N ARG D 133 -4.64 -17.40 -10.38
CA ARG D 133 -4.46 -17.96 -9.05
C ARG D 133 -5.70 -17.68 -8.18
N MET D 134 -6.23 -18.73 -7.55
CA MET D 134 -7.37 -18.58 -6.66
C MET D 134 -7.03 -19.13 -5.28
N GLU D 135 -7.37 -18.39 -4.22
CA GLU D 135 -7.03 -18.80 -2.86
C GLU D 135 -8.28 -18.82 -2.00
N TRP D 136 -8.44 -19.87 -1.18
CA TRP D 136 -9.57 -19.92 -0.25
C TRP D 136 -9.06 -20.20 1.16
N GLU D 137 -9.72 -19.64 2.16
CA GLU D 137 -9.40 -20.02 3.54
C GLU D 137 -9.65 -21.51 3.74
N THR D 138 -8.88 -22.13 4.64
CA THR D 138 -9.08 -23.55 4.92
C THR D 138 -10.31 -23.74 5.80
N PRO D 139 -11.16 -24.74 5.52
CA PRO D 139 -12.26 -25.03 6.44
C PRO D 139 -11.73 -25.44 7.81
N ASP D 140 -12.51 -25.13 8.85
CA ASP D 140 -12.06 -25.36 10.22
C ASP D 140 -11.81 -26.85 10.48
N ASN D 141 -10.65 -27.14 11.07
CA ASN D 141 -10.24 -28.50 11.43
C ASN D 141 -10.27 -29.44 10.24
N GLN D 142 -9.90 -28.93 9.07
CA GLN D 142 -9.87 -29.73 7.85
C GLN D 142 -8.59 -29.44 7.07
N VAL D 143 -7.45 -29.43 7.76
CA VAL D 143 -6.18 -29.21 7.10
C VAL D 143 -5.75 -30.47 6.36
N GLY D 144 -4.83 -30.31 5.41
CA GLY D 144 -4.24 -31.42 4.70
C GLY D 144 -5.20 -32.12 3.75
N ALA D 145 -5.56 -31.47 2.65
CA ALA D 145 -6.48 -32.04 1.68
C ALA D 145 -5.89 -32.00 0.27
N GLU D 146 -6.07 -33.09 -0.46
CA GLU D 146 -5.84 -33.08 -1.90
C GLU D 146 -6.98 -32.33 -2.57
N VAL D 147 -6.64 -31.33 -3.39
CA VAL D 147 -7.63 -30.47 -4.00
C VAL D 147 -7.56 -30.62 -5.52
N GLN D 148 -8.72 -30.73 -6.15
CA GLN D 148 -8.83 -31.00 -7.58
C GLN D 148 -9.90 -30.10 -8.18
N PHE D 149 -9.61 -29.54 -9.35
CA PHE D 149 -10.49 -28.56 -9.97
C PHE D 149 -10.89 -28.99 -11.38
N ARG D 150 -12.05 -28.50 -11.82
CA ARG D 150 -12.49 -28.63 -13.20
C ARG D 150 -12.95 -27.27 -13.72
N HIS D 151 -12.76 -27.04 -15.02
CA HIS D 151 -13.05 -25.74 -15.60
C HIS D 151 -13.58 -25.88 -17.01
N ARG D 152 -14.30 -24.85 -17.46
CA ARG D 152 -14.84 -24.79 -18.82
C ARG D 152 -14.99 -23.33 -19.25
N THR D 153 -14.96 -23.11 -20.58
CA THR D 153 -15.28 -21.83 -21.20
C THR D 153 -16.70 -21.83 -21.78
N PRO D 154 -17.18 -20.77 -22.46
CA PRO D 154 -18.48 -20.87 -23.14
C PRO D 154 -18.51 -21.89 -24.27
N SER D 155 -17.36 -22.29 -24.81
CA SER D 155 -17.28 -23.13 -26.00
C SER D 155 -16.52 -24.43 -25.76
N SER D 156 -16.19 -24.74 -24.51
CA SER D 156 -15.43 -25.94 -24.19
C SER D 156 -16.08 -26.68 -23.03
N PRO D 157 -15.90 -27.99 -22.96
CA PRO D 157 -16.41 -28.76 -21.82
C PRO D 157 -15.49 -28.69 -20.61
N TRP D 158 -15.91 -29.39 -19.55
CA TRP D 158 -15.11 -29.50 -18.34
C TRP D 158 -13.74 -30.10 -18.62
N LYS D 159 -12.72 -29.53 -18.00
CA LYS D 159 -11.35 -30.05 -18.06
C LYS D 159 -10.82 -30.19 -16.64
N LEU D 160 -10.26 -31.36 -16.33
CA LEU D 160 -9.85 -31.71 -14.99
C LEU D 160 -8.36 -31.44 -14.78
N GLY D 161 -8.02 -30.87 -13.63
CA GLY D 161 -6.64 -30.58 -13.29
C GLY D 161 -6.42 -30.67 -11.79
N ASP D 162 -5.15 -30.53 -11.40
CA ASP D 162 -4.74 -30.64 -10.01
C ASP D 162 -4.00 -29.37 -9.61
N CYS D 163 -4.15 -28.99 -8.33
CA CYS D 163 -3.48 -27.81 -7.81
C CYS D 163 -2.25 -28.13 -6.97
N GLY D 164 -2.19 -29.33 -6.37
CA GLY D 164 -1.10 -29.70 -5.52
C GLY D 164 -1.52 -29.85 -4.06
N PRO D 165 -0.57 -30.23 -3.20
CA PRO D 165 -0.89 -30.40 -1.78
C PRO D 165 -1.24 -29.08 -1.11
N GLN D 166 -2.09 -29.15 -0.09
CA GLN D 166 -2.57 -27.98 0.64
C GLN D 166 -2.45 -28.26 2.13
N ASP D 167 -1.57 -27.52 2.82
CA ASP D 167 -1.35 -27.77 4.24
C ASP D 167 -1.20 -26.49 5.05
N ASP D 168 -1.86 -25.41 4.66
CA ASP D 168 -1.68 -24.12 5.31
C ASP D 168 -3.00 -23.63 5.90
N ASP D 169 -3.00 -22.37 6.36
CA ASP D 169 -4.23 -21.74 6.81
C ASP D 169 -5.11 -21.31 5.63
N THR D 170 -4.51 -20.95 4.50
CA THR D 170 -5.24 -20.65 3.29
C THR D 170 -4.67 -21.46 2.14
N GLU D 171 -5.53 -21.85 1.21
CA GLU D 171 -5.10 -22.74 0.14
C GLU D 171 -4.80 -21.91 -1.11
N SER D 172 -4.49 -22.58 -2.22
CA SER D 172 -4.23 -21.89 -3.48
C SER D 172 -4.44 -22.87 -4.62
N CYS D 173 -4.64 -22.34 -5.83
CA CYS D 173 -4.73 -23.20 -7.01
C CYS D 173 -4.33 -22.45 -8.27
N LEU D 174 -3.31 -22.95 -8.97
CA LEU D 174 -2.81 -22.29 -10.17
C LEU D 174 -3.53 -22.85 -11.41
N CYS D 175 -4.17 -21.96 -12.17
CA CYS D 175 -5.01 -22.35 -13.30
C CYS D 175 -4.72 -21.47 -14.52
N PRO D 176 -4.82 -22.01 -15.73
CA PRO D 176 -4.68 -21.18 -16.93
C PRO D 176 -5.80 -20.15 -17.04
N LEU D 177 -5.52 -19.07 -17.78
CA LEU D 177 -6.46 -17.97 -17.95
C LEU D 177 -6.72 -17.67 -19.44
N GLU D 178 -7.99 -17.56 -19.81
CA GLU D 178 -8.42 -17.13 -21.13
C GLU D 178 -8.38 -15.61 -21.30
N MET D 179 -8.24 -15.17 -22.55
CA MET D 179 -7.99 -13.76 -22.85
C MET D 179 -9.27 -12.91 -22.94
N ASN D 180 -10.32 -13.41 -23.61
CA ASN D 180 -11.53 -12.62 -23.90
C ASN D 180 -12.83 -13.26 -23.43
N VAL D 181 -12.95 -14.59 -23.55
CA VAL D 181 -14.06 -15.33 -22.96
C VAL D 181 -13.85 -15.47 -21.45
N ALA D 182 -14.96 -15.47 -20.72
CA ALA D 182 -14.95 -15.86 -19.31
C ALA D 182 -14.81 -17.38 -19.14
N GLN D 183 -14.43 -17.77 -17.92
CA GLN D 183 -14.33 -19.16 -17.49
C GLN D 183 -15.25 -19.43 -16.30
N GLU D 184 -15.74 -20.67 -16.22
CA GLU D 184 -16.31 -21.27 -15.02
C GLU D 184 -15.34 -22.27 -14.40
N PHE D 185 -15.23 -22.26 -13.06
CA PHE D 185 -14.36 -23.18 -12.33
C PHE D 185 -15.08 -23.77 -11.12
N GLN D 186 -15.07 -25.10 -11.01
CA GLN D 186 -15.62 -25.79 -9.85
C GLN D 186 -14.54 -26.62 -9.14
N LEU D 187 -14.66 -26.71 -7.82
CA LEU D 187 -13.56 -27.14 -6.96
C LEU D 187 -14.01 -28.20 -5.95
N ARG D 188 -13.13 -29.15 -5.64
CA ARG D 188 -13.44 -30.22 -4.70
C ARG D 188 -12.17 -30.63 -3.95
N ARG D 189 -12.35 -31.29 -2.80
CA ARG D 189 -11.24 -31.64 -1.91
C ARG D 189 -11.33 -33.10 -1.47
N ARG D 190 -10.20 -33.62 -1.00
CA ARG D 190 -10.13 -34.92 -0.35
C ARG D 190 -8.86 -34.98 0.50
N GLN D 191 -8.97 -35.55 1.69
CA GLN D 191 -7.85 -35.57 2.62
C GLN D 191 -6.72 -36.48 2.11
N LEU D 192 -5.48 -36.06 2.36
CA LEU D 192 -4.32 -36.94 2.17
C LEU D 192 -4.46 -38.20 3.01
N SER D 198 -13.32 -39.97 1.25
CA SER D 198 -14.31 -39.71 0.22
C SER D 198 -14.09 -38.34 -0.42
N TRP D 199 -14.14 -38.29 -1.74
CA TRP D 199 -14.00 -37.03 -2.46
C TRP D 199 -15.19 -36.13 -2.18
N SER D 200 -14.92 -34.85 -1.98
CA SER D 200 -15.97 -33.90 -1.66
C SER D 200 -16.80 -33.56 -2.90
N LYS D 201 -18.02 -33.09 -2.66
CA LYS D 201 -18.87 -32.59 -3.73
C LYS D 201 -18.25 -31.34 -4.35
N TRP D 202 -18.55 -31.12 -5.63
CA TRP D 202 -18.04 -29.94 -6.32
C TRP D 202 -18.61 -28.66 -5.71
N SER D 203 -17.77 -27.62 -5.63
CA SER D 203 -18.14 -26.32 -5.10
C SER D 203 -19.26 -25.67 -5.92
N SER D 204 -19.85 -24.62 -5.34
CA SER D 204 -20.52 -23.56 -6.07
C SER D 204 -19.61 -22.99 -7.16
N PRO D 205 -20.18 -22.47 -8.26
CA PRO D 205 -19.34 -22.02 -9.38
C PRO D 205 -18.49 -20.80 -9.03
N VAL D 206 -17.24 -20.82 -9.51
CA VAL D 206 -16.40 -19.63 -9.59
C VAL D 206 -16.35 -19.18 -11.04
N CYS D 207 -16.70 -17.92 -11.30
CA CYS D 207 -16.68 -17.33 -12.64
C CYS D 207 -15.54 -16.32 -12.74
N VAL D 208 -14.79 -16.35 -13.85
CA VAL D 208 -13.66 -15.46 -14.05
C VAL D 208 -13.82 -14.60 -15.31
N PRO D 209 -13.83 -13.27 -15.20
CA PRO D 209 -13.93 -12.41 -16.36
C PRO D 209 -12.63 -12.35 -17.15
N PRO D 210 -12.64 -11.81 -18.38
CA PRO D 210 -11.40 -11.67 -19.15
C PRO D 210 -10.38 -10.75 -18.48
N GLU D 211 -9.10 -11.06 -18.69
CA GLU D 211 -8.03 -10.24 -18.12
C GLU D 211 -8.11 -8.77 -18.60
N ASN D 212 -8.40 -8.56 -19.89
CA ASN D 212 -8.55 -7.21 -20.45
C ASN D 212 -10.02 -6.91 -20.71
N PRO D 213 -10.60 -5.94 -20.01
CA PRO D 213 -12.00 -5.57 -20.27
C PRO D 213 -12.21 -5.11 -21.70
N PRO D 214 -13.39 -5.36 -22.27
CA PRO D 214 -13.68 -4.92 -23.63
C PRO D 214 -13.75 -3.41 -23.79
N GLN D 215 -13.46 -2.94 -25.00
CA GLN D 215 -13.57 -1.52 -25.29
C GLN D 215 -15.02 -1.05 -25.14
N PRO D 216 -15.27 0.11 -24.54
CA PRO D 216 -16.64 0.61 -24.41
C PRO D 216 -17.25 1.02 -25.74
N GLN D 217 -18.14 0.17 -26.27
CA GLN D 217 -18.84 0.43 -27.53
C GLN D 217 -20.05 1.34 -27.27
N VAL D 218 -19.79 2.64 -27.17
CA VAL D 218 -20.83 3.64 -26.88
C VAL D 218 -20.80 4.79 -27.88
N ARG D 219 -21.97 5.44 -28.05
CA ARG D 219 -22.11 6.60 -28.93
C ARG D 219 -22.81 7.73 -28.17
N PHE D 220 -22.36 8.96 -28.41
CA PHE D 220 -22.87 10.18 -27.77
C PHE D 220 -23.41 11.20 -28.78
N SER D 221 -24.32 12.06 -28.29
CA SER D 221 -24.89 13.17 -29.04
C SER D 221 -24.93 14.41 -28.16
N VAL D 222 -24.75 15.60 -28.76
CA VAL D 222 -24.78 16.86 -28.04
C VAL D 222 -25.82 17.80 -28.66
N GLU D 223 -26.64 18.42 -27.80
CA GLU D 223 -27.68 19.35 -28.22
C GLU D 223 -27.10 20.69 -28.70
N GLN D 224 -27.95 21.46 -29.38
CA GLN D 224 -27.56 22.81 -29.81
C GLN D 224 -27.50 23.75 -28.61
N LEU D 225 -26.62 24.74 -28.68
CA LEU D 225 -26.45 25.69 -27.58
C LEU D 225 -27.69 26.56 -27.38
N GLY D 226 -28.31 26.46 -26.20
CA GLY D 226 -29.49 27.24 -25.87
C GLY D 226 -29.18 28.69 -25.50
N GLN D 227 -30.23 29.48 -25.31
CA GLN D 227 -30.06 30.88 -24.94
C GLN D 227 -29.48 31.02 -23.54
N ASP D 228 -29.64 30.00 -22.69
CA ASP D 228 -29.08 29.99 -21.36
C ASP D 228 -27.59 29.68 -21.36
N GLY D 229 -27.04 29.37 -22.53
CA GLY D 229 -25.64 29.04 -22.68
C GLY D 229 -25.27 27.61 -22.38
N ARG D 230 -26.21 26.68 -22.40
CA ARG D 230 -25.91 25.29 -22.12
C ARG D 230 -26.50 24.35 -23.16
N ARG D 231 -25.96 23.13 -23.18
CA ARG D 231 -26.38 22.04 -24.07
C ARG D 231 -26.17 20.74 -23.31
N ARG D 232 -27.09 19.79 -23.47
CA ARG D 232 -26.98 18.50 -22.79
C ARG D 232 -26.35 17.39 -23.63
N LEU D 233 -25.55 16.54 -22.98
CA LEU D 233 -24.95 15.35 -23.57
C LEU D 233 -25.90 14.17 -23.44
N THR D 234 -26.04 13.37 -24.51
CA THR D 234 -26.91 12.20 -24.49
C THR D 234 -26.26 10.97 -25.10
N LEU D 235 -26.52 9.82 -24.46
CA LEU D 235 -26.00 8.52 -24.90
C LEU D 235 -26.92 7.89 -25.95
N LYS D 236 -26.39 7.68 -27.15
CA LYS D 236 -27.15 7.05 -28.23
C LYS D 236 -27.10 5.52 -28.22
N GLU D 237 -25.95 4.91 -27.92
CA GLU D 237 -25.82 3.46 -27.89
C GLU D 237 -25.11 2.99 -26.62
N GLN D 238 -25.68 1.92 -25.97
CA GLN D 238 -25.21 1.25 -24.77
C GLN D 238 -24.17 0.16 -25.09
N PRO D 239 -23.27 -0.13 -24.15
CA PRO D 239 -22.25 -1.17 -24.38
C PRO D 239 -22.81 -2.58 -24.54
N THR D 240 -22.17 -3.36 -25.39
CA THR D 240 -22.59 -4.74 -25.65
C THR D 240 -22.24 -5.66 -24.49
N GLN D 241 -23.16 -6.59 -24.18
CA GLN D 241 -22.96 -7.54 -23.09
C GLN D 241 -21.89 -8.60 -23.38
N LEU D 242 -21.12 -8.93 -22.34
CA LEU D 242 -20.06 -9.93 -22.42
C LEU D 242 -20.59 -11.36 -22.49
N GLU D 243 -19.98 -12.18 -23.35
CA GLU D 243 -20.36 -13.60 -23.49
C GLU D 243 -19.88 -14.41 -22.27
N LEU D 244 -20.82 -14.98 -21.51
CA LEU D 244 -20.55 -15.80 -20.32
C LEU D 244 -20.96 -17.27 -20.51
N PRO D 245 -20.21 -18.22 -19.93
CA PRO D 245 -20.59 -19.63 -20.01
C PRO D 245 -21.97 -19.87 -19.41
N GLU D 246 -22.61 -20.95 -19.87
CA GLU D 246 -23.97 -21.29 -19.43
C GLU D 246 -24.10 -21.35 -17.91
N GLY D 247 -23.10 -21.87 -17.21
CA GLY D 247 -23.15 -21.95 -15.76
C GLY D 247 -22.88 -20.65 -15.03
N CYS D 248 -22.38 -19.63 -15.72
CA CYS D 248 -22.10 -18.32 -15.16
C CYS D 248 -23.12 -17.25 -15.51
N GLN D 249 -24.05 -17.52 -16.42
CA GLN D 249 -25.04 -16.53 -16.82
C GLN D 249 -25.94 -16.18 -15.63
N GLY D 250 -25.95 -14.89 -15.27
CA GLY D 250 -26.70 -14.35 -14.15
C GLY D 250 -26.08 -14.62 -12.80
N LEU D 251 -24.93 -15.29 -12.77
CA LEU D 251 -24.21 -15.69 -11.58
C LEU D 251 -22.87 -14.94 -11.49
N ALA D 252 -22.49 -14.54 -10.25
CA ALA D 252 -21.24 -13.86 -9.88
C ALA D 252 -21.17 -12.37 -10.21
N PRO D 253 -21.92 -11.54 -9.48
CA PRO D 253 -21.93 -10.08 -9.70
C PRO D 253 -20.55 -9.41 -9.64
N GLY D 254 -19.57 -10.05 -9.00
CA GLY D 254 -18.22 -9.54 -8.89
C GLY D 254 -17.39 -9.63 -10.15
N THR D 255 -17.93 -10.22 -11.22
CA THR D 255 -17.25 -10.35 -12.51
C THR D 255 -17.78 -9.35 -13.53
N GLU D 256 -18.61 -8.41 -13.12
CA GLU D 256 -19.20 -7.40 -13.99
C GLU D 256 -18.22 -6.29 -14.33
N VAL D 257 -18.32 -5.77 -15.55
CA VAL D 257 -17.50 -4.67 -16.04
C VAL D 257 -18.10 -3.33 -15.63
N THR D 258 -17.27 -2.47 -15.02
CA THR D 258 -17.67 -1.14 -14.57
C THR D 258 -17.22 -0.07 -15.58
N TYR D 259 -18.14 0.80 -15.99
CA TYR D 259 -17.88 1.87 -16.94
C TYR D 259 -17.96 3.24 -16.26
N ARG D 260 -16.94 4.07 -16.48
CA ARG D 260 -16.87 5.41 -15.91
C ARG D 260 -16.65 6.47 -16.99
N LEU D 261 -17.39 7.58 -16.88
CA LEU D 261 -17.30 8.71 -17.81
C LEU D 261 -16.44 9.83 -17.22
N GLN D 262 -15.37 10.18 -17.92
CA GLN D 262 -14.44 11.24 -17.54
C GLN D 262 -14.61 12.44 -18.47
N LEU D 263 -14.97 13.59 -17.90
CA LEU D 263 -15.15 14.84 -18.64
C LEU D 263 -13.93 15.75 -18.48
N HIS D 264 -13.44 16.29 -19.59
CA HIS D 264 -12.36 17.27 -19.59
C HIS D 264 -12.78 18.53 -20.34
N MET D 265 -12.91 19.64 -19.62
CA MET D 265 -13.25 20.92 -20.23
C MET D 265 -12.00 21.52 -20.88
N LEU D 266 -12.02 21.64 -22.21
CA LEU D 266 -10.86 22.17 -22.93
C LEU D 266 -10.76 23.68 -22.81
N SER D 267 -11.89 24.37 -22.65
CA SER D 267 -11.92 25.80 -22.41
C SER D 267 -11.62 26.10 -20.95
N CYS D 268 -11.26 27.36 -20.70
CA CYS D 268 -10.87 27.87 -19.39
C CYS D 268 -9.65 27.12 -18.83
N PRO D 269 -8.58 26.95 -19.63
CA PRO D 269 -7.38 26.24 -19.15
C PRO D 269 -6.68 26.90 -17.98
N CYS D 270 -6.98 28.16 -17.68
CA CYS D 270 -6.38 28.84 -16.54
C CYS D 270 -7.04 28.46 -15.22
N LYS D 271 -8.04 27.59 -15.25
CA LYS D 271 -8.72 27.12 -14.04
C LYS D 271 -7.86 26.07 -13.33
N ALA D 272 -8.04 25.97 -12.01
CA ALA D 272 -7.30 25.01 -11.21
C ALA D 272 -7.57 23.57 -11.60
N LYS D 273 -8.85 23.19 -11.71
CA LYS D 273 -9.26 21.85 -12.13
C LYS D 273 -10.27 21.93 -13.25
N ALA D 274 -10.03 21.15 -14.31
CA ALA D 274 -10.91 21.10 -15.47
C ALA D 274 -11.37 19.68 -15.81
N THR D 275 -11.16 18.70 -14.94
CA THR D 275 -11.56 17.31 -15.20
C THR D 275 -12.47 16.81 -14.08
N ARG D 276 -13.46 16.00 -14.44
CA ARG D 276 -14.41 15.40 -13.51
C ARG D 276 -14.88 14.04 -14.03
N THR D 277 -14.97 13.06 -13.11
CA THR D 277 -15.44 11.71 -13.42
C THR D 277 -16.86 11.50 -12.93
N LEU D 278 -17.73 11.01 -13.82
CA LEU D 278 -19.14 10.76 -13.57
C LEU D 278 -19.53 9.35 -14.00
N HIS D 279 -20.72 8.93 -13.54
CA HIS D 279 -21.29 7.66 -13.93
C HIS D 279 -22.00 7.82 -15.28
N LEU D 280 -21.93 6.77 -16.11
CA LEU D 280 -22.57 6.80 -17.43
C LEU D 280 -24.08 7.04 -17.36
N GLY D 281 -24.73 6.76 -16.22
CA GLY D 281 -26.15 6.99 -16.04
C GLY D 281 -26.56 8.42 -15.71
N LYS D 282 -25.60 9.27 -15.38
CA LYS D 282 -25.82 10.68 -15.03
C LYS D 282 -25.29 11.58 -16.15
N MET D 283 -26.16 11.87 -17.13
CA MET D 283 -25.76 12.72 -18.27
C MET D 283 -25.64 14.20 -17.90
N PRO D 284 -24.50 14.82 -18.16
CA PRO D 284 -24.22 16.20 -17.77
C PRO D 284 -24.60 17.26 -18.79
N TYR D 285 -24.80 18.48 -18.26
CA TYR D 285 -25.01 19.68 -19.06
C TYR D 285 -23.67 20.36 -19.33
N LEU D 286 -23.47 20.79 -20.57
CA LEU D 286 -22.25 21.43 -21.02
C LEU D 286 -22.51 22.82 -21.59
N SER D 287 -21.50 23.68 -21.50
CA SER D 287 -21.56 25.02 -22.09
C SER D 287 -21.15 24.94 -23.57
N GLY D 288 -21.06 26.11 -24.21
CA GLY D 288 -20.61 26.19 -25.59
C GLY D 288 -19.12 26.01 -25.79
N ALA D 289 -18.43 25.60 -24.73
CA ALA D 289 -17.01 25.33 -24.72
C ALA D 289 -16.69 23.98 -25.35
N ALA D 290 -15.41 23.78 -25.66
CA ALA D 290 -14.97 22.48 -26.16
C ALA D 290 -14.73 21.53 -24.99
N TYR D 291 -15.10 20.26 -25.17
CA TYR D 291 -14.92 19.26 -24.13
C TYR D 291 -14.46 17.92 -24.71
N ASN D 292 -13.67 17.18 -23.92
CA ASN D 292 -13.27 15.83 -24.26
C ASN D 292 -13.97 14.87 -23.29
N VAL D 293 -14.65 13.85 -23.83
CA VAL D 293 -15.36 12.87 -23.01
C VAL D 293 -14.73 11.49 -23.18
N ALA D 294 -14.22 10.89 -22.10
CA ALA D 294 -13.61 9.57 -22.14
C ALA D 294 -14.39 8.56 -21.31
N VAL D 295 -14.55 7.34 -21.85
CA VAL D 295 -15.22 6.24 -21.14
C VAL D 295 -14.19 5.16 -20.83
N ILE D 296 -14.10 4.76 -19.56
CA ILE D 296 -13.14 3.75 -19.09
C ILE D 296 -13.85 2.50 -18.56
N SER D 297 -13.50 1.34 -19.12
CA SER D 297 -14.04 0.05 -18.68
C SER D 297 -13.06 -0.63 -17.73
N SER D 298 -13.58 -1.24 -16.66
CA SER D 298 -12.72 -1.92 -15.69
C SER D 298 -13.41 -3.12 -15.05
N ASN D 299 -12.59 -4.07 -14.57
CA ASN D 299 -13.08 -5.25 -13.85
C ASN D 299 -12.11 -5.57 -12.71
N GLN D 300 -12.23 -6.77 -12.11
CA GLN D 300 -11.39 -7.16 -10.99
C GLN D 300 -9.90 -7.21 -11.31
N PHE D 301 -9.52 -7.32 -12.59
CA PHE D 301 -8.12 -7.36 -12.97
C PHE D 301 -7.56 -5.98 -13.31
N GLY D 302 -8.42 -5.00 -13.56
CA GLY D 302 -8.01 -3.65 -13.87
C GLY D 302 -8.78 -3.00 -15.00
N PRO D 303 -8.30 -1.83 -15.43
CA PRO D 303 -8.95 -1.11 -16.53
C PRO D 303 -8.52 -1.58 -17.91
N GLY D 304 -9.47 -1.50 -18.85
CA GLY D 304 -9.24 -1.85 -20.24
C GLY D 304 -8.92 -0.64 -21.09
N LEU D 305 -9.07 -0.81 -22.41
CA LEU D 305 -8.83 0.30 -23.34
C LEU D 305 -9.97 1.33 -23.32
N ASN D 306 -9.62 2.60 -23.17
CA ASN D 306 -10.60 3.69 -23.14
C ASN D 306 -10.81 4.35 -24.50
N GLN D 307 -12.02 4.91 -24.71
CA GLN D 307 -12.37 5.65 -25.93
C GLN D 307 -12.72 7.09 -25.55
N THR D 308 -12.16 8.07 -26.28
CA THR D 308 -12.40 9.48 -26.02
C THR D 308 -13.03 10.23 -27.19
N TRP D 309 -14.08 11.02 -26.91
CA TRP D 309 -14.75 11.83 -27.92
C TRP D 309 -14.56 13.32 -27.66
N HIS D 310 -14.25 14.07 -28.72
CA HIS D 310 -14.07 15.52 -28.67
C HIS D 310 -15.32 16.27 -29.12
N ILE D 311 -15.79 17.17 -28.25
CA ILE D 311 -16.93 18.05 -28.52
C ILE D 311 -16.39 19.44 -28.85
N PRO D 312 -16.62 19.95 -30.06
CA PRO D 312 -16.10 21.26 -30.43
C PRO D 312 -16.87 22.43 -29.83
N ALA D 313 -16.20 23.58 -29.80
CA ALA D 313 -16.79 24.84 -29.33
C ALA D 313 -17.79 25.42 -30.33
N ASP D 314 -18.80 26.10 -29.79
CA ASP D 314 -19.83 26.75 -30.61
C ASP D 314 -19.28 27.97 -31.36
N THR D 315 -19.65 28.09 -32.64
CA THR D 315 -19.17 29.17 -33.50
C THR D 315 -20.18 30.30 -33.74
N HIS D 316 -21.37 30.27 -33.12
CA HIS D 316 -22.36 31.31 -33.32
C HIS D 316 -21.96 32.66 -32.71
N THR D 317 -22.15 33.73 -33.47
CA THR D 317 -21.84 35.09 -33.02
C THR D 317 -23.11 35.85 -32.67
N GLU D 318 -23.14 36.45 -31.47
CA GLU D 318 -24.28 37.22 -30.97
C GLU D 318 -23.95 38.71 -30.84
N PRO D 319 -24.84 39.62 -31.29
CA PRO D 319 -24.60 41.05 -31.16
C PRO D 319 -24.85 41.55 -29.74
N VAL D 320 -23.85 41.39 -28.89
CA VAL D 320 -23.89 41.81 -27.49
C VAL D 320 -23.06 43.07 -27.30
N ALA D 321 -23.57 43.99 -26.47
CA ALA D 321 -22.93 45.28 -26.15
C ALA D 321 -21.65 45.10 -25.35
N LEU D 322 -20.56 44.84 -26.06
CA LEU D 322 -19.23 44.66 -25.48
C LEU D 322 -18.40 45.92 -25.68
N ASN D 323 -18.10 46.63 -24.59
CA ASN D 323 -17.28 47.85 -24.64
C ASN D 323 -15.89 47.58 -24.07
N ILE D 324 -14.86 47.82 -24.87
CA ILE D 324 -13.47 47.66 -24.46
C ILE D 324 -12.74 49.01 -24.52
N SER D 325 -12.23 49.45 -23.37
CA SER D 325 -11.50 50.71 -23.23
C SER D 325 -10.00 50.46 -23.02
N VAL D 326 -9.17 51.09 -23.87
CA VAL D 326 -7.72 51.00 -23.79
C VAL D 326 -7.16 52.23 -23.08
N GLY D 327 -6.69 52.03 -21.84
CA GLY D 327 -6.09 53.07 -21.05
C GLY D 327 -4.56 53.04 -21.07
N THR D 328 -3.97 54.05 -20.41
CA THR D 328 -2.53 54.16 -20.32
C THR D 328 -1.90 53.06 -19.47
N ASN D 329 -2.67 52.48 -18.55
CA ASN D 329 -2.19 51.42 -17.67
C ASN D 329 -2.68 50.04 -18.04
N GLY D 330 -3.62 49.93 -18.99
CA GLY D 330 -4.14 48.63 -19.36
C GLY D 330 -5.44 48.74 -20.13
N THR D 331 -6.05 47.57 -20.36
CA THR D 331 -7.31 47.43 -21.09
C THR D 331 -8.41 46.87 -20.19
N THR D 332 -9.62 47.45 -20.30
CA THR D 332 -10.79 47.03 -19.54
C THR D 332 -11.97 46.65 -20.44
N MET D 333 -12.60 45.51 -20.13
CA MET D 333 -13.78 44.98 -20.82
C MET D 333 -15.04 45.17 -19.98
N TYR D 334 -16.13 45.61 -20.64
CA TYR D 334 -17.44 45.78 -20.02
C TYR D 334 -18.52 45.04 -20.80
N TRP D 335 -19.33 44.23 -20.12
CA TRP D 335 -20.40 43.50 -20.80
C TRP D 335 -21.57 43.31 -19.84
N PRO D 336 -22.78 43.07 -20.36
CA PRO D 336 -23.95 42.89 -19.48
C PRO D 336 -23.87 41.66 -18.57
N ALA D 337 -24.03 41.89 -17.27
CA ALA D 337 -24.00 40.80 -16.31
C ALA D 337 -25.27 39.95 -16.36
N ARG D 338 -25.12 38.63 -16.20
CA ARG D 338 -26.26 37.73 -16.26
C ARG D 338 -27.00 37.56 -14.92
N ALA D 339 -26.26 37.33 -13.84
CA ALA D 339 -26.88 37.14 -12.53
C ALA D 339 -25.90 37.50 -11.43
N GLN D 340 -26.40 37.48 -10.19
CA GLN D 340 -25.58 37.79 -9.02
C GLN D 340 -24.63 36.67 -8.64
N SER D 341 -23.46 37.08 -8.12
CA SER D 341 -22.39 36.18 -7.66
C SER D 341 -21.92 35.22 -8.74
N MET D 342 -21.74 35.72 -9.96
CA MET D 342 -21.30 34.93 -11.10
C MET D 342 -19.80 35.03 -11.34
N THR D 343 -19.12 33.89 -11.40
CA THR D 343 -17.69 33.85 -11.70
C THR D 343 -17.57 33.72 -13.22
N TYR D 344 -16.83 34.64 -13.85
CA TYR D 344 -16.69 34.64 -15.31
C TYR D 344 -15.31 34.19 -15.78
N CYS D 345 -15.29 33.42 -16.86
CA CYS D 345 -14.08 32.97 -17.53
C CYS D 345 -14.11 33.52 -18.96
N ILE D 346 -13.13 34.34 -19.31
CA ILE D 346 -13.06 34.98 -20.63
C ILE D 346 -11.96 34.36 -21.49
N GLU D 347 -12.33 33.98 -22.72
CA GLU D 347 -11.41 33.41 -23.71
C GLU D 347 -11.42 34.25 -24.99
N TRP D 348 -10.23 34.58 -25.50
CA TRP D 348 -10.10 35.32 -26.76
C TRP D 348 -9.04 34.69 -27.65
N GLN D 349 -9.33 34.59 -28.96
CA GLN D 349 -8.44 34.02 -29.95
C GLN D 349 -8.19 34.95 -31.13
N PRO D 350 -6.94 35.21 -31.51
CA PRO D 350 -6.66 36.06 -32.67
C PRO D 350 -7.23 35.43 -33.94
N VAL D 351 -7.97 36.22 -34.71
CA VAL D 351 -8.55 35.74 -35.95
C VAL D 351 -7.48 35.47 -37.01
N GLY D 352 -7.62 34.34 -37.71
CA GLY D 352 -6.68 33.89 -38.71
C GLY D 352 -5.56 32.99 -38.21
N GLN D 353 -5.45 32.82 -36.90
CA GLN D 353 -4.44 31.96 -36.28
C GLN D 353 -4.99 30.55 -36.12
N ASP D 354 -4.80 29.73 -37.15
CA ASP D 354 -5.27 28.35 -37.15
C ASP D 354 -4.52 27.55 -36.09
N GLY D 355 -5.26 27.01 -35.12
CA GLY D 355 -4.72 26.23 -34.03
C GLY D 355 -4.16 27.02 -32.87
N GLY D 356 -4.39 28.33 -32.84
CA GLY D 356 -3.90 29.17 -31.75
C GLY D 356 -4.70 29.01 -30.49
N LEU D 357 -4.00 28.86 -29.36
CA LEU D 357 -4.64 28.67 -28.06
C LEU D 357 -5.28 29.96 -27.56
N ALA D 358 -6.51 29.84 -27.06
CA ALA D 358 -7.25 30.97 -26.50
C ALA D 358 -6.68 31.46 -25.18
N THR D 359 -6.43 32.76 -25.09
CA THR D 359 -5.96 33.35 -23.83
C THR D 359 -7.10 33.29 -22.83
N CYS D 360 -6.85 32.73 -21.64
CA CYS D 360 -7.87 32.55 -20.62
C CYS D 360 -7.71 33.53 -19.45
N SER D 361 -8.82 34.15 -19.05
CA SER D 361 -8.84 35.06 -17.91
C SER D 361 -10.01 34.73 -16.99
N LEU D 362 -9.74 34.45 -15.73
CA LEU D 362 -10.79 34.13 -14.75
C LEU D 362 -11.03 35.30 -13.80
N THR D 363 -12.29 35.68 -13.61
CA THR D 363 -12.66 36.76 -12.70
C THR D 363 -13.16 36.20 -11.37
N ALA D 364 -13.16 37.05 -10.34
CA ALA D 364 -13.79 36.71 -9.07
C ALA D 364 -15.31 36.72 -9.26
N PRO D 365 -16.09 36.17 -8.32
CA PRO D 365 -17.56 36.27 -8.44
C PRO D 365 -17.99 37.73 -8.51
N GLN D 366 -18.82 38.06 -9.51
CA GLN D 366 -19.28 39.43 -9.71
C GLN D 366 -20.79 39.57 -9.69
N ASP D 367 -21.29 40.77 -9.15
CA ASP D 367 -22.68 41.20 -9.15
C ASP D 367 -22.87 42.29 -10.20
N PRO D 368 -24.05 42.40 -10.82
CA PRO D 368 -24.29 43.47 -11.81
C PRO D 368 -24.03 44.86 -11.22
N ASP D 369 -23.22 45.65 -11.94
CA ASP D 369 -22.92 47.02 -11.49
C ASP D 369 -24.12 47.96 -11.63
N PRO D 370 -24.04 49.25 -11.25
CA PRO D 370 -25.21 50.14 -11.41
C PRO D 370 -25.75 50.23 -12.83
N ALA D 371 -24.92 49.97 -13.84
CA ALA D 371 -25.35 49.97 -15.23
C ALA D 371 -25.70 48.57 -15.72
N GLY D 372 -25.68 47.59 -14.82
CA GLY D 372 -25.97 46.20 -15.16
C GLY D 372 -24.87 45.51 -15.92
N MET D 373 -23.63 45.98 -15.79
CA MET D 373 -22.49 45.44 -16.50
C MET D 373 -21.51 44.72 -15.58
N ALA D 374 -20.78 43.77 -16.15
CA ALA D 374 -19.69 43.05 -15.52
C ALA D 374 -18.37 43.60 -16.08
N THR D 375 -17.28 43.51 -15.32
CA THR D 375 -16.03 44.08 -15.80
C THR D 375 -14.81 43.21 -15.51
N TYR D 376 -13.81 43.32 -16.41
CA TYR D 376 -12.51 42.67 -16.31
C TYR D 376 -11.42 43.58 -16.86
N SER D 377 -10.30 43.74 -16.13
CA SER D 377 -9.19 44.58 -16.55
C SER D 377 -7.87 43.84 -16.52
N TRP D 378 -6.99 44.12 -17.49
CA TRP D 378 -5.67 43.52 -17.55
C TRP D 378 -4.63 44.57 -17.94
N SER D 379 -3.39 44.34 -17.51
CA SER D 379 -2.27 45.25 -17.75
C SER D 379 -1.76 45.14 -19.19
N ARG D 380 -1.04 46.18 -19.60
CA ARG D 380 -0.44 46.24 -20.94
C ARG D 380 0.70 45.24 -21.09
N ALA D 384 -1.80 40.65 -22.97
CA ALA D 384 -2.79 41.65 -23.40
C ALA D 384 -3.13 41.48 -24.87
N MET D 385 -4.40 41.74 -25.20
CA MET D 385 -4.86 41.73 -26.58
C MET D 385 -4.04 42.67 -27.45
N GLY D 386 -3.33 42.11 -28.43
CA GLY D 386 -2.54 42.95 -29.32
C GLY D 386 -3.40 43.97 -30.04
N GLN D 387 -2.80 45.12 -30.33
CA GLN D 387 -3.51 46.21 -30.97
C GLN D 387 -3.61 46.04 -32.49
N GLU D 388 -4.71 46.57 -33.05
CA GLU D 388 -5.03 46.56 -34.48
C GLU D 388 -5.29 45.15 -35.02
N LYS D 389 -5.83 44.25 -34.20
CA LYS D 389 -6.12 42.88 -34.59
C LYS D 389 -7.54 42.50 -34.18
N CYS D 390 -8.14 41.56 -34.90
CA CYS D 390 -9.48 41.06 -34.60
C CYS D 390 -9.38 39.80 -33.74
N TYR D 391 -10.22 39.73 -32.71
CA TYR D 391 -10.26 38.59 -31.79
C TYR D 391 -11.66 38.00 -31.67
N TYR D 392 -11.75 36.66 -31.66
CA TYR D 392 -13.01 35.98 -31.38
C TYR D 392 -13.05 35.81 -29.86
N ILE D 393 -14.04 36.42 -29.21
CA ILE D 393 -14.17 36.40 -27.75
C ILE D 393 -15.39 35.61 -27.30
N THR D 394 -15.18 34.70 -26.35
CA THR D 394 -16.24 33.89 -25.74
C THR D 394 -16.12 34.02 -24.23
N ILE D 395 -17.23 34.28 -23.55
CA ILE D 395 -17.26 34.40 -22.08
C ILE D 395 -18.18 33.34 -21.49
N PHE D 396 -17.69 32.66 -20.46
CA PHE D 396 -18.43 31.65 -19.72
C PHE D 396 -18.63 32.12 -18.27
N ALA D 397 -19.69 31.63 -17.62
CA ALA D 397 -19.91 32.02 -16.23
C ALA D 397 -20.59 30.92 -15.44
N SER D 398 -20.32 30.91 -14.13
CA SER D 398 -20.96 29.97 -13.21
C SER D 398 -21.03 30.53 -11.80
N ALA D 399 -22.17 30.29 -11.15
CA ALA D 399 -22.38 30.67 -9.75
C ALA D 399 -21.71 29.66 -8.83
N HIS D 400 -21.42 28.47 -9.35
CA HIS D 400 -20.77 27.38 -8.63
C HIS D 400 -19.56 27.00 -9.47
N PRO D 401 -18.48 27.79 -9.39
CA PRO D 401 -17.30 27.53 -10.23
C PRO D 401 -16.65 26.18 -10.01
N GLU D 402 -16.86 25.54 -8.87
CA GLU D 402 -16.27 24.23 -8.61
C GLU D 402 -16.99 23.12 -9.38
N LYS D 403 -18.20 23.37 -9.84
CA LYS D 403 -18.99 22.40 -10.60
C LYS D 403 -18.91 22.72 -12.09
N LEU D 404 -18.13 21.91 -12.81
CA LEU D 404 -17.91 22.06 -14.25
C LEU D 404 -19.20 21.91 -15.06
N THR D 405 -20.15 21.12 -14.58
CA THR D 405 -21.43 20.89 -15.23
C THR D 405 -22.42 22.04 -15.07
N LEU D 406 -22.05 23.10 -14.34
CA LEU D 406 -22.91 24.26 -14.14
C LEU D 406 -22.40 25.53 -14.83
N TRP D 407 -21.35 25.43 -15.64
CA TRP D 407 -20.86 26.59 -16.39
C TRP D 407 -21.71 26.80 -17.64
N SER D 408 -21.99 28.08 -17.94
CA SER D 408 -22.79 28.47 -19.09
C SER D 408 -22.12 29.58 -19.87
N THR D 409 -22.37 29.59 -21.19
CA THR D 409 -21.85 30.63 -22.07
C THR D 409 -22.64 31.93 -21.97
N VAL D 410 -21.94 33.02 -21.70
CA VAL D 410 -22.54 34.35 -21.60
C VAL D 410 -22.66 35.03 -22.96
N LEU D 411 -21.57 35.10 -23.72
CA LEU D 411 -21.57 35.71 -25.04
C LEU D 411 -20.45 35.15 -25.89
N SER D 412 -20.64 35.24 -27.21
CA SER D 412 -19.64 34.84 -28.20
C SER D 412 -19.69 35.81 -29.37
N THR D 413 -18.61 36.57 -29.61
CA THR D 413 -18.59 37.56 -30.68
C THR D 413 -17.15 37.92 -31.02
N TYR D 414 -16.99 38.67 -32.12
CA TYR D 414 -15.71 39.20 -32.57
C TYR D 414 -15.52 40.66 -32.15
N HIS D 415 -14.29 41.01 -31.80
CA HIS D 415 -13.93 42.37 -31.40
C HIS D 415 -12.58 42.78 -31.98
N PHE D 416 -12.48 44.03 -32.43
CA PHE D 416 -11.23 44.59 -32.96
C PHE D 416 -10.46 45.33 -31.87
N GLY D 417 -9.26 44.81 -31.56
CA GLY D 417 -8.40 45.40 -30.55
C GLY D 417 -7.69 46.65 -31.02
N GLY D 418 -7.63 47.64 -30.14
CA GLY D 418 -6.96 48.90 -30.42
C GLY D 418 -7.85 50.01 -30.94
N ASN D 419 -7.22 50.94 -31.67
CA ASN D 419 -7.91 52.08 -32.26
C ASN D 419 -8.57 51.69 -33.59
N ALA D 420 -9.80 51.20 -33.48
CA ALA D 420 -10.60 50.78 -34.63
C ALA D 420 -10.89 51.94 -35.59
N SER D 421 -11.01 53.16 -35.06
CA SER D 421 -11.28 54.34 -35.87
C SER D 421 -10.12 54.70 -36.81
N ALA D 422 -8.89 54.63 -36.31
CA ALA D 422 -7.72 54.92 -37.12
C ALA D 422 -7.32 53.73 -38.00
N ALA D 423 -7.25 52.54 -37.43
CA ALA D 423 -6.86 51.35 -38.18
C ALA D 423 -7.91 50.93 -39.20
N GLY D 424 -9.16 51.36 -39.04
CA GLY D 424 -10.24 51.05 -39.96
C GLY D 424 -10.39 52.00 -41.13
N THR D 425 -9.48 52.98 -41.26
CA THR D 425 -9.52 53.93 -42.37
C THR D 425 -9.39 53.22 -43.72
N PRO D 426 -10.32 53.43 -44.64
CA PRO D 426 -10.24 52.78 -45.96
C PRO D 426 -8.94 53.13 -46.67
N HIS D 427 -8.30 52.11 -47.23
CA HIS D 427 -7.04 52.24 -47.94
C HIS D 427 -7.22 52.08 -49.46
N HIS D 428 -6.21 52.56 -50.19
CA HIS D 428 -6.15 52.49 -51.66
C HIS D 428 -7.37 53.09 -52.36
N VAL D 429 -7.89 54.20 -51.82
CA VAL D 429 -9.03 54.88 -52.41
C VAL D 429 -8.63 55.55 -53.73
N SER D 430 -9.37 55.26 -54.80
CA SER D 430 -9.10 55.81 -56.13
C SER D 430 -10.35 56.31 -56.81
N VAL D 431 -10.22 57.43 -57.53
CA VAL D 431 -11.31 58.04 -58.30
C VAL D 431 -10.94 58.08 -59.78
N LYS D 432 -11.77 57.47 -60.62
CA LYS D 432 -11.57 57.41 -62.06
C LYS D 432 -12.76 58.01 -62.81
N ASN D 433 -12.46 58.78 -63.86
CA ASN D 433 -13.51 59.37 -64.69
C ASN D 433 -14.30 58.30 -65.41
N HIS D 434 -15.62 58.29 -65.21
CA HIS D 434 -16.51 57.32 -65.84
C HIS D 434 -17.27 57.90 -67.02
N SER D 435 -17.79 59.12 -66.89
CA SER D 435 -18.50 59.80 -67.98
C SER D 435 -18.30 61.29 -67.81
N LEU D 436 -18.85 62.07 -68.75
CA LEU D 436 -18.79 63.52 -68.69
C LEU D 436 -19.50 64.09 -67.47
N ASP D 437 -20.20 63.25 -66.71
CA ASP D 437 -20.91 63.67 -65.51
C ASP D 437 -20.82 62.64 -64.39
N SER D 438 -19.90 61.67 -64.46
CA SER D 438 -19.80 60.66 -63.41
C SER D 438 -18.38 60.14 -63.25
N VAL D 439 -18.08 59.66 -62.03
CA VAL D 439 -16.79 59.08 -61.66
C VAL D 439 -16.98 57.80 -60.85
N SER D 440 -15.96 56.94 -60.90
CA SER D 440 -15.91 55.67 -60.16
C SER D 440 -14.97 55.79 -58.96
N VAL D 441 -15.49 55.51 -57.76
CA VAL D 441 -14.71 55.52 -56.51
C VAL D 441 -14.49 54.09 -56.01
N ASP D 442 -13.25 53.60 -56.11
CA ASP D 442 -12.88 52.24 -55.72
C ASP D 442 -11.89 52.24 -54.55
N TRP D 443 -12.07 51.33 -53.60
CA TRP D 443 -11.15 51.27 -52.46
C TRP D 443 -11.00 49.83 -51.98
N ALA D 444 -9.91 49.57 -51.19
CA ALA D 444 -9.65 48.27 -50.59
C ALA D 444 -10.44 48.08 -49.29
N PRO D 445 -10.97 46.88 -49.03
CA PRO D 445 -11.70 46.64 -47.78
C PRO D 445 -10.87 46.96 -46.54
N SER D 446 -11.46 47.73 -45.62
CA SER D 446 -10.80 48.10 -44.38
C SER D 446 -10.50 46.87 -43.52
N LEU D 447 -9.57 47.03 -42.57
CA LEU D 447 -9.25 45.95 -41.63
C LEU D 447 -10.47 45.49 -40.84
N LEU D 448 -11.42 46.39 -40.62
CA LEU D 448 -12.64 46.08 -39.86
C LEU D 448 -13.52 45.06 -40.57
N SER D 449 -13.41 44.96 -41.91
CA SER D 449 -14.18 43.98 -42.66
C SER D 449 -13.78 42.54 -42.32
N THR D 450 -12.58 42.34 -41.81
CA THR D 450 -12.08 41.03 -41.42
C THR D 450 -12.59 40.60 -40.04
N CYS D 451 -13.33 41.48 -39.36
CA CYS D 451 -13.91 41.24 -38.05
C CYS D 451 -15.43 41.23 -38.15
N PRO D 452 -16.06 40.04 -38.28
CA PRO D 452 -17.51 39.93 -38.45
C PRO D 452 -18.34 40.63 -37.39
N GLY D 453 -19.20 41.55 -37.83
CA GLY D 453 -20.07 42.32 -36.98
C GLY D 453 -19.51 43.63 -36.46
N VAL D 454 -18.25 43.93 -36.74
CA VAL D 454 -17.64 45.17 -36.26
C VAL D 454 -17.89 46.33 -37.23
N LEU D 455 -17.78 46.06 -38.54
CA LEU D 455 -18.01 47.08 -39.56
C LEU D 455 -19.50 47.26 -39.81
N LYS D 456 -20.04 48.40 -39.41
CA LYS D 456 -21.47 48.68 -39.61
C LYS D 456 -21.77 49.15 -41.02
N GLU D 457 -21.07 50.18 -41.49
CA GLU D 457 -21.31 50.73 -42.83
C GLU D 457 -20.20 51.70 -43.20
N TYR D 458 -20.07 51.95 -44.51
CA TYR D 458 -19.15 52.95 -45.04
C TYR D 458 -19.94 54.23 -45.33
N VAL D 459 -19.22 55.36 -45.37
CA VAL D 459 -19.79 56.65 -45.75
C VAL D 459 -18.86 57.34 -46.75
N VAL D 460 -19.42 57.82 -47.86
CA VAL D 460 -18.66 58.52 -48.91
C VAL D 460 -19.00 60.01 -48.89
N ARG D 461 -17.95 60.85 -48.86
CA ARG D 461 -18.07 62.30 -48.88
C ARG D 461 -17.54 62.88 -50.19
N CYS D 462 -18.35 63.69 -50.87
CA CYS D 462 -17.96 64.36 -52.11
C CYS D 462 -18.09 65.88 -51.94
N ARG D 463 -17.01 66.60 -52.24
CA ARG D 463 -16.95 68.06 -52.14
C ARG D 463 -16.63 68.71 -53.48
N ASP D 464 -17.49 69.64 -53.90
CA ASP D 464 -17.28 70.47 -55.09
C ASP D 464 -16.38 71.64 -54.68
N GLU D 465 -15.15 71.68 -55.20
CA GLU D 465 -14.19 72.73 -54.83
C GLU D 465 -14.58 74.13 -55.27
N ASP D 466 -15.32 74.27 -56.38
CA ASP D 466 -15.71 75.60 -56.84
C ASP D 466 -16.85 76.20 -56.03
N SER D 467 -17.88 75.41 -55.74
CA SER D 467 -19.04 75.85 -54.98
C SER D 467 -18.91 75.59 -53.47
N LYS D 468 -17.88 74.86 -53.04
CA LYS D 468 -17.64 74.45 -51.65
C LYS D 468 -18.76 73.60 -51.05
N GLN D 469 -19.69 73.10 -51.86
CA GLN D 469 -20.80 72.27 -51.41
C GLN D 469 -20.32 70.84 -51.09
N VAL D 470 -20.70 70.33 -49.92
CA VAL D 470 -20.35 68.97 -49.47
C VAL D 470 -21.59 68.09 -49.31
N SER D 471 -21.53 66.87 -49.88
CA SER D 471 -22.60 65.86 -49.78
C SER D 471 -22.04 64.54 -49.23
N GLU D 472 -22.78 63.91 -48.31
CA GLU D 472 -22.42 62.63 -47.70
C GLU D 472 -23.49 61.57 -47.93
N HIS D 473 -23.07 60.36 -48.35
CA HIS D 473 -23.98 59.24 -48.60
C HIS D 473 -23.50 57.94 -47.96
N PRO D 474 -24.35 57.23 -47.21
CA PRO D 474 -23.96 55.94 -46.62
C PRO D 474 -23.94 54.80 -47.63
N VAL D 475 -22.95 53.90 -47.47
CA VAL D 475 -22.76 52.73 -48.33
C VAL D 475 -22.66 51.46 -47.49
N GLN D 476 -23.20 50.37 -48.02
CA GLN D 476 -23.21 49.07 -47.35
C GLN D 476 -21.80 48.58 -47.02
N PRO D 477 -21.62 47.86 -45.90
CA PRO D 477 -20.29 47.41 -45.49
C PRO D 477 -19.62 46.42 -46.43
N THR D 478 -20.37 45.76 -47.31
CA THR D 478 -19.85 44.81 -48.28
C THR D 478 -19.44 45.44 -49.60
N GLU D 479 -19.76 46.71 -49.82
CA GLU D 479 -19.44 47.42 -51.05
C GLU D 479 -18.20 48.29 -50.91
N THR D 480 -17.26 48.13 -51.85
CA THR D 480 -16.02 48.89 -51.90
C THR D 480 -15.87 49.61 -53.24
N GLN D 481 -16.94 49.69 -54.03
CA GLN D 481 -17.01 50.36 -55.31
C GLN D 481 -18.37 51.02 -55.51
N VAL D 482 -18.35 52.29 -55.91
CA VAL D 482 -19.55 53.07 -56.20
C VAL D 482 -19.27 54.04 -57.34
N THR D 483 -20.31 54.29 -58.16
CA THR D 483 -20.25 55.26 -59.24
C THR D 483 -21.05 56.50 -58.85
N LEU D 484 -20.37 57.64 -58.75
CA LEU D 484 -20.97 58.94 -58.41
C LEU D 484 -21.34 59.69 -59.69
N SER D 485 -22.62 60.01 -59.87
CA SER D 485 -23.14 60.70 -61.04
C SER D 485 -23.67 62.09 -60.71
N GLY D 486 -23.96 62.86 -61.76
CA GLY D 486 -24.48 64.21 -61.65
C GLY D 486 -23.47 65.32 -61.46
N LEU D 487 -22.23 65.10 -61.88
CA LEU D 487 -21.12 66.04 -61.77
C LEU D 487 -20.98 66.92 -63.02
N ARG D 488 -20.32 68.07 -62.84
CA ARG D 488 -20.07 69.03 -63.91
C ARG D 488 -18.66 68.88 -64.47
N ALA D 489 -18.55 68.85 -65.80
CA ALA D 489 -17.27 68.75 -66.48
C ALA D 489 -16.42 70.01 -66.31
N GLY D 490 -15.13 69.83 -66.08
CA GLY D 490 -14.21 70.95 -65.91
C GLY D 490 -14.11 71.51 -64.52
N VAL D 491 -14.83 70.94 -63.56
CA VAL D 491 -14.86 71.36 -62.16
C VAL D 491 -13.99 70.43 -61.31
N ALA D 492 -13.27 71.00 -60.35
CA ALA D 492 -12.44 70.25 -59.41
C ALA D 492 -13.29 69.74 -58.25
N TYR D 493 -13.11 68.46 -57.90
CA TYR D 493 -13.84 67.82 -56.80
C TYR D 493 -12.87 67.10 -55.85
N THR D 494 -13.34 66.88 -54.62
CA THR D 494 -12.62 66.15 -53.58
C THR D 494 -13.52 65.06 -53.00
N VAL D 495 -12.98 63.83 -52.85
CA VAL D 495 -13.72 62.71 -52.28
C VAL D 495 -12.95 62.03 -51.14
N GLN D 496 -13.68 61.63 -50.09
CA GLN D 496 -13.18 60.91 -48.92
C GLN D 496 -14.13 59.79 -48.55
N VAL D 497 -13.61 58.71 -47.98
CA VAL D 497 -14.40 57.56 -47.53
C VAL D 497 -13.99 57.17 -46.11
N ARG D 498 -14.98 56.75 -45.30
CA ARG D 498 -14.74 56.30 -43.94
C ARG D 498 -15.52 55.03 -43.63
N ALA D 499 -15.07 54.30 -42.60
CA ALA D 499 -15.72 53.08 -42.14
C ALA D 499 -16.27 53.26 -40.72
N ASP D 500 -17.59 53.18 -40.57
CA ASP D 500 -18.24 53.35 -39.27
C ASP D 500 -18.52 52.03 -38.57
N THR D 501 -18.32 52.02 -37.24
CA THR D 501 -18.57 50.85 -36.41
C THR D 501 -19.93 51.00 -35.70
N ALA D 502 -20.31 49.95 -34.96
CA ALA D 502 -21.55 49.98 -34.20
C ALA D 502 -21.58 51.08 -33.14
N TRP D 503 -20.43 51.61 -32.74
CA TRP D 503 -20.38 52.64 -31.71
C TRP D 503 -19.61 53.89 -32.08
N LEU D 504 -18.67 53.83 -33.04
CA LEU D 504 -17.86 54.98 -33.41
C LEU D 504 -17.75 55.19 -34.92
N ARG D 505 -17.82 56.46 -35.32
CA ARG D 505 -17.64 56.87 -36.72
C ARG D 505 -16.16 56.80 -37.08
N GLY D 506 -15.84 56.23 -38.24
CA GLY D 506 -14.45 56.10 -38.65
C GLY D 506 -13.80 57.41 -39.08
N VAL D 507 -12.48 57.33 -39.28
CA VAL D 507 -11.68 58.46 -39.76
C VAL D 507 -11.73 58.49 -41.29
N TRP D 508 -11.91 59.69 -41.83
CA TRP D 508 -11.97 59.88 -43.28
C TRP D 508 -10.62 59.60 -43.96
N SER D 509 -10.68 58.90 -45.10
CA SER D 509 -9.49 58.63 -45.89
C SER D 509 -8.87 59.95 -46.39
N GLN D 510 -7.66 59.86 -46.93
CA GLN D 510 -7.02 61.06 -47.46
C GLN D 510 -7.85 61.66 -48.59
N PRO D 511 -8.01 62.99 -48.63
CA PRO D 511 -8.80 63.64 -49.67
C PRO D 511 -8.20 63.48 -51.06
N GLN D 512 -8.97 62.90 -51.99
CA GLN D 512 -8.53 62.71 -53.37
C GLN D 512 -9.14 63.78 -54.27
N ARG D 513 -8.29 64.62 -54.87
CA ARG D 513 -8.70 65.69 -55.76
C ARG D 513 -8.76 65.21 -57.21
N PHE D 514 -9.88 65.49 -57.90
CA PHE D 514 -10.04 65.08 -59.29
C PHE D 514 -10.94 66.03 -60.06
N SER D 515 -10.87 65.93 -61.38
CA SER D 515 -11.71 66.71 -62.30
C SER D 515 -12.04 65.85 -63.52
N ILE D 516 -13.24 66.04 -64.06
CA ILE D 516 -13.70 65.29 -65.24
C ILE D 516 -13.24 66.00 -66.50
N GLU D 517 -12.38 65.34 -67.27
CA GLU D 517 -11.86 65.87 -68.52
C GLU D 517 -12.78 65.61 -69.70
N GLY D 518 -13.41 64.44 -69.74
CA GLY D 518 -14.20 64.02 -70.89
C GLY D 518 -15.21 62.96 -70.56
C1 NAG E . -1.72 -24.80 31.44
C2 NAG E . -1.11 -24.78 32.85
C3 NAG E . 0.24 -25.50 32.87
C4 NAG E . 0.14 -26.88 32.28
C5 NAG E . -0.44 -26.78 30.88
C6 NAG E . -0.67 -28.13 30.24
C7 NAG E . -1.98 -22.77 33.95
C8 NAG E . -1.66 -21.36 34.39
N2 NAG E . -0.99 -23.42 33.34
O3 NAG E . 0.69 -25.57 34.23
O4 NAG E . 1.42 -27.48 32.18
O5 NAG E . -1.72 -26.13 30.93
O6 NAG E . -1.52 -28.93 31.06
O7 NAG E . -3.07 -23.27 34.13
C1 NAG E . 1.59 -28.52 33.16
C2 NAG E . 2.86 -29.28 32.80
C3 NAG E . 3.16 -30.33 33.86
C4 NAG E . 3.23 -29.68 35.23
C5 NAG E . 1.94 -28.93 35.50
C6 NAG E . 1.95 -28.16 36.81
C7 NAG E . 3.69 -29.80 30.56
C8 NAG E . 3.42 -30.49 29.26
N2 NAG E . 2.74 -29.89 31.49
O3 NAG E . 4.40 -30.95 33.56
O4 NAG E . 3.42 -30.70 36.22
O5 NAG E . 1.72 -27.96 34.46
O6 NAG E . 2.65 -26.93 36.65
O7 NAG E . 4.74 -29.18 30.75
C1 BMA E . 4.61 -30.46 37.00
C2 BMA E . 4.39 -31.12 38.36
C3 BMA E . 5.63 -31.00 39.23
C4 BMA E . 6.90 -31.40 38.46
C5 BMA E . 6.97 -30.68 37.11
C6 BMA E . 8.17 -31.09 36.28
O2 BMA E . 4.16 -32.51 38.20
O3 BMA E . 5.51 -31.80 40.40
O4 BMA E . 8.05 -31.08 39.24
O5 BMA E . 5.77 -30.97 36.37
O6 BMA E . 8.56 -32.39 36.67
C1 MAN E . 4.85 -31.07 41.45
C2 MAN E . 5.42 -31.57 42.79
C3 MAN E . 5.05 -33.04 42.98
C4 MAN E . 3.54 -33.25 42.81
C5 MAN E . 3.06 -32.67 41.48
C6 MAN E . 1.55 -32.70 41.33
O2 MAN E . 4.84 -30.89 43.89
O3 MAN E . 5.48 -33.54 44.23
O4 MAN E . 3.24 -34.64 42.83
O5 MAN E . 3.46 -31.29 41.40
O6 MAN E . 1.02 -31.53 41.95
C1 NAG F . 47.59 6.91 -10.74
C2 NAG F . 46.57 6.94 -9.59
C3 NAG F . 45.47 7.92 -9.95
C4 NAG F . 46.09 9.29 -10.21
C5 NAG F . 47.14 9.20 -11.32
C6 NAG F . 47.88 10.49 -11.54
C7 NAG F . 45.75 5.17 -8.11
C8 NAG F . 45.18 3.79 -8.03
N2 NAG F . 46.02 5.62 -9.34
O3 NAG F . 44.53 8.00 -8.88
O4 NAG F . 45.07 10.20 -10.61
O5 NAG F . 48.12 8.22 -10.94
O6 NAG F . 48.31 11.05 -10.31
O7 NAG F . 45.96 5.85 -7.11
C1 NAG F . 44.89 11.26 -9.63
C2 NAG F . 43.85 12.23 -10.17
C3 NAG F . 43.58 13.32 -9.14
C4 NAG F . 43.19 12.70 -7.79
C5 NAG F . 44.26 11.72 -7.33
C6 NAG F . 43.86 10.96 -6.08
C7 NAG F . 43.77 12.46 -12.61
C8 NAG F . 44.33 13.17 -13.81
N2 NAG F . 44.28 12.82 -11.42
O3 NAG F . 42.55 14.17 -9.60
O4 NAG F . 43.02 13.72 -6.82
O5 NAG F . 44.47 10.74 -8.36
O6 NAG F . 42.60 10.32 -6.23
O7 NAG F . 42.91 11.60 -12.71
C1 NAG G . 14.01 -33.15 9.95
C2 NAG G . 14.88 -34.39 10.22
C3 NAG G . 16.37 -34.07 10.10
C4 NAG G . 16.67 -33.39 8.77
C5 NAG G . 15.79 -32.16 8.62
C6 NAG G . 15.96 -31.48 7.29
C7 NAG G . 14.79 -34.42 12.69
C8 NAG G . 14.42 -35.24 13.89
N2 NAG G . 14.58 -35.00 11.51
O3 NAG G . 17.14 -35.26 10.21
O4 NAG G . 18.04 -32.99 8.71
O5 NAG G . 14.41 -32.54 8.71
O6 NAG G . 15.32 -32.20 6.25
O7 NAG G . 15.24 -33.28 12.81
C1 NAG H . 51.98 8.40 -9.33
C2 NAG H . 51.39 9.80 -9.26
C3 NAG H . 51.05 10.11 -7.82
C4 NAG H . 50.06 9.08 -7.30
C5 NAG H . 50.62 7.66 -7.47
C6 NAG H . 49.61 6.59 -7.15
C7 NAG H . 51.97 11.85 -10.49
C8 NAG H . 53.07 12.76 -10.94
N2 NAG H . 52.34 10.79 -9.77
O3 NAG H . 50.49 11.42 -7.72
O4 NAG H . 49.77 9.30 -5.93
O5 NAG H . 51.00 7.47 -8.85
O6 NAG H . 49.84 5.41 -7.91
O7 NAG H . 50.79 12.07 -10.76
#